data_6YUA
#
_entry.id   6YUA
#
_cell.length_a   89.333
_cell.length_b   89.333
_cell.length_c   527.130
_cell.angle_alpha   90.000
_cell.angle_beta   90.000
_cell.angle_gamma   90.000
#
_symmetry.space_group_name_H-M   'P 41 21 2'
#
loop_
_entity.id
_entity.type
_entity.pdbx_description
1 polymer 'CO dehydrogenase/acetyl-CoA synthase complex, beta subunit'
2 polymer 'Carbon-monoxide dehydrogenase (Acceptor),CO-dehydrogenase from Clostridium autoethanogenum DSM 10061'
3 non-polymer 'MAGNESIUM ION'
4 non-polymer 'IRON/SULFUR CLUSTER'
5 non-polymer 'FE(4)-NI(1)-S(4) CLUSTER'
6 non-polymer GLYCEROL
7 non-polymer 1,2-ETHANEDIOL
#
loop_
_entity_poly.entity_id
_entity_poly.type
_entity_poly.pdbx_seq_one_letter_code
_entity_poly.pdbx_strand_id
1 'polypeptide(L)'
;MNLFQTVFTGSKQALAAAEGIVKQAVDEKGRDYKVAFPDTAYSLPVIFAATGKKITNVGELEGALDIVRSLIVEEEMLDK
LLNSGLATAVAAEIIEAAKYVLSDAPYAEPCVGFISDPIIRSLGVPLVTGDIPGVAVILGECPDSETAAKIIKDYQSKGL
LTCLVGKVIDQAIEGKVKMGLDLRVIPLGYDVTSVIHVVTIAIRAALIFGGIKGGQLNDILKYTAERVPAFVNAFGPLSE
LVVSAGAGAIALGFPVLTDQVVPEVPTLLLTQKDYDKMVKTSLEARNIKIKITEIPIPVSFAAAFEGER
;
A,D
2 'polypeptide(L)'
;MEEKAKSIDQATLQLLDKAKQDGVETVWDRKADMKVQCGFGSAGVCCRNCSMGPCRVSPVPGKGVERGICGATADVIVSR
NFARMVAAGTAAHSDHGRSIALSLYHTSKDGDIKVKDENKLKEVAKSFNVETEGRDIYDIAHDVAKEGLSNYGKQLGEVT
LPPSLPEKRKELWRKLGVYPRAVDREIAAVMHSTHIGCNADAEAMIKMSMRCSLTDGWMGSFMGTEFSDIMFGTPHSIDT
EANLGVLEKNSVNVVLHGHEPLLSEMVVEAASDPELVELAKSVGADGINLCGMCCTGNEVSMRHGIKIAGNFMQQELAVV
TGAVDGLIVDVQCIMPALAKLSKSYHTKFITTSPKAHITDSIYMEFDEENPLDSAKKILKEAILNFKNRDQSKVMIPELK
CKAILGYSVEEIINKLDKVVNTQIGPMQTVKPLADVLVSGVLRGAAAVVGCNNPKVVQDSAHIETIKGLIKNDVIVVVTG
CAAQAAAKYGLLQKEAAEKYAGPGLATVCKLVDIPPVLHMGSCVDISRILDLVGRVANLLGVDMSDLPVAGVAPEWMSEK
AVAIGTYVVTSGIDTWLGVAPPVTGGPEVVDILTNKMEDWVGAKFFIETDPHKAVEQIVNRMNEKRKKLGI
;
B,C
#
# COMPACT_ATOMS: atom_id res chain seq x y z
N MET A 1 14.50 36.36 31.21
CA MET A 1 15.26 37.44 30.59
C MET A 1 14.75 37.74 29.19
N ASN A 2 13.43 37.68 29.02
CA ASN A 2 12.81 38.02 27.74
C ASN A 2 13.11 39.47 27.39
N LEU A 3 13.45 39.70 26.12
CA LEU A 3 13.87 41.04 25.69
C LEU A 3 12.78 42.08 25.95
N PHE A 4 11.54 41.75 25.60
CA PHE A 4 10.44 42.68 25.86
C PHE A 4 10.27 42.90 27.36
N GLN A 5 10.37 41.83 28.15
CA GLN A 5 10.27 41.97 29.60
C GLN A 5 11.46 42.74 30.16
N THR A 6 12.65 42.56 29.57
CA THR A 6 13.82 43.29 30.04
C THR A 6 13.68 44.78 29.80
N VAL A 7 13.11 45.17 28.65
CA VAL A 7 12.87 46.58 28.39
C VAL A 7 11.78 47.13 29.30
N PHE A 8 10.69 46.36 29.48
CA PHE A 8 9.62 46.81 30.37
C PHE A 8 10.11 46.96 31.81
N THR A 9 11.05 46.11 32.23
CA THR A 9 11.59 46.22 33.58
C THR A 9 12.40 47.49 33.75
N GLY A 10 13.36 47.72 32.86
CA GLY A 10 14.16 48.93 32.93
C GLY A 10 13.35 50.19 32.70
N SER A 11 12.27 50.08 31.92
CA SER A 11 11.37 51.22 31.75
C SER A 11 10.65 51.55 33.06
N LYS A 12 10.17 50.52 33.76
CA LYS A 12 9.57 50.73 35.07
C LYS A 12 10.62 51.21 36.08
N GLN A 13 11.86 50.76 35.94
CA GLN A 13 12.94 51.26 36.78
C GLN A 13 13.22 52.74 36.50
N ALA A 14 13.16 53.14 35.22
CA ALA A 14 13.39 54.53 34.88
C ALA A 14 12.30 55.44 35.44
N LEU A 15 11.06 54.96 35.41
CA LEU A 15 9.96 55.72 36.02
C LEU A 15 10.16 55.86 37.52
N ALA A 16 10.52 54.75 38.19
CA ALA A 16 10.71 54.78 39.64
C ALA A 16 11.81 55.76 40.05
N ALA A 17 12.86 55.87 39.23
CA ALA A 17 13.91 56.84 39.52
C ALA A 17 13.45 58.27 39.26
N ALA A 18 12.57 58.45 38.27
CA ALA A 18 12.03 59.79 38.01
C ALA A 18 11.07 60.21 39.11
N GLU A 19 10.24 59.29 39.60
CA GLU A 19 9.38 59.59 40.74
C GLU A 19 10.18 59.94 41.98
N GLY A 20 11.37 59.34 42.12
CA GLY A 20 12.18 59.58 43.31
C GLY A 20 12.84 60.96 43.29
N ILE A 21 13.34 61.38 42.13
CA ILE A 21 14.05 62.65 42.08
C ILE A 21 13.07 63.82 41.92
N VAL A 22 11.89 63.57 41.35
CA VAL A 22 10.88 64.63 41.30
C VAL A 22 10.23 64.84 42.66
N LYS A 23 10.21 63.81 43.53
CA LYS A 23 9.76 64.03 44.89
C LYS A 23 10.74 64.89 45.67
N GLN A 24 12.03 64.76 45.38
CA GLN A 24 13.00 65.68 45.96
C GLN A 24 12.77 67.10 45.49
N ALA A 25 12.26 67.27 44.27
CA ALA A 25 12.04 68.61 43.73
C ALA A 25 10.90 69.32 44.44
N VAL A 26 9.80 68.61 44.72
CA VAL A 26 8.66 69.24 45.36
C VAL A 26 8.92 69.50 46.85
N ASP A 27 9.84 68.77 47.47
CA ASP A 27 10.11 68.95 48.88
C ASP A 27 11.11 70.06 49.17
N GLU A 28 12.17 70.19 48.35
CA GLU A 28 13.18 71.21 48.59
C GLU A 28 12.86 72.54 47.93
N LYS A 29 12.00 72.55 46.90
CA LYS A 29 11.76 73.76 46.12
C LYS A 29 10.28 74.07 45.88
N GLY A 30 9.37 73.18 46.26
CA GLY A 30 7.95 73.41 46.05
C GLY A 30 7.52 73.18 44.61
N ARG A 31 6.19 73.10 44.44
CA ARG A 31 5.58 72.79 43.15
C ARG A 31 5.66 73.94 42.16
N ASP A 32 6.14 75.11 42.55
CA ASP A 32 6.16 76.27 41.66
C ASP A 32 7.56 76.78 41.36
N TYR A 33 8.56 75.91 41.42
CA TYR A 33 9.93 76.32 41.12
C TYR A 33 10.22 76.15 39.63
N LYS A 34 10.95 77.11 39.07
CA LYS A 34 11.21 77.13 37.63
C LYS A 34 12.00 75.90 37.20
N VAL A 35 11.52 75.24 36.15
CA VAL A 35 12.18 74.08 35.56
C VAL A 35 12.48 74.40 34.11
N ALA A 36 13.76 74.43 33.76
CA ALA A 36 14.19 74.75 32.40
C ALA A 36 15.65 74.34 32.24
N PHE A 37 16.06 74.20 30.98
CA PHE A 37 17.43 73.91 30.60
C PHE A 37 18.12 75.15 30.06
N PRO A 38 19.44 75.27 30.27
CA PRO A 38 20.15 76.50 29.88
C PRO A 38 20.15 76.71 28.38
N ASP A 39 19.75 77.92 27.96
CA ASP A 39 19.82 78.37 26.57
C ASP A 39 19.09 77.43 25.63
N THR A 40 17.84 77.13 25.97
CA THR A 40 16.97 76.32 25.12
C THR A 40 15.64 77.05 24.92
N ALA A 41 15.20 77.11 23.67
CA ALA A 41 13.93 77.75 23.31
C ALA A 41 12.80 76.74 23.20
N TYR A 42 13.04 75.48 23.57
CA TYR A 42 12.04 74.41 23.45
C TYR A 42 11.73 73.76 24.78
N SER A 43 12.12 74.38 25.90
CA SER A 43 11.88 73.86 27.25
C SER A 43 12.50 72.47 27.38
N LEU A 44 11.66 71.44 27.54
CA LEU A 44 12.12 70.06 27.55
C LEU A 44 11.91 69.47 26.17
N PRO A 45 12.96 69.32 25.36
CA PRO A 45 12.76 68.99 23.93
C PRO A 45 12.06 67.67 23.67
N VAL A 46 12.34 66.65 24.48
CA VAL A 46 11.71 65.34 24.26
C VAL A 46 10.22 65.42 24.57
N ILE A 47 9.88 65.98 25.73
CA ILE A 47 8.47 66.13 26.09
C ILE A 47 7.78 67.11 25.15
N PHE A 48 8.49 68.13 24.69
CA PHE A 48 7.93 69.06 23.71
C PHE A 48 7.64 68.37 22.40
N ALA A 49 8.59 67.57 21.89
CA ALA A 49 8.41 66.89 20.62
C ALA A 49 7.26 65.89 20.67
N ALA A 50 6.95 65.37 21.86
CA ALA A 50 5.90 64.37 21.99
C ALA A 50 4.52 64.98 22.21
N THR A 51 4.43 66.04 23.00
CA THR A 51 3.14 66.62 23.36
C THR A 51 2.94 68.05 22.87
N GLY A 52 3.99 68.71 22.40
CA GLY A 52 3.85 70.10 21.97
C GLY A 52 3.60 71.09 23.09
N LYS A 53 3.79 70.68 24.34
CA LYS A 53 3.59 71.54 25.50
C LYS A 53 4.92 71.73 26.22
N LYS A 54 5.15 72.95 26.71
CA LYS A 54 6.36 73.27 27.44
C LYS A 54 6.15 73.09 28.93
N ILE A 55 7.22 72.76 29.64
CA ILE A 55 7.18 72.52 31.08
C ILE A 55 7.97 73.63 31.75
N THR A 56 7.31 74.37 32.65
CA THR A 56 7.90 75.54 33.30
C THR A 56 8.18 75.32 34.78
N ASN A 57 7.20 74.84 35.53
CA ASN A 57 7.32 74.69 36.98
C ASN A 57 7.43 73.22 37.36
N VAL A 58 7.74 72.98 38.63
CA VAL A 58 7.92 71.63 39.13
C VAL A 58 6.60 70.85 39.08
N GLY A 59 5.49 71.55 39.34
CA GLY A 59 4.20 70.88 39.29
C GLY A 59 3.87 70.30 37.93
N GLU A 60 4.34 70.94 36.86
CA GLU A 60 4.18 70.39 35.53
C GLU A 60 5.15 69.25 35.28
N LEU A 61 6.38 69.38 35.80
CA LEU A 61 7.34 68.28 35.71
C LEU A 61 6.82 67.04 36.42
N GLU A 62 6.21 67.23 37.60
CA GLU A 62 5.58 66.11 38.30
C GLU A 62 4.41 65.55 37.48
N GLY A 63 3.64 66.42 36.85
CA GLY A 63 2.55 65.99 36.00
C GLY A 63 2.99 65.39 34.68
N ALA A 64 4.28 65.50 34.35
CA ALA A 64 4.81 64.88 33.15
C ALA A 64 5.24 63.44 33.36
N LEU A 65 5.21 62.95 34.60
CA LEU A 65 5.41 61.53 34.84
C LEU A 65 4.29 60.72 34.21
N ASP A 66 3.10 61.30 34.10
CA ASP A 66 1.98 60.64 33.45
C ASP A 66 2.28 60.30 31.99
N ILE A 67 3.18 61.05 31.36
CA ILE A 67 3.59 60.74 29.99
C ILE A 67 4.40 59.45 29.95
N VAL A 68 5.27 59.24 30.94
CA VAL A 68 6.09 58.03 30.98
C VAL A 68 5.21 56.80 31.18
N ARG A 69 4.29 56.86 32.13
CA ARG A 69 3.46 55.70 32.46
C ARG A 69 2.57 55.29 31.29
N SER A 70 2.14 56.25 30.46
CA SER A 70 1.25 55.92 29.37
C SER A 70 1.95 55.13 28.26
N LEU A 71 3.27 55.24 28.17
CA LEU A 71 4.03 54.58 27.12
C LEU A 71 4.56 53.21 27.54
N ILE A 72 4.14 52.71 28.71
CA ILE A 72 4.71 51.48 29.25
C ILE A 72 3.63 50.41 29.19
N VAL A 73 2.98 50.29 28.03
CA VAL A 73 2.04 49.20 27.80
C VAL A 73 2.82 47.88 27.79
N GLU A 74 2.46 46.99 28.70
CA GLU A 74 3.23 45.75 28.89
C GLU A 74 2.58 44.60 28.15
N GLU A 75 2.60 44.70 26.83
CA GLU A 75 2.22 43.62 25.93
C GLU A 75 3.38 43.33 24.99
N GLU A 76 3.66 42.04 24.77
CA GLU A 76 4.80 41.65 23.95
C GLU A 76 4.46 41.85 22.47
N MET A 77 4.39 43.12 22.08
CA MET A 77 4.23 43.53 20.70
C MET A 77 5.22 44.65 20.44
N LEU A 78 5.68 44.74 19.19
CA LEU A 78 6.79 45.65 18.90
C LEU A 78 6.41 47.09 19.24
N ASP A 79 5.23 47.54 18.78
CA ASP A 79 4.82 48.92 19.00
C ASP A 79 4.74 49.25 20.48
N LYS A 80 4.51 48.25 21.32
CA LYS A 80 4.55 48.46 22.76
C LYS A 80 5.99 48.62 23.27
N LEU A 81 6.95 47.97 22.62
CA LEU A 81 8.34 48.06 23.05
C LEU A 81 8.97 49.39 22.67
N LEU A 82 8.72 49.88 21.45
CA LEU A 82 9.22 51.21 21.07
C LEU A 82 8.58 52.31 21.92
N ASN A 83 7.29 52.17 22.26
CA ASN A 83 6.69 53.13 23.17
C ASN A 83 7.32 53.06 24.55
N SER A 84 7.62 51.84 25.00
CA SER A 84 8.28 51.67 26.30
C SER A 84 9.69 52.24 26.28
N GLY A 85 10.39 52.12 25.15
CA GLY A 85 11.70 52.74 25.03
C GLY A 85 11.64 54.25 25.02
N LEU A 86 10.59 54.82 24.42
CA LEU A 86 10.39 56.26 24.48
C LEU A 86 10.08 56.72 25.91
N ALA A 87 9.32 55.92 26.65
CA ALA A 87 9.02 56.24 28.05
C ALA A 87 10.30 56.41 28.86
N THR A 88 11.28 55.54 28.64
CA THR A 88 12.55 55.67 29.34
C THR A 88 13.25 56.98 28.97
N ALA A 89 13.17 57.37 27.69
CA ALA A 89 13.79 58.62 27.27
C ALA A 89 13.10 59.83 27.89
N VAL A 90 11.77 59.80 27.98
CA VAL A 90 11.04 60.89 28.64
C VAL A 90 11.41 60.93 30.12
N ALA A 91 11.49 59.77 30.77
CA ALA A 91 11.85 59.72 32.18
C ALA A 91 13.28 60.17 32.40
N ALA A 92 14.17 59.93 31.43
CA ALA A 92 15.55 60.42 31.56
C ALA A 92 15.61 61.93 31.51
N GLU A 93 14.71 62.56 30.74
CA GLU A 93 14.64 64.01 30.73
C GLU A 93 14.07 64.56 32.02
N ILE A 94 13.10 63.85 32.60
CA ILE A 94 12.56 64.25 33.91
C ILE A 94 13.65 64.20 34.96
N ILE A 95 14.40 63.10 35.01
CA ILE A 95 15.51 62.98 35.96
C ILE A 95 16.56 64.05 35.70
N GLU A 96 16.84 64.32 34.43
CA GLU A 96 17.89 65.28 34.09
C GLU A 96 17.44 66.71 34.30
N ALA A 97 16.16 67.00 34.09
CA ALA A 97 15.65 68.33 34.42
C ALA A 97 15.67 68.57 35.93
N ALA A 98 15.30 67.56 36.71
CA ALA A 98 15.36 67.67 38.17
C ALA A 98 16.78 67.92 38.64
N LYS A 99 17.77 67.37 37.94
CA LYS A 99 19.16 67.67 38.26
C LYS A 99 19.45 69.15 38.14
N TYR A 100 18.86 69.81 37.14
CA TYR A 100 19.10 71.23 36.91
C TYR A 100 18.28 72.14 37.83
N VAL A 101 17.26 71.61 38.49
CA VAL A 101 16.50 72.41 39.45
C VAL A 101 17.05 72.25 40.86
N LEU A 102 17.57 71.06 41.20
CA LEU A 102 18.14 70.85 42.52
C LEU A 102 19.49 71.56 42.66
N SER A 103 20.21 71.75 41.55
CA SER A 103 21.50 72.41 41.55
C SER A 103 21.53 73.45 40.44
N ASP A 104 22.09 74.62 40.75
CA ASP A 104 22.21 75.67 39.74
C ASP A 104 23.19 75.27 38.64
N ALA A 105 24.24 74.53 39.00
CA ALA A 105 25.22 74.00 38.06
C ALA A 105 25.43 72.53 38.38
N PRO A 106 24.52 71.65 37.96
CA PRO A 106 24.63 70.24 38.36
C PRO A 106 25.74 69.50 37.65
N TYR A 107 26.13 69.94 36.45
CA TYR A 107 27.18 69.29 35.68
C TYR A 107 28.40 70.20 35.64
N ALA A 108 29.53 69.68 36.15
CA ALA A 108 30.81 70.36 36.07
C ALA A 108 31.75 69.56 35.18
N GLU A 109 32.62 70.28 34.47
CA GLU A 109 33.63 69.69 33.60
C GLU A 109 34.44 68.65 34.35
N PRO A 110 34.96 67.61 33.68
CA PRO A 110 34.94 67.35 32.23
C PRO A 110 33.56 67.05 31.65
N CYS A 111 32.59 66.78 32.52
CA CYS A 111 31.23 66.51 32.05
C CYS A 111 30.61 67.78 31.49
N VAL A 112 30.14 67.73 30.24
CA VAL A 112 29.53 68.90 29.64
C VAL A 112 28.09 69.04 30.11
N GLY A 113 27.37 67.94 30.25
CA GLY A 113 25.98 67.99 30.65
C GLY A 113 25.06 68.32 29.50
N PHE A 114 24.13 69.23 29.72
CA PHE A 114 23.17 69.59 28.68
C PHE A 114 23.86 70.39 27.58
N ILE A 115 23.33 70.27 26.36
CA ILE A 115 23.87 70.92 25.19
C ILE A 115 22.95 72.08 24.82
N SER A 116 23.52 73.28 24.70
CA SER A 116 22.73 74.48 24.45
C SER A 116 22.25 74.52 23.01
N ASP A 117 21.21 75.32 22.79
CA ASP A 117 20.66 75.49 21.44
C ASP A 117 21.66 76.07 20.44
N PRO A 118 22.47 77.08 20.77
CA PRO A 118 23.44 77.57 19.77
C PRO A 118 24.43 76.51 19.30
N ILE A 119 24.76 75.53 20.14
CA ILE A 119 25.63 74.45 19.71
C ILE A 119 24.92 73.58 18.68
N ILE A 120 23.60 73.43 18.80
CA ILE A 120 22.84 72.65 17.83
C ILE A 120 22.96 73.27 16.44
N ARG A 121 22.80 74.59 16.36
CA ARG A 121 22.88 75.27 15.08
C ARG A 121 24.27 75.17 14.48
N SER A 122 25.30 75.40 15.30
CA SER A 122 26.68 75.27 14.84
C SER A 122 26.98 73.85 14.36
N LEU A 123 26.66 72.85 15.18
CA LEU A 123 26.92 71.46 14.83
C LEU A 123 25.93 70.91 13.81
N GLY A 124 24.85 71.63 13.53
CA GLY A 124 23.82 71.11 12.65
C GLY A 124 24.09 71.25 11.17
N VAL A 125 24.69 72.37 10.77
CA VAL A 125 24.96 72.63 9.36
C VAL A 125 25.98 71.66 8.76
N PRO A 126 27.03 71.22 9.47
CA PRO A 126 27.91 70.20 8.86
C PRO A 126 27.25 68.84 8.76
N LEU A 127 26.28 68.54 9.62
CA LEU A 127 25.58 67.26 9.53
C LEU A 127 24.75 67.18 8.26
N VAL A 128 24.17 68.31 7.84
CA VAL A 128 23.38 68.32 6.61
C VAL A 128 24.29 68.17 5.39
N THR A 129 25.39 68.92 5.36
CA THR A 129 26.37 68.79 4.29
C THR A 129 27.15 67.49 4.36
N GLY A 130 27.04 66.75 5.46
CA GLY A 130 27.82 65.53 5.61
C GLY A 130 29.27 65.73 5.96
N ASP A 131 29.65 66.91 6.46
CA ASP A 131 31.03 67.11 6.88
C ASP A 131 31.36 66.20 8.06
N ILE A 132 30.43 66.06 9.00
CA ILE A 132 30.53 65.04 10.05
C ILE A 132 29.60 63.90 9.63
N PRO A 133 30.14 62.73 9.25
CA PRO A 133 29.29 61.69 8.65
C PRO A 133 28.23 61.15 9.58
N GLY A 134 28.43 61.24 10.89
CA GLY A 134 27.43 60.76 11.83
C GLY A 134 27.79 61.19 13.24
N VAL A 135 27.00 60.70 14.19
CA VAL A 135 27.31 60.87 15.60
C VAL A 135 27.34 59.48 16.25
N ALA A 136 28.25 59.31 17.20
CA ALA A 136 28.48 58.04 17.86
C ALA A 136 28.25 58.21 19.36
N VAL A 137 27.14 57.67 19.85
CA VAL A 137 26.80 57.77 21.28
C VAL A 137 27.37 56.51 21.93
N ILE A 138 28.65 56.54 22.22
CA ILE A 138 29.33 55.42 22.85
C ILE A 138 29.21 55.58 24.37
N LEU A 139 28.62 54.58 25.02
CA LEU A 139 28.38 54.62 26.46
C LEU A 139 28.77 53.29 27.09
N GLY A 140 28.94 53.32 28.41
CA GLY A 140 29.23 52.12 29.16
C GLY A 140 30.64 52.06 29.71
N GLU A 141 31.25 50.88 29.64
CA GLU A 141 32.59 50.64 30.15
C GLU A 141 33.30 49.66 29.24
N CYS A 142 34.49 50.03 28.77
CA CYS A 142 35.28 49.11 27.97
C CYS A 142 36.12 48.20 28.87
N PRO A 143 36.43 46.99 28.41
CA PRO A 143 37.26 46.09 29.23
C PRO A 143 38.68 46.58 29.41
N ASP A 144 39.13 47.53 28.58
CA ASP A 144 40.48 48.06 28.68
C ASP A 144 40.46 49.52 28.28
N SER A 145 41.24 50.34 29.00
CA SER A 145 41.32 51.76 28.66
C SER A 145 41.90 51.98 27.28
N GLU A 146 42.76 51.08 26.81
CA GLU A 146 43.37 51.24 25.49
C GLU A 146 42.35 51.03 24.37
N THR A 147 41.47 50.04 24.52
CA THR A 147 40.46 49.80 23.49
C THR A 147 39.41 50.90 23.45
N ALA A 148 39.21 51.65 24.54
CA ALA A 148 38.30 52.77 24.51
C ALA A 148 38.87 53.91 23.67
N ALA A 149 40.12 54.32 23.96
CA ALA A 149 40.75 55.38 23.20
C ALA A 149 40.97 54.97 21.75
N LYS A 150 41.34 53.69 21.52
CA LYS A 150 41.52 53.20 20.16
C LYS A 150 40.27 53.40 19.31
N ILE A 151 39.10 53.18 19.91
CA ILE A 151 37.85 53.31 19.17
C ILE A 151 37.46 54.78 19.02
N ILE A 152 37.57 55.55 20.11
CA ILE A 152 37.15 56.95 20.06
C ILE A 152 38.06 57.75 19.13
N LYS A 153 39.36 57.48 19.15
CA LYS A 153 40.27 58.14 18.22
C LYS A 153 40.06 57.67 16.79
N ASP A 154 39.51 56.45 16.60
CA ASP A 154 39.14 56.02 15.26
C ASP A 154 37.93 56.80 14.76
N TYR A 155 36.90 56.92 15.62
CA TYR A 155 35.74 57.73 15.27
C TYR A 155 36.13 59.18 15.05
N GLN A 156 37.01 59.71 15.90
CA GLN A 156 37.48 61.08 15.74
C GLN A 156 38.20 61.27 14.42
N SER A 157 39.04 60.30 14.02
CA SER A 157 39.78 60.41 12.77
C SER A 157 38.85 60.35 11.56
N LYS A 158 37.72 59.65 11.68
CA LYS A 158 36.75 59.62 10.58
C LYS A 158 36.05 60.95 10.37
N GLY A 159 36.24 61.91 11.26
CA GLY A 159 35.64 63.22 11.12
C GLY A 159 34.28 63.39 11.77
N LEU A 160 33.69 62.31 12.26
CA LEU A 160 32.35 62.37 12.84
C LEU A 160 32.42 62.69 14.33
N LEU A 161 31.29 63.09 14.87
CA LEU A 161 31.18 63.45 16.28
C LEU A 161 30.94 62.19 17.12
N THR A 162 31.62 62.11 18.26
CA THR A 162 31.42 61.03 19.21
C THR A 162 31.04 61.62 20.56
N CYS A 163 30.16 60.92 21.28
CA CYS A 163 29.60 61.41 22.53
C CYS A 163 29.79 60.34 23.61
N LEU A 164 30.58 60.67 24.62
CA LEU A 164 30.87 59.74 25.71
C LEU A 164 29.91 59.98 26.87
N VAL A 165 29.47 58.89 27.49
CA VAL A 165 28.63 58.96 28.67
C VAL A 165 28.76 57.66 29.48
N GLY A 166 29.16 57.80 30.75
CA GLY A 166 29.40 56.67 31.62
C GLY A 166 30.85 56.59 32.04
N LYS A 167 31.30 55.37 32.35
CA LYS A 167 32.68 55.17 32.78
C LYS A 167 33.67 55.40 31.65
N VAL A 168 33.23 55.27 30.39
CA VAL A 168 34.13 55.46 29.26
C VAL A 168 34.74 56.85 29.23
N ILE A 169 34.11 57.82 29.89
CA ILE A 169 34.71 59.15 30.02
C ILE A 169 36.04 59.05 30.78
N ASP A 170 36.05 58.31 31.89
CA ASP A 170 37.28 58.10 32.64
C ASP A 170 38.29 57.31 31.82
N GLN A 171 37.82 56.32 31.05
CA GLN A 171 38.70 55.53 30.21
C GLN A 171 39.27 56.33 29.05
N ALA A 172 38.57 57.39 28.63
CA ALA A 172 39.05 58.19 27.50
C ALA A 172 40.16 59.14 27.92
N ILE A 173 39.99 59.83 29.06
CA ILE A 173 41.04 60.72 29.53
C ILE A 173 42.28 59.93 29.93
N GLU A 174 42.09 58.69 30.39
CA GLU A 174 43.23 57.80 30.61
C GLU A 174 43.91 57.46 29.29
N GLY A 175 43.13 57.34 28.21
CA GLY A 175 43.61 57.03 26.89
C GLY A 175 44.24 58.18 26.13
N LYS A 176 44.42 59.33 26.79
CA LYS A 176 45.14 60.48 26.21
C LYS A 176 44.41 61.06 25.01
N VAL A 177 43.08 60.94 24.98
CA VAL A 177 42.27 61.63 23.99
C VAL A 177 41.87 62.99 24.55
N LYS A 178 41.65 63.94 23.67
CA LYS A 178 41.32 65.31 24.05
C LYS A 178 39.87 65.59 23.68
N MET A 179 39.12 66.16 24.61
CA MET A 179 37.70 66.43 24.41
C MET A 179 37.50 67.88 23.97
N GLY A 180 36.24 68.23 23.75
CA GLY A 180 35.90 69.57 23.30
C GLY A 180 34.96 69.54 22.11
N LEU A 181 34.21 70.62 21.90
CA LEU A 181 33.33 70.69 20.74
C LEU A 181 34.12 70.71 19.44
N ASP A 182 35.20 71.50 19.41
CA ASP A 182 36.07 71.50 18.23
C ASP A 182 36.78 70.17 18.06
N LEU A 183 37.04 69.45 19.14
CA LEU A 183 37.64 68.12 19.06
C LEU A 183 36.64 67.05 18.65
N ARG A 184 35.35 67.40 18.56
CA ARG A 184 34.30 66.47 18.15
C ARG A 184 34.22 65.26 19.08
N VAL A 185 34.45 65.49 20.37
CA VAL A 185 34.31 64.50 21.42
C VAL A 185 33.65 65.19 22.61
N ILE A 186 32.41 64.82 22.90
CA ILE A 186 31.65 65.50 23.95
C ILE A 186 31.26 64.50 25.03
N PRO A 187 31.77 64.65 26.25
CA PRO A 187 31.26 63.84 27.36
C PRO A 187 30.07 64.50 28.05
N LEU A 188 28.97 63.77 28.18
CA LEU A 188 27.72 64.34 28.69
C LEU A 188 27.67 64.21 30.21
N GLY A 189 27.57 62.99 30.70
CA GLY A 189 27.47 62.76 32.13
C GLY A 189 27.91 61.35 32.47
N TYR A 190 28.16 61.13 33.76
CA TYR A 190 28.52 59.80 34.23
C TYR A 190 27.29 58.93 34.45
N ASP A 191 26.15 59.54 34.78
CA ASP A 191 24.91 58.78 34.93
C ASP A 191 24.38 58.35 33.57
N VAL A 192 23.68 57.22 33.56
CA VAL A 192 23.09 56.70 32.33
C VAL A 192 22.06 57.68 31.78
N THR A 193 21.34 58.38 32.65
CA THR A 193 20.26 59.27 32.24
C THR A 193 20.75 60.43 31.40
N SER A 194 22.05 60.71 31.37
CA SER A 194 22.60 61.82 30.60
C SER A 194 22.66 61.53 29.11
N VAL A 195 22.25 60.35 28.66
CA VAL A 195 22.20 60.08 27.23
C VAL A 195 21.13 60.91 26.55
N ILE A 196 20.15 61.42 27.32
CA ILE A 196 19.09 62.22 26.73
C ILE A 196 19.64 63.49 26.09
N HIS A 197 20.82 63.94 26.51
CA HIS A 197 21.41 65.16 25.97
C HIS A 197 21.94 65.00 24.57
N VAL A 198 22.09 63.77 24.07
CA VAL A 198 22.41 63.57 22.66
C VAL A 198 21.12 63.23 21.93
N VAL A 199 20.15 62.67 22.66
CA VAL A 199 18.82 62.45 22.10
C VAL A 199 18.16 63.79 21.78
N THR A 200 18.32 64.77 22.68
CA THR A 200 17.78 66.10 22.43
C THR A 200 18.47 66.78 21.25
N ILE A 201 19.66 66.33 20.85
CA ILE A 201 20.31 66.91 19.67
C ILE A 201 19.51 66.61 18.42
N ALA A 202 19.13 65.34 18.22
CA ALA A 202 18.42 64.97 17.00
C ALA A 202 17.00 65.51 16.99
N ILE A 203 16.34 65.50 18.14
CA ILE A 203 14.98 66.04 18.22
C ILE A 203 14.99 67.54 17.92
N ARG A 204 15.89 68.28 18.57
CA ARG A 204 16.00 69.71 18.29
C ARG A 204 16.44 69.95 16.84
N ALA A 205 17.21 69.03 16.27
CA ALA A 205 17.57 69.15 14.86
C ALA A 205 16.36 68.98 13.95
N ALA A 206 15.37 68.19 14.38
CA ALA A 206 14.15 68.05 13.61
C ALA A 206 13.27 69.29 13.73
N LEU A 207 13.26 69.92 14.90
CA LEU A 207 12.44 71.11 15.10
C LEU A 207 13.05 72.32 14.40
N ILE A 208 14.37 72.46 14.46
CA ILE A 208 15.04 73.60 13.84
C ILE A 208 15.13 73.43 12.33
N PHE A 209 15.84 72.39 11.88
CA PHE A 209 16.13 72.23 10.46
C PHE A 209 14.97 71.62 9.69
N GLY A 210 14.18 70.76 10.34
CA GLY A 210 13.03 70.17 9.69
C GLY A 210 11.78 71.01 9.70
N GLY A 211 11.76 72.10 10.46
CA GLY A 211 10.58 72.94 10.55
C GLY A 211 9.35 72.24 11.05
N ILE A 212 9.51 71.10 11.71
CA ILE A 212 8.36 70.34 12.20
C ILE A 212 7.88 70.94 13.50
N LYS A 213 6.56 71.06 13.65
CA LYS A 213 5.96 71.63 14.84
C LYS A 213 5.96 70.62 15.99
N GLY A 214 6.00 71.14 17.21
CA GLY A 214 5.93 70.30 18.38
C GLY A 214 4.62 69.55 18.47
N GLY A 215 4.69 68.26 18.77
CA GLY A 215 3.50 67.43 18.82
C GLY A 215 3.30 66.52 17.63
N GLN A 216 4.20 66.56 16.65
CA GLN A 216 4.15 65.65 15.50
C GLN A 216 5.16 64.53 15.70
N LEU A 217 4.86 63.71 16.72
CA LEU A 217 5.82 62.72 17.18
C LEU A 217 6.22 61.75 16.09
N ASN A 218 5.25 61.23 15.34
CA ASN A 218 5.56 60.27 14.28
C ASN A 218 6.45 60.89 13.21
N ASP A 219 6.29 62.20 12.95
CA ASP A 219 7.12 62.86 11.96
C ASP A 219 8.52 63.14 12.51
N ILE A 220 8.62 63.47 13.80
CA ILE A 220 9.94 63.64 14.43
C ILE A 220 10.75 62.36 14.34
N LEU A 221 10.11 61.22 14.62
CA LEU A 221 10.81 59.94 14.55
C LEU A 221 11.26 59.61 13.13
N LYS A 222 10.53 60.09 12.12
CA LYS A 222 10.93 59.87 10.74
C LYS A 222 12.18 60.70 10.40
N TYR A 223 12.18 61.98 10.76
CA TYR A 223 13.36 62.82 10.54
C TYR A 223 14.60 62.23 11.21
N THR A 224 14.45 61.72 12.44
CA THR A 224 15.61 61.20 13.16
C THR A 224 16.16 59.95 12.50
N ALA A 225 15.27 59.09 11.98
CA ALA A 225 15.71 57.84 11.37
C ALA A 225 16.31 58.06 9.99
N GLU A 226 15.89 59.09 9.26
CA GLU A 226 16.33 59.32 7.90
C GLU A 226 17.47 60.34 7.79
N ARG A 227 17.31 61.50 8.43
CA ARG A 227 18.28 62.57 8.26
C ARG A 227 19.50 62.42 9.17
N VAL A 228 19.32 62.65 10.47
CA VAL A 228 20.45 62.63 11.40
C VAL A 228 20.95 61.20 11.52
N PRO A 229 22.22 60.94 11.20
CA PRO A 229 22.74 59.57 11.23
C PRO A 229 23.41 59.24 12.56
N ALA A 230 22.64 58.75 13.51
CA ALA A 230 23.15 58.44 14.84
C ALA A 230 23.20 56.94 15.06
N PHE A 231 24.15 56.51 15.90
CA PHE A 231 24.25 55.13 16.33
C PHE A 231 24.87 55.10 17.72
N VAL A 232 24.47 54.14 18.52
CA VAL A 232 24.86 54.02 19.91
C VAL A 232 25.70 52.77 20.09
N ASN A 233 26.81 52.90 20.81
CA ASN A 233 27.73 51.79 21.08
C ASN A 233 27.75 51.53 22.58
N ALA A 234 27.16 50.42 23.00
CA ALA A 234 27.08 50.04 24.40
C ALA A 234 28.20 49.05 24.72
N PHE A 235 29.03 49.38 25.71
CA PHE A 235 30.17 48.54 26.08
C PHE A 235 30.02 48.11 27.53
N GLY A 236 30.51 46.91 27.82
CA GLY A 236 30.48 46.38 29.16
C GLY A 236 29.13 45.80 29.52
N PRO A 237 28.97 45.39 30.78
CA PRO A 237 27.69 44.79 31.20
C PRO A 237 26.55 45.79 31.08
N LEU A 238 25.38 45.30 30.69
CA LEU A 238 24.21 46.12 30.40
C LEU A 238 23.16 45.85 31.47
N SER A 239 22.86 46.86 32.28
CA SER A 239 21.77 46.76 33.24
C SER A 239 20.41 46.83 32.52
N GLU A 240 19.36 46.53 33.28
CA GLU A 240 18.01 46.61 32.73
C GLU A 240 17.68 48.02 32.29
N LEU A 241 18.20 49.03 33.00
CA LEU A 241 17.88 50.42 32.67
C LEU A 241 18.43 50.81 31.30
N VAL A 242 19.73 50.61 31.09
CA VAL A 242 20.36 51.02 29.83
C VAL A 242 19.78 50.24 28.67
N VAL A 243 19.41 48.97 28.89
CA VAL A 243 18.73 48.20 27.85
C VAL A 243 17.41 48.85 27.47
N SER A 244 16.66 49.34 28.47
CA SER A 244 15.42 50.04 28.18
C SER A 244 15.67 51.32 27.40
N ALA A 245 16.75 52.04 27.73
CA ALA A 245 17.09 53.24 26.98
C ALA A 245 17.45 52.92 25.54
N GLY A 246 18.04 51.76 25.28
CA GLY A 246 18.39 51.40 23.91
C GLY A 246 17.19 51.31 23.00
N ALA A 247 16.05 50.85 23.52
CA ALA A 247 14.83 50.82 22.73
C ALA A 247 14.38 52.22 22.34
N GLY A 248 14.69 53.22 23.18
CA GLY A 248 14.41 54.59 22.81
C GLY A 248 15.20 55.04 21.59
N ALA A 249 16.48 54.65 21.54
CA ALA A 249 17.30 54.96 20.37
C ALA A 249 16.78 54.24 19.13
N ILE A 250 16.20 53.05 19.31
CA ILE A 250 15.57 52.35 18.20
C ILE A 250 14.38 53.14 17.68
N ALA A 251 13.57 53.69 18.59
CA ALA A 251 12.43 54.50 18.18
C ALA A 251 12.86 55.69 17.32
N LEU A 252 14.00 56.29 17.66
CA LEU A 252 14.54 57.36 16.83
C LEU A 252 15.08 56.84 15.50
N GLY A 253 15.35 55.54 15.40
CA GLY A 253 15.88 54.96 14.19
C GLY A 253 17.35 54.63 14.23
N PHE A 254 17.98 54.61 15.42
CA PHE A 254 19.42 54.45 15.55
C PHE A 254 19.76 53.02 15.93
N PRO A 255 20.62 52.35 15.17
CA PRO A 255 21.05 51.00 15.56
C PRO A 255 21.84 51.01 16.86
N VAL A 256 21.89 49.84 17.50
CA VAL A 256 22.54 49.68 18.80
C VAL A 256 23.59 48.58 18.66
N LEU A 257 24.86 48.98 18.53
CA LEU A 257 25.97 48.04 18.52
C LEU A 257 26.47 47.84 19.94
N THR A 258 26.76 46.59 20.29
CA THR A 258 27.23 46.27 21.63
C THR A 258 28.19 45.09 21.56
N ASP A 259 28.93 44.91 22.66
CA ASP A 259 29.80 43.75 22.81
C ASP A 259 29.21 42.68 23.73
N GLN A 260 28.11 42.98 24.41
CA GLN A 260 27.46 42.04 25.31
C GLN A 260 26.47 41.17 24.53
N VAL A 261 26.39 39.90 24.91
CA VAL A 261 25.42 39.00 24.30
C VAL A 261 24.02 39.48 24.62
N VAL A 262 23.17 39.55 23.60
CA VAL A 262 21.83 40.12 23.73
C VAL A 262 20.97 39.57 22.60
N PRO A 263 19.66 39.35 22.81
CA PRO A 263 18.80 38.92 21.70
C PRO A 263 18.82 39.90 20.54
N GLU A 264 19.58 39.57 19.49
CA GLU A 264 19.80 40.49 18.40
C GLU A 264 18.53 40.73 17.59
N VAL A 265 18.44 41.93 17.00
CA VAL A 265 17.39 42.27 16.06
C VAL A 265 18.09 42.88 14.85
N PRO A 266 17.87 42.36 13.64
CA PRO A 266 18.66 42.80 12.49
C PRO A 266 18.56 44.30 12.24
N THR A 267 19.71 44.89 11.89
CA THR A 267 19.87 46.31 11.56
C THR A 267 19.51 47.23 12.71
N LEU A 268 19.23 46.70 13.89
CA LEU A 268 18.79 47.53 15.00
C LEU A 268 19.53 47.25 16.30
N LEU A 269 19.80 45.98 16.61
CA LEU A 269 20.48 45.61 17.85
C LEU A 269 21.41 44.44 17.55
N LEU A 270 22.71 44.71 17.51
CA LEU A 270 23.70 43.73 17.10
C LEU A 270 24.78 43.60 18.17
N THR A 271 25.49 42.47 18.14
CA THR A 271 26.53 42.17 19.11
C THR A 271 27.85 41.95 18.37
N GLN A 272 28.80 42.85 18.57
CA GLN A 272 30.13 42.75 17.97
C GLN A 272 31.17 42.76 19.08
N LYS A 273 31.84 41.64 19.26
CA LYS A 273 32.85 41.51 20.31
C LYS A 273 34.25 41.92 19.84
N ASP A 274 34.48 41.97 18.53
CA ASP A 274 35.79 42.33 17.99
C ASP A 274 35.88 43.86 17.99
N TYR A 275 36.63 44.41 18.94
CA TYR A 275 36.72 45.86 19.08
C TYR A 275 37.49 46.50 17.93
N ASP A 276 38.41 45.76 17.31
CA ASP A 276 39.20 46.31 16.22
C ASP A 276 38.33 46.67 15.02
N LYS A 277 37.28 45.89 14.76
CA LYS A 277 36.38 46.13 13.64
C LYS A 277 35.05 46.70 14.08
N MET A 278 34.92 47.10 15.35
CA MET A 278 33.65 47.63 15.84
C MET A 278 33.25 48.90 15.09
N VAL A 279 34.23 49.75 14.78
CA VAL A 279 33.95 50.98 14.04
C VAL A 279 33.32 50.65 12.69
N LYS A 280 33.80 49.57 12.05
CA LYS A 280 33.33 49.25 10.70
C LYS A 280 31.88 48.78 10.72
N THR A 281 31.49 48.00 11.72
CA THR A 281 30.10 47.55 11.81
C THR A 281 29.16 48.72 12.09
N SER A 282 29.59 49.68 12.91
CA SER A 282 28.74 50.81 13.25
C SER A 282 28.48 51.69 12.04
N LEU A 283 29.51 51.94 11.22
CA LEU A 283 29.33 52.77 10.04
C LEU A 283 28.45 52.08 9.01
N GLU A 284 28.51 50.75 8.94
CA GLU A 284 27.65 50.01 8.03
C GLU A 284 26.21 49.98 8.53
N ALA A 285 26.02 49.72 9.82
CA ALA A 285 24.68 49.63 10.39
C ALA A 285 23.90 50.93 10.25
N ARG A 286 24.58 52.06 10.15
CA ARG A 286 23.94 53.35 9.95
C ARG A 286 24.08 53.86 8.52
N ASN A 287 24.67 53.05 7.63
CA ASN A 287 24.87 53.43 6.22
C ASN A 287 25.70 54.71 6.12
N ILE A 288 26.84 54.70 6.80
CA ILE A 288 27.74 55.85 6.85
C ILE A 288 28.95 55.55 5.98
N LYS A 289 29.15 56.38 4.96
CA LYS A 289 30.30 56.26 4.06
C LYS A 289 31.17 57.51 4.21
N ILE A 290 32.47 57.30 4.40
CA ILE A 290 33.40 58.39 4.61
C ILE A 290 33.70 59.10 3.30
N GLU B 3 -28.75 29.82 1.39
CA GLU B 3 -28.74 30.67 2.58
C GLU B 3 -27.29 31.00 2.98
N LYS B 4 -26.49 29.96 3.18
CA LYS B 4 -25.08 30.15 3.48
C LYS B 4 -24.33 30.53 2.22
N ALA B 5 -23.39 31.45 2.35
CA ALA B 5 -22.60 31.88 1.20
C ALA B 5 -21.75 30.73 0.68
N LYS B 6 -21.68 30.61 -0.65
CA LYS B 6 -20.88 29.55 -1.25
C LYS B 6 -19.40 29.89 -1.25
N SER B 7 -19.06 31.18 -1.35
CA SER B 7 -17.67 31.61 -1.42
C SER B 7 -17.57 33.04 -0.91
N ILE B 8 -16.34 33.53 -0.83
CA ILE B 8 -16.08 34.94 -0.54
C ILE B 8 -15.43 35.65 -1.72
N ASP B 9 -14.95 34.91 -2.72
CA ASP B 9 -14.34 35.53 -3.89
C ASP B 9 -15.43 35.96 -4.86
N GLN B 10 -15.33 37.20 -5.34
CA GLN B 10 -16.36 37.74 -6.23
C GLN B 10 -16.38 37.01 -7.57
N ALA B 11 -15.22 36.82 -8.19
CA ALA B 11 -15.14 36.11 -9.46
C ALA B 11 -15.68 34.69 -9.33
N THR B 12 -15.50 34.06 -8.16
CA THR B 12 -16.08 32.75 -7.92
C THR B 12 -17.60 32.82 -7.91
N LEU B 13 -18.17 33.90 -7.34
CA LEU B 13 -19.61 34.03 -7.26
C LEU B 13 -20.24 34.41 -8.59
N GLN B 14 -19.55 35.25 -9.38
CA GLN B 14 -20.10 35.65 -10.67
C GLN B 14 -20.30 34.45 -11.58
N LEU B 15 -19.31 33.56 -11.66
CA LEU B 15 -19.41 32.39 -12.51
C LEU B 15 -20.36 31.34 -11.92
N LEU B 16 -20.56 31.35 -10.61
CA LEU B 16 -21.56 30.46 -10.01
C LEU B 16 -22.96 30.86 -10.47
N ASP B 17 -23.18 32.13 -10.78
CA ASP B 17 -24.45 32.55 -11.36
C ASP B 17 -24.55 32.15 -12.82
N LYS B 18 -23.44 32.26 -13.56
CA LYS B 18 -23.41 31.80 -14.95
C LYS B 18 -23.58 30.30 -15.03
N ALA B 19 -23.00 29.55 -14.07
CA ALA B 19 -23.18 28.11 -14.04
C ALA B 19 -24.64 27.73 -13.82
N LYS B 20 -25.37 28.53 -13.04
CA LYS B 20 -26.80 28.30 -12.89
C LYS B 20 -27.55 28.64 -14.17
N GLN B 21 -27.14 29.70 -14.85
CA GLN B 21 -27.78 30.08 -16.11
C GLN B 21 -27.54 29.04 -17.19
N ASP B 22 -26.29 28.59 -17.34
CA ASP B 22 -25.95 27.58 -18.33
C ASP B 22 -26.55 26.21 -18.02
N GLY B 23 -27.04 26.00 -16.80
CA GLY B 23 -27.67 24.74 -16.47
C GLY B 23 -26.69 23.61 -16.19
N VAL B 24 -25.53 23.93 -15.62
CA VAL B 24 -24.51 22.93 -15.34
C VAL B 24 -24.38 22.75 -13.83
N GLU B 25 -23.88 21.58 -13.45
CA GLU B 25 -23.71 21.23 -12.05
C GLU B 25 -22.33 21.68 -11.56
N THR B 26 -22.28 22.06 -10.28
CA THR B 26 -21.04 22.44 -9.62
C THR B 26 -20.84 21.57 -8.39
N VAL B 27 -19.65 21.72 -7.78
CA VAL B 27 -19.36 20.96 -6.56
C VAL B 27 -20.31 21.37 -5.44
N TRP B 28 -20.73 22.64 -5.41
CA TRP B 28 -21.72 23.08 -4.43
C TRP B 28 -23.06 22.40 -4.66
N ASP B 29 -23.45 22.21 -5.92
CA ASP B 29 -24.75 21.63 -6.22
C ASP B 29 -24.81 20.16 -5.83
N ARG B 30 -23.72 19.43 -6.03
CA ARG B 30 -23.70 18.01 -5.67
C ARG B 30 -23.59 17.80 -4.16
N LYS B 31 -23.04 18.77 -3.44
CA LYS B 31 -23.02 18.70 -1.99
C LYS B 31 -24.43 18.83 -1.41
N ALA B 32 -25.22 19.77 -1.94
CA ALA B 32 -26.59 19.94 -1.47
C ALA B 32 -27.46 18.74 -1.81
N ASP B 33 -27.16 18.03 -2.90
CA ASP B 33 -27.94 16.86 -3.27
C ASP B 33 -27.73 15.71 -2.29
N MET B 34 -26.55 15.64 -1.67
CA MET B 34 -26.31 14.59 -0.68
C MET B 34 -27.15 14.79 0.58
N LYS B 35 -27.58 16.02 0.86
CA LYS B 35 -28.48 16.34 1.98
C LYS B 35 -27.79 15.85 3.26
N VAL B 36 -28.50 15.13 4.14
CA VAL B 36 -27.92 14.69 5.41
C VAL B 36 -26.99 13.51 5.12
N GLN B 37 -25.69 13.76 5.14
CA GLN B 37 -24.71 12.69 5.02
C GLN B 37 -24.76 11.82 6.27
N CYS B 38 -24.38 10.55 6.11
CA CYS B 38 -24.53 9.58 7.19
C CYS B 38 -23.66 9.96 8.38
N GLY B 39 -24.25 9.86 9.58
CA GLY B 39 -23.53 10.14 10.81
C GLY B 39 -22.62 9.02 11.28
N PHE B 40 -22.69 7.85 10.65
CA PHE B 40 -21.78 6.76 10.99
C PHE B 40 -20.42 6.94 10.30
N GLY B 41 -20.43 7.35 9.03
CA GLY B 41 -19.18 7.59 8.34
C GLY B 41 -18.54 8.90 8.71
N SER B 42 -19.34 9.90 9.10
CA SER B 42 -18.78 11.16 9.57
C SER B 42 -18.18 11.04 10.97
N ALA B 43 -18.56 10.00 11.71
CA ALA B 43 -17.96 9.72 13.01
C ALA B 43 -16.87 8.66 12.95
N GLY B 44 -16.74 7.94 11.84
CA GLY B 44 -15.73 6.92 11.69
C GLY B 44 -16.10 5.56 12.25
N VAL B 45 -17.36 5.36 12.63
CA VAL B 45 -17.78 4.11 13.26
C VAL B 45 -18.42 3.19 12.23
N CYS B 46 -17.85 3.12 11.04
CA CYS B 46 -18.27 2.18 10.01
C CYS B 46 -17.05 1.52 9.38
N CYS B 47 -17.08 0.20 9.30
CA CYS B 47 -15.97 -0.57 8.75
C CYS B 47 -16.48 -1.48 7.65
N ARG B 48 -15.74 -1.51 6.53
CA ARG B 48 -16.07 -2.37 5.39
C ARG B 48 -14.88 -3.25 5.02
N ASN B 49 -14.06 -3.61 5.99
CA ASN B 49 -12.78 -4.29 5.73
C ASN B 49 -12.94 -5.78 5.43
N CYS B 50 -14.15 -6.28 5.24
CA CYS B 50 -14.38 -7.64 4.77
C CYS B 50 -15.84 -7.75 4.34
N SER B 51 -16.25 -8.97 3.99
CA SER B 51 -17.59 -9.22 3.50
C SER B 51 -18.51 -9.82 4.55
N MET B 52 -18.06 -9.92 5.81
CA MET B 52 -19.01 -10.19 6.89
C MET B 52 -19.89 -8.98 7.15
N GLY B 53 -19.36 -7.77 6.93
CA GLY B 53 -20.11 -6.56 7.10
C GLY B 53 -20.98 -6.25 5.89
N PRO B 54 -21.22 -4.95 5.63
CA PRO B 54 -20.70 -3.79 6.36
C PRO B 54 -21.30 -3.63 7.75
N CYS B 55 -20.46 -3.26 8.72
CA CYS B 55 -20.88 -3.09 10.10
C CYS B 55 -20.85 -1.62 10.48
N ARG B 56 -21.64 -1.28 11.50
CA ARG B 56 -21.65 0.07 12.06
C ARG B 56 -21.94 -0.02 13.54
N VAL B 57 -21.11 0.63 14.35
CA VAL B 57 -21.28 0.66 15.78
C VAL B 57 -21.71 2.07 16.19
N SER B 58 -22.17 2.19 17.43
CA SER B 58 -22.70 3.47 17.90
C SER B 58 -21.56 4.39 18.31
N PRO B 59 -21.57 5.65 17.86
CA PRO B 59 -20.55 6.60 18.34
C PRO B 59 -20.73 7.01 19.79
N VAL B 60 -21.89 6.74 20.38
CA VAL B 60 -22.14 7.00 21.79
C VAL B 60 -21.78 5.75 22.57
N PRO B 61 -20.72 5.76 23.37
CA PRO B 61 -20.34 4.55 24.12
C PRO B 61 -21.37 4.21 25.18
N GLY B 62 -21.70 2.92 25.26
CA GLY B 62 -22.68 2.42 26.20
C GLY B 62 -24.08 2.24 25.65
N LYS B 63 -24.36 2.76 24.46
CA LYS B 63 -25.67 2.64 23.83
C LYS B 63 -25.53 1.99 22.47
N GLY B 64 -26.64 1.43 21.98
CA GLY B 64 -26.66 0.88 20.63
C GLY B 64 -25.79 -0.36 20.50
N VAL B 65 -25.31 -0.59 19.28
CA VAL B 65 -24.44 -1.73 19.00
C VAL B 65 -23.01 -1.35 19.37
N GLU B 66 -22.38 -2.19 20.20
CA GLU B 66 -21.09 -1.85 20.78
C GLU B 66 -19.91 -2.42 20.00
N ARG B 67 -20.06 -3.59 19.38
CA ARG B 67 -18.96 -4.25 18.71
C ARG B 67 -19.39 -4.67 17.31
N GLY B 68 -18.43 -4.68 16.38
CA GLY B 68 -18.66 -5.21 15.05
C GLY B 68 -18.70 -6.73 15.09
N ILE B 69 -18.94 -7.30 13.91
CA ILE B 69 -19.13 -8.75 13.82
C ILE B 69 -17.87 -9.50 14.24
N CYS B 70 -16.70 -9.03 13.82
CA CYS B 70 -15.47 -9.69 14.22
C CYS B 70 -15.13 -9.43 15.68
N GLY B 71 -15.76 -8.43 16.30
CA GLY B 71 -15.47 -8.05 17.67
C GLY B 71 -14.76 -6.72 17.81
N ALA B 72 -14.53 -6.01 16.72
CA ALA B 72 -13.82 -4.73 16.79
C ALA B 72 -14.70 -3.67 17.44
N THR B 73 -14.17 -3.02 18.46
CA THR B 73 -14.90 -1.96 19.14
C THR B 73 -14.95 -0.70 18.28
N ALA B 74 -15.66 0.31 18.76
CA ALA B 74 -15.73 1.60 18.07
C ALA B 74 -14.33 2.20 17.90
N ASP B 75 -13.51 2.14 18.94
CA ASP B 75 -12.16 2.70 18.86
C ASP B 75 -11.32 1.98 17.82
N VAL B 76 -11.46 0.65 17.73
CA VAL B 76 -10.70 -0.12 16.76
C VAL B 76 -11.09 0.25 15.34
N ILE B 77 -12.40 0.36 15.08
CA ILE B 77 -12.88 0.68 13.74
C ILE B 77 -12.42 2.08 13.33
N VAL B 78 -12.57 3.06 14.22
CA VAL B 78 -12.15 4.43 13.91
C VAL B 78 -10.67 4.48 13.61
N SER B 79 -9.84 3.89 14.49
CA SER B 79 -8.39 3.93 14.31
C SER B 79 -7.96 3.29 12.99
N ARG B 80 -8.67 2.24 12.56
CA ARG B 80 -8.31 1.57 11.31
C ARG B 80 -8.73 2.40 10.10
N ASN B 81 -9.88 3.07 10.19
CA ASN B 81 -10.30 3.96 9.09
C ASN B 81 -9.37 5.15 8.97
N PHE B 82 -8.92 5.70 10.11
CA PHE B 82 -7.93 6.77 10.08
C PHE B 82 -6.63 6.32 9.43
N ALA B 83 -6.12 5.14 9.84
CA ALA B 83 -4.84 4.66 9.35
C ALA B 83 -4.84 4.52 7.83
N ARG B 84 -5.93 4.02 7.25
CA ARG B 84 -5.97 3.83 5.80
C ARG B 84 -5.99 5.17 5.06
N MET B 85 -6.59 6.21 5.67
CA MET B 85 -6.52 7.54 5.08
C MET B 85 -5.08 8.03 4.98
N VAL B 86 -4.28 7.78 6.03
CA VAL B 86 -2.87 8.16 6.00
C VAL B 86 -2.14 7.34 4.94
N ALA B 87 -2.40 6.04 4.88
CA ALA B 87 -1.76 5.19 3.87
C ALA B 87 -2.11 5.67 2.46
N ALA B 88 -3.36 6.08 2.24
CA ALA B 88 -3.76 6.59 0.93
C ALA B 88 -3.06 7.92 0.64
N GLY B 89 -3.06 8.83 1.62
CA GLY B 89 -2.36 10.09 1.45
C GLY B 89 -0.87 9.90 1.21
N THR B 90 -0.26 8.97 1.94
CA THR B 90 1.17 8.69 1.75
C THR B 90 1.44 8.14 0.36
N ALA B 91 0.57 7.24 -0.12
CA ALA B 91 0.77 6.65 -1.45
C ALA B 91 0.62 7.69 -2.55
N ALA B 92 -0.23 8.70 -2.36
CA ALA B 92 -0.37 9.76 -3.35
C ALA B 92 0.92 10.55 -3.50
N HIS B 93 1.49 10.99 -2.37
CA HIS B 93 2.78 11.68 -2.43
C HIS B 93 3.92 10.72 -2.78
N SER B 94 3.76 9.44 -2.45
CA SER B 94 4.79 8.45 -2.81
C SER B 94 4.93 8.36 -4.33
N ASP B 95 3.83 8.06 -5.02
CA ASP B 95 3.87 7.99 -6.48
C ASP B 95 4.26 9.33 -7.09
N HIS B 96 3.92 10.43 -6.42
CA HIS B 96 4.36 11.75 -6.87
C HIS B 96 5.88 11.84 -6.88
N GLY B 97 6.51 11.61 -5.72
CA GLY B 97 7.96 11.65 -5.65
C GLY B 97 8.63 10.54 -6.42
N ARG B 98 8.01 9.37 -6.50
CA ARG B 98 8.58 8.26 -7.25
C ARG B 98 8.73 8.63 -8.73
N SER B 99 7.69 9.23 -9.30
CA SER B 99 7.76 9.67 -10.69
C SER B 99 8.81 10.75 -10.89
N ILE B 100 9.04 11.59 -9.87
CA ILE B 100 10.03 12.64 -9.98
C ILE B 100 11.44 12.06 -9.95
N ALA B 101 11.68 11.12 -9.03
CA ALA B 101 13.01 10.52 -8.91
C ALA B 101 13.36 9.72 -10.17
N LEU B 102 12.36 9.08 -10.79
CA LEU B 102 12.62 8.34 -12.03
C LEU B 102 13.04 9.26 -13.15
N SER B 103 12.43 10.45 -13.23
CA SER B 103 12.82 11.42 -14.25
C SER B 103 14.24 11.90 -14.04
N LEU B 104 14.68 12.02 -12.78
CA LEU B 104 16.06 12.42 -12.51
C LEU B 104 17.04 11.35 -12.96
N TYR B 105 16.67 10.07 -12.84
CA TYR B 105 17.52 8.99 -13.31
C TYR B 105 17.68 9.02 -14.82
N HIS B 106 16.71 9.58 -15.53
CA HIS B 106 16.71 9.61 -16.98
C HIS B 106 17.20 10.94 -17.55
N THR B 107 17.76 11.81 -16.72
CA THR B 107 18.33 13.06 -17.22
C THR B 107 19.61 12.77 -17.99
N SER B 108 19.72 13.35 -19.19
CA SER B 108 20.90 13.18 -20.02
C SER B 108 21.26 14.50 -20.68
N LYS B 109 22.49 14.57 -21.18
CA LYS B 109 22.93 15.77 -21.89
C LYS B 109 22.10 15.99 -23.15
N ASP B 110 21.79 14.90 -23.88
CA ASP B 110 21.00 14.98 -25.10
C ASP B 110 19.56 14.54 -24.85
N GLY B 111 19.05 14.76 -23.64
CA GLY B 111 17.68 14.44 -23.30
C GLY B 111 16.85 15.70 -23.06
N ASP B 112 15.53 15.50 -23.01
CA ASP B 112 14.63 16.61 -22.74
C ASP B 112 14.74 17.10 -21.31
N ILE B 113 15.05 16.22 -20.37
CA ILE B 113 15.16 16.56 -18.95
C ILE B 113 16.63 16.74 -18.61
N LYS B 114 16.98 17.91 -18.07
CA LYS B 114 18.36 18.25 -17.75
C LYS B 114 18.46 18.66 -16.28
N VAL B 115 19.69 18.72 -15.80
CA VAL B 115 19.99 19.20 -14.45
C VAL B 115 20.24 20.70 -14.52
N LYS B 116 19.38 21.48 -13.85
CA LYS B 116 19.44 22.94 -13.94
C LYS B 116 20.07 23.60 -12.71
N ASP B 117 19.84 23.08 -11.51
CA ASP B 117 20.41 23.67 -10.30
C ASP B 117 21.50 22.71 -9.79
N GLU B 118 22.72 22.95 -10.28
CA GLU B 118 23.89 22.09 -9.97
C GLU B 118 24.31 22.24 -8.49
N ASN B 119 24.23 23.46 -7.95
CA ASN B 119 24.65 23.65 -6.56
C ASN B 119 23.75 22.88 -5.60
N LYS B 120 22.46 22.82 -5.90
CA LYS B 120 21.54 22.02 -5.09
C LYS B 120 21.88 20.53 -5.20
N LEU B 121 22.14 20.06 -6.42
CA LEU B 121 22.50 18.65 -6.61
C LEU B 121 23.74 18.28 -5.81
N LYS B 122 24.80 19.09 -5.92
CA LYS B 122 26.02 18.82 -5.17
C LYS B 122 25.76 18.79 -3.67
N GLU B 123 24.87 19.65 -3.17
CA GLU B 123 24.55 19.64 -1.76
C GLU B 123 23.68 18.45 -1.39
N VAL B 124 22.72 18.09 -2.26
CA VAL B 124 21.87 16.94 -1.98
C VAL B 124 22.67 15.64 -2.05
N ALA B 125 23.63 15.57 -2.97
CA ALA B 125 24.47 14.38 -3.09
C ALA B 125 25.21 14.10 -1.79
N LYS B 126 25.68 15.16 -1.12
CA LYS B 126 26.33 14.98 0.18
C LYS B 126 25.39 14.33 1.18
N SER B 127 24.10 14.63 1.11
CA SER B 127 23.13 14.00 2.01
C SER B 127 22.96 12.52 1.72
N PHE B 128 23.24 12.07 0.51
CA PHE B 128 23.11 10.67 0.13
C PHE B 128 24.45 9.94 0.07
N ASN B 129 25.53 10.58 0.53
CA ASN B 129 26.87 9.99 0.50
C ASN B 129 27.26 9.61 -0.93
N VAL B 130 27.05 10.53 -1.85
CA VAL B 130 27.37 10.34 -3.26
C VAL B 130 28.56 11.24 -3.60
N GLU B 131 29.58 10.64 -4.22
CA GLU B 131 30.79 11.39 -4.56
C GLU B 131 30.52 12.38 -5.69
N THR B 132 31.09 13.57 -5.57
CA THR B 132 30.94 14.62 -6.56
C THR B 132 32.27 15.13 -7.11
N GLU B 133 33.36 14.98 -6.37
CA GLU B 133 34.65 15.56 -6.77
C GLU B 133 35.10 14.99 -8.12
N GLY B 134 35.32 15.89 -9.08
CA GLY B 134 35.86 15.52 -10.37
C GLY B 134 34.97 14.64 -11.23
N ARG B 135 33.71 14.46 -10.85
CA ARG B 135 32.79 13.62 -11.60
C ARG B 135 31.91 14.45 -12.51
N ASP B 136 31.30 13.77 -13.48
CA ASP B 136 30.32 14.41 -14.35
C ASP B 136 29.02 14.65 -13.58
N ILE B 137 28.35 15.76 -13.92
CA ILE B 137 27.17 16.18 -13.16
C ILE B 137 25.99 15.24 -13.37
N TYR B 138 25.95 14.49 -14.47
CA TYR B 138 24.85 13.57 -14.71
C TYR B 138 25.09 12.20 -14.09
N ASP B 139 26.35 11.77 -13.98
CA ASP B 139 26.64 10.58 -13.18
C ASP B 139 26.28 10.81 -11.73
N ILE B 140 26.44 12.05 -11.23
CA ILE B 140 26.01 12.39 -9.88
C ILE B 140 24.49 12.31 -9.77
N ALA B 141 23.78 12.87 -10.75
CA ALA B 141 22.33 12.88 -10.71
C ALA B 141 21.76 11.46 -10.73
N HIS B 142 22.39 10.57 -11.50
CA HIS B 142 21.90 9.19 -11.56
C HIS B 142 22.15 8.45 -10.25
N ASP B 143 23.32 8.67 -9.63
CA ASP B 143 23.61 8.00 -8.37
C ASP B 143 22.69 8.50 -7.26
N VAL B 144 22.36 9.79 -7.25
CA VAL B 144 21.45 10.32 -6.25
C VAL B 144 20.04 9.77 -6.46
N ALA B 145 19.62 9.63 -7.71
CA ALA B 145 18.31 9.08 -8.00
C ALA B 145 18.21 7.61 -7.58
N LYS B 146 19.28 6.85 -7.80
CA LYS B 146 19.29 5.45 -7.39
C LYS B 146 19.23 5.33 -5.87
N GLU B 147 20.02 6.14 -5.17
CA GLU B 147 19.98 6.13 -3.71
C GLU B 147 18.66 6.64 -3.17
N GLY B 148 18.06 7.63 -3.87
CA GLY B 148 16.76 8.12 -3.45
C GLY B 148 15.65 7.11 -3.65
N LEU B 149 15.65 6.42 -4.79
CA LEU B 149 14.62 5.41 -5.04
C LEU B 149 14.72 4.25 -4.06
N SER B 150 15.93 3.95 -3.58
CA SER B 150 16.08 2.88 -2.58
C SER B 150 15.28 3.16 -1.33
N ASN B 151 15.10 4.44 -0.98
CA ASN B 151 14.32 4.80 0.21
C ASN B 151 12.86 4.39 0.09
N TYR B 152 12.39 4.08 -1.12
CA TYR B 152 10.99 3.71 -1.30
C TYR B 152 10.73 2.25 -1.00
N GLY B 153 11.69 1.36 -1.24
CA GLY B 153 11.43 -0.05 -1.12
C GLY B 153 12.58 -0.91 -0.62
N LYS B 154 13.58 -0.30 0.02
CA LYS B 154 14.65 -1.08 0.61
C LYS B 154 14.14 -1.85 1.82
N GLN B 155 14.59 -3.11 1.95
CA GLN B 155 14.14 -3.97 3.03
C GLN B 155 15.19 -4.17 4.11
N LEU B 156 16.45 -3.88 3.83
CA LEU B 156 17.53 -3.99 4.80
C LEU B 156 18.22 -2.65 4.97
N GLY B 157 18.80 -2.44 6.15
CA GLY B 157 19.45 -1.18 6.45
C GLY B 157 18.45 -0.11 6.85
N GLU B 158 18.97 1.10 7.04
CA GLU B 158 18.17 2.25 7.43
C GLU B 158 18.00 3.21 6.26
N VAL B 159 17.00 4.07 6.38
CA VAL B 159 16.68 5.03 5.34
C VAL B 159 17.53 6.28 5.52
N THR B 160 17.62 7.08 4.45
CA THR B 160 18.37 8.32 4.45
C THR B 160 17.43 9.49 4.74
N LEU B 161 17.73 10.23 5.81
CA LEU B 161 16.89 11.34 6.22
C LEU B 161 17.64 12.67 6.06
N PRO B 162 16.93 13.76 5.75
CA PRO B 162 17.60 15.02 5.43
C PRO B 162 18.36 15.56 6.63
N PRO B 163 19.36 16.42 6.40
CA PRO B 163 20.17 16.91 7.53
C PRO B 163 19.43 17.84 8.46
N SER B 164 18.45 18.61 7.97
CA SER B 164 17.74 19.55 8.81
C SER B 164 16.80 18.87 9.80
N LEU B 165 16.74 17.55 9.82
CA LEU B 165 15.93 16.84 10.81
C LEU B 165 16.71 16.77 12.12
N PRO B 166 16.22 17.37 13.19
CA PRO B 166 17.00 17.40 14.44
C PRO B 166 17.23 16.00 14.99
N GLU B 167 18.47 15.78 15.46
CA GLU B 167 18.82 14.48 16.03
C GLU B 167 18.01 14.17 17.28
N LYS B 168 17.56 15.21 17.98
CA LYS B 168 16.68 15.00 19.13
C LYS B 168 15.38 14.36 18.68
N ARG B 169 14.87 14.77 17.52
CA ARG B 169 13.62 14.20 17.01
C ARG B 169 13.82 12.78 16.52
N LYS B 170 14.96 12.49 15.89
CA LYS B 170 15.24 11.15 15.41
C LYS B 170 15.24 10.14 16.57
N GLU B 171 15.99 10.42 17.63
CA GLU B 171 16.03 9.52 18.77
C GLU B 171 14.68 9.45 19.48
N LEU B 172 13.88 10.51 19.37
CA LEU B 172 12.53 10.47 19.95
C LEU B 172 11.65 9.47 19.21
N TRP B 173 11.77 9.41 17.88
CA TRP B 173 11.04 8.43 17.10
C TRP B 173 11.49 7.01 17.42
N ARG B 174 12.80 6.80 17.52
CA ARG B 174 13.34 5.47 17.82
C ARG B 174 12.80 4.94 19.14
N LYS B 175 12.83 5.76 20.19
CA LYS B 175 12.34 5.32 21.50
C LYS B 175 10.83 5.06 21.45
N LEU B 176 10.09 5.89 20.72
CA LEU B 176 8.65 5.66 20.58
C LEU B 176 8.37 4.44 19.71
N GLY B 177 9.29 4.08 18.81
CA GLY B 177 9.09 2.96 17.93
C GLY B 177 8.42 3.32 16.63
N VAL B 178 8.63 4.54 16.13
CA VAL B 178 7.94 5.01 14.92
C VAL B 178 8.96 5.56 13.93
N TYR B 179 10.22 5.20 14.09
CA TYR B 179 11.23 5.60 13.11
C TYR B 179 10.86 5.01 11.76
N PRO B 180 10.81 5.83 10.70
CA PRO B 180 10.25 5.34 9.43
C PRO B 180 11.19 4.35 8.75
N ARG B 181 10.57 3.45 7.97
CA ARG B 181 11.25 2.52 7.09
C ARG B 181 11.03 2.97 5.65
N ALA B 182 11.03 2.03 4.70
CA ALA B 182 10.77 2.37 3.31
C ALA B 182 9.36 2.92 3.15
N VAL B 183 9.21 3.80 2.16
CA VAL B 183 7.92 4.47 1.95
C VAL B 183 6.83 3.47 1.62
N ASP B 184 7.02 2.71 0.54
CA ASP B 184 6.04 1.71 0.15
C ASP B 184 5.90 0.63 1.22
N ARG B 185 7.00 0.31 1.93
CA ARG B 185 6.94 -0.70 2.98
C ARG B 185 5.99 -0.30 4.09
N GLU B 186 6.01 0.98 4.48
CA GLU B 186 5.11 1.43 5.55
C GLU B 186 3.67 1.49 5.08
N ILE B 187 3.43 1.83 3.81
CA ILE B 187 2.07 1.84 3.28
C ILE B 187 1.46 0.45 3.36
N ALA B 188 2.21 -0.57 2.93
CA ALA B 188 1.72 -1.94 3.01
C ALA B 188 1.56 -2.40 4.46
N ALA B 189 2.45 -1.93 5.34
CA ALA B 189 2.35 -2.30 6.75
C ALA B 189 1.06 -1.79 7.37
N VAL B 190 0.66 -0.57 7.04
CA VAL B 190 -0.60 -0.02 7.54
C VAL B 190 -1.77 -0.79 6.93
N MET B 191 -1.72 -1.06 5.62
CA MET B 191 -2.78 -1.81 4.97
C MET B 191 -2.86 -3.23 5.53
N HIS B 192 -1.73 -3.81 5.90
CA HIS B 192 -1.73 -5.14 6.50
C HIS B 192 -2.45 -5.14 7.84
N SER B 193 -2.03 -4.28 8.77
CA SER B 193 -2.59 -4.29 10.12
C SER B 193 -4.04 -3.82 10.16
N THR B 194 -4.51 -3.12 9.14
CA THR B 194 -5.91 -2.72 9.07
C THR B 194 -6.81 -3.84 8.54
N HIS B 195 -6.23 -4.92 8.03
CA HIS B 195 -7.01 -6.07 7.63
C HIS B 195 -7.80 -6.63 8.81
N ILE B 196 -8.87 -7.36 8.50
CA ILE B 196 -9.71 -7.93 9.55
C ILE B 196 -8.92 -8.98 10.33
N GLY B 197 -9.10 -8.98 11.65
CA GLY B 197 -8.40 -9.93 12.49
C GLY B 197 -6.95 -9.63 12.73
N CYS B 198 -6.51 -8.40 12.45
CA CYS B 198 -5.13 -8.00 12.71
C CYS B 198 -5.07 -7.09 13.93
N ASN B 199 -4.56 -5.88 13.73
CA ASN B 199 -4.46 -4.92 14.82
C ASN B 199 -5.85 -4.55 15.34
N ALA B 200 -5.96 -4.45 16.67
CA ALA B 200 -7.21 -4.08 17.33
C ALA B 200 -6.90 -3.23 18.57
N ASP B 201 -5.94 -2.32 18.45
CA ASP B 201 -5.53 -1.46 19.54
C ASP B 201 -5.34 -0.05 19.00
N ALA B 202 -6.09 0.91 19.55
CA ALA B 202 -6.07 2.27 19.02
C ALA B 202 -4.68 2.88 19.11
N GLU B 203 -3.98 2.68 20.23
CA GLU B 203 -2.66 3.29 20.41
C GLU B 203 -1.68 2.75 19.39
N ALA B 204 -1.55 1.41 19.31
CA ALA B 204 -0.62 0.81 18.36
C ALA B 204 -1.01 1.14 16.93
N MET B 205 -2.31 1.25 16.64
CA MET B 205 -2.76 1.56 15.28
C MET B 205 -2.35 2.97 14.87
N ILE B 206 -2.61 3.95 15.75
CA ILE B 206 -2.24 5.33 15.44
C ILE B 206 -0.73 5.49 15.34
N LYS B 207 0.01 4.78 16.21
CA LYS B 207 1.47 4.82 16.13
C LYS B 207 1.97 4.32 14.79
N MET B 208 1.28 3.32 14.22
CA MET B 208 1.61 2.87 12.87
C MET B 208 1.33 3.97 11.84
N SER B 209 0.22 4.70 12.02
CA SER B 209 -0.09 5.81 11.11
C SER B 209 0.97 6.89 11.19
N MET B 210 1.42 7.24 12.40
CA MET B 210 2.48 8.23 12.55
C MET B 210 3.76 7.76 11.86
N ARG B 211 4.12 6.48 12.03
CA ARG B 211 5.31 5.95 11.39
C ARG B 211 5.17 5.99 9.87
N CYS B 212 3.96 5.76 9.35
CA CYS B 212 3.76 5.79 7.90
C CYS B 212 3.84 7.20 7.35
N SER B 213 3.32 8.18 8.09
CA SER B 213 3.33 9.56 7.62
C SER B 213 4.75 10.11 7.53
N LEU B 214 5.67 9.59 8.36
CA LEU B 214 7.04 10.10 8.35
C LEU B 214 7.73 9.81 7.02
N THR B 215 7.34 8.73 6.34
CA THR B 215 7.87 8.45 5.02
C THR B 215 7.36 9.43 3.96
N ASP B 216 6.41 10.29 4.32
CA ASP B 216 5.87 11.29 3.39
C ASP B 216 6.61 12.62 3.56
N GLY B 217 6.50 13.23 4.76
CA GLY B 217 7.05 14.57 4.94
C GLY B 217 8.56 14.63 4.82
N TRP B 218 9.26 13.67 5.42
CA TRP B 218 10.72 13.69 5.45
C TRP B 218 11.36 12.80 4.38
N MET B 219 10.55 12.16 3.53
CA MET B 219 11.09 11.31 2.49
C MET B 219 10.37 11.54 1.16
N GLY B 220 9.11 11.12 1.09
CA GLY B 220 8.32 11.28 -0.12
C GLY B 220 8.21 12.71 -0.61
N SER B 221 7.56 13.57 0.17
CA SER B 221 7.45 14.97 -0.20
C SER B 221 8.82 15.65 -0.25
N PHE B 222 9.73 15.25 0.63
CA PHE B 222 11.05 15.88 0.68
C PHE B 222 11.82 15.60 -0.60
N MET B 223 11.94 14.32 -0.98
CA MET B 223 12.65 13.99 -2.21
C MET B 223 11.91 14.53 -3.43
N GLY B 224 10.57 14.52 -3.39
CA GLY B 224 9.81 15.13 -4.47
C GLY B 224 10.12 16.60 -4.63
N THR B 225 10.25 17.32 -3.52
CA THR B 225 10.65 18.72 -3.56
C THR B 225 12.14 18.86 -3.87
N GLU B 226 12.97 18.02 -3.24
CA GLU B 226 14.41 18.07 -3.45
C GLU B 226 14.77 17.87 -4.92
N PHE B 227 14.15 16.89 -5.56
CA PHE B 227 14.51 16.55 -6.94
C PHE B 227 13.87 17.48 -7.97
N SER B 228 12.67 18.00 -7.68
CA SER B 228 12.05 18.94 -8.60
C SER B 228 12.88 20.21 -8.76
N ASP B 229 13.48 20.68 -7.66
CA ASP B 229 14.33 21.87 -7.73
C ASP B 229 15.58 21.62 -8.56
N ILE B 230 16.15 20.42 -8.46
CA ILE B 230 17.37 20.11 -9.21
C ILE B 230 17.11 20.15 -10.71
N MET B 231 16.00 19.57 -11.15
CA MET B 231 15.74 19.43 -12.58
C MET B 231 15.14 20.70 -13.19
N PHE B 232 14.28 21.39 -12.44
CA PHE B 232 13.55 22.54 -12.97
C PHE B 232 14.02 23.88 -12.43
N GLY B 233 14.91 23.88 -11.44
CA GLY B 233 15.41 25.12 -10.88
C GLY B 233 14.84 25.37 -9.50
N THR B 234 15.70 25.81 -8.59
CA THR B 234 15.24 26.13 -7.24
C THR B 234 14.40 27.40 -7.29
N PRO B 235 13.20 27.40 -6.70
CA PRO B 235 12.33 28.58 -6.81
C PRO B 235 12.95 29.80 -6.16
N HIS B 236 12.73 30.96 -6.79
CA HIS B 236 13.13 32.24 -6.25
C HIS B 236 11.95 33.20 -6.35
N SER B 237 12.04 34.29 -5.59
CA SER B 237 10.98 35.29 -5.57
C SER B 237 10.67 35.78 -6.98
N ILE B 238 9.40 35.66 -7.37
CA ILE B 238 8.96 35.96 -8.72
C ILE B 238 7.52 36.48 -8.66
N ASP B 239 7.21 37.44 -9.53
CA ASP B 239 5.91 38.07 -9.55
C ASP B 239 4.96 37.35 -10.51
N THR B 240 3.68 37.35 -10.15
CA THR B 240 2.64 36.73 -10.98
C THR B 240 1.31 37.41 -10.67
N GLU B 241 0.27 36.94 -11.37
CA GLU B 241 -1.11 37.36 -11.12
C GLU B 241 -1.96 36.12 -10.82
N ALA B 242 -3.01 36.32 -10.04
CA ALA B 242 -3.83 35.22 -9.55
C ALA B 242 -5.30 35.47 -9.90
N ASN B 243 -6.14 34.49 -9.55
CA ASN B 243 -7.59 34.51 -9.72
C ASN B 243 -7.98 34.32 -11.18
N LEU B 244 -9.28 34.15 -11.43
CA LEU B 244 -9.78 33.76 -12.74
C LEU B 244 -9.68 34.87 -13.78
N GLY B 245 -9.34 36.10 -13.37
CA GLY B 245 -9.17 37.19 -14.31
C GLY B 245 -7.94 37.12 -15.17
N VAL B 246 -7.08 36.11 -14.97
CA VAL B 246 -5.87 35.97 -15.78
C VAL B 246 -6.18 35.43 -17.17
N LEU B 247 -7.32 34.78 -17.35
CA LEU B 247 -7.69 34.25 -18.66
C LEU B 247 -7.88 35.39 -19.64
N GLU B 248 -7.31 35.23 -20.84
CA GLU B 248 -7.40 36.23 -21.89
C GLU B 248 -8.43 35.80 -22.93
N LYS B 249 -9.39 36.67 -23.22
CA LYS B 249 -10.43 36.33 -24.18
C LYS B 249 -9.87 36.14 -25.58
N ASN B 250 -8.87 36.93 -25.96
CA ASN B 250 -8.30 36.91 -27.30
C ASN B 250 -7.01 36.09 -27.39
N SER B 251 -6.78 35.19 -26.44
CA SER B 251 -5.60 34.34 -26.44
C SER B 251 -6.02 32.90 -26.23
N VAL B 252 -5.08 31.98 -26.48
CA VAL B 252 -5.31 30.56 -26.25
C VAL B 252 -5.11 30.28 -24.77
N ASN B 253 -6.19 29.91 -24.09
CA ASN B 253 -6.17 29.69 -22.64
C ASN B 253 -6.00 28.18 -22.39
N VAL B 254 -4.77 27.78 -22.12
CA VAL B 254 -4.45 26.40 -21.78
C VAL B 254 -4.26 26.33 -20.27
N VAL B 255 -5.11 25.55 -19.61
CA VAL B 255 -5.12 25.45 -18.15
C VAL B 255 -4.48 24.14 -17.75
N LEU B 256 -3.39 24.22 -16.99
CA LEU B 256 -2.70 23.03 -16.48
C LEU B 256 -3.21 22.74 -15.08
N HIS B 257 -3.77 21.55 -14.89
CA HIS B 257 -4.35 21.14 -13.62
C HIS B 257 -3.76 19.81 -13.20
N GLY B 258 -3.65 19.60 -11.89
CA GLY B 258 -3.11 18.35 -11.39
C GLY B 258 -1.99 18.53 -10.37
N HIS B 259 -0.95 17.70 -10.47
CA HIS B 259 0.12 17.74 -9.48
C HIS B 259 1.49 17.50 -10.09
N GLU B 260 1.66 16.40 -10.82
CA GLU B 260 2.96 15.99 -11.34
C GLU B 260 3.53 17.06 -12.25
N PRO B 261 4.61 17.73 -11.85
CA PRO B 261 5.06 18.93 -12.56
C PRO B 261 5.75 18.67 -13.89
N LEU B 262 6.23 17.45 -14.14
CA LEU B 262 6.98 17.17 -15.36
C LEU B 262 6.19 17.57 -16.60
N LEU B 263 4.90 17.24 -16.64
CA LEU B 263 4.06 17.62 -17.77
C LEU B 263 3.98 19.14 -17.90
N SER B 264 3.60 19.82 -16.83
CA SER B 264 3.44 21.27 -16.88
C SER B 264 4.76 21.95 -17.21
N GLU B 265 5.88 21.42 -16.73
CA GLU B 265 7.18 22.00 -17.05
C GLU B 265 7.46 21.94 -18.54
N MET B 266 7.17 20.80 -19.17
CA MET B 266 7.39 20.68 -20.61
C MET B 266 6.42 21.54 -21.39
N VAL B 267 5.18 21.67 -20.91
CA VAL B 267 4.19 22.51 -21.59
C VAL B 267 4.64 23.97 -21.59
N VAL B 268 5.25 24.41 -20.48
CA VAL B 268 5.76 25.79 -20.42
C VAL B 268 6.84 26.00 -21.47
N GLU B 269 7.80 25.07 -21.56
CA GLU B 269 8.82 25.18 -22.59
C GLU B 269 8.24 25.02 -23.98
N ALA B 270 7.18 24.21 -24.12
CA ALA B 270 6.51 24.08 -25.41
C ALA B 270 5.69 25.31 -25.77
N ALA B 271 5.42 26.18 -24.79
CA ALA B 271 4.71 27.43 -25.03
C ALA B 271 5.63 28.53 -25.58
N SER B 272 6.89 28.20 -25.86
CA SER B 272 7.82 29.12 -26.49
C SER B 272 8.29 28.60 -27.85
N ASP B 273 7.85 27.43 -28.25
CA ASP B 273 8.18 26.89 -29.56
C ASP B 273 7.63 27.81 -30.65
N PRO B 274 8.46 28.26 -31.60
CA PRO B 274 7.94 29.06 -32.71
C PRO B 274 6.81 28.34 -33.44
N GLU B 275 6.76 27.02 -33.33
CA GLU B 275 5.65 26.25 -33.90
C GLU B 275 4.32 26.72 -33.33
N LEU B 276 4.19 26.66 -32.02
CA LEU B 276 2.92 26.94 -31.35
C LEU B 276 2.67 28.42 -31.15
N VAL B 277 3.72 29.26 -31.15
CA VAL B 277 3.50 30.70 -31.06
C VAL B 277 2.89 31.22 -32.35
N GLU B 278 3.46 30.83 -33.49
CA GLU B 278 2.89 31.23 -34.78
C GLU B 278 1.53 30.56 -35.02
N LEU B 279 1.40 29.30 -34.62
CA LEU B 279 0.14 28.58 -34.81
C LEU B 279 -0.98 29.21 -33.99
N ALA B 280 -0.66 29.69 -32.78
CA ALA B 280 -1.67 30.38 -31.99
C ALA B 280 -2.16 31.65 -32.68
N LYS B 281 -1.30 32.27 -33.49
CA LYS B 281 -1.70 33.46 -34.25
C LYS B 281 -2.44 33.09 -35.52
N SER B 282 -2.10 31.95 -36.14
CA SER B 282 -2.76 31.56 -37.38
C SER B 282 -4.23 31.23 -37.17
N VAL B 283 -4.59 30.75 -35.98
CA VAL B 283 -5.99 30.41 -35.71
C VAL B 283 -6.80 31.62 -35.26
N GLY B 284 -6.18 32.79 -35.13
CA GLY B 284 -6.88 34.00 -34.79
C GLY B 284 -6.76 34.47 -33.35
N ALA B 285 -5.74 34.02 -32.63
CA ALA B 285 -5.53 34.42 -31.25
C ALA B 285 -4.27 35.27 -31.12
N ASP B 286 -4.17 35.97 -29.99
CA ASP B 286 -3.01 36.82 -29.75
C ASP B 286 -1.78 36.01 -29.40
N GLY B 287 -1.94 34.97 -28.58
CA GLY B 287 -0.81 34.15 -28.19
C GLY B 287 -1.26 33.06 -27.24
N ILE B 288 -0.27 32.33 -26.72
CA ILE B 288 -0.52 31.24 -25.79
C ILE B 288 -0.50 31.81 -24.38
N ASN B 289 -1.62 31.67 -23.67
CA ASN B 289 -1.77 32.19 -22.31
C ASN B 289 -1.86 30.99 -21.38
N LEU B 290 -0.74 30.66 -20.74
CA LEU B 290 -0.68 29.51 -19.85
C LEU B 290 -1.16 29.89 -18.45
N CYS B 291 -1.98 29.02 -17.87
CA CYS B 291 -2.50 29.21 -16.52
C CYS B 291 -2.51 27.87 -15.80
N GLY B 292 -2.13 27.90 -14.52
CA GLY B 292 -2.10 26.68 -13.73
C GLY B 292 -3.14 26.65 -12.62
N MET B 293 -3.44 25.46 -12.11
CA MET B 293 -4.40 25.31 -11.02
C MET B 293 -3.86 24.30 -10.01
N CYS B 294 -4.15 24.55 -8.74
CA CYS B 294 -3.81 23.65 -7.62
C CYS B 294 -2.28 23.53 -7.53
N CYS B 295 -1.75 22.32 -7.36
CA CYS B 295 -0.32 22.17 -7.09
C CYS B 295 0.53 22.32 -8.34
N THR B 296 0.13 21.65 -9.43
CA THR B 296 0.89 21.78 -10.67
C THR B 296 0.89 23.22 -11.18
N GLY B 297 -0.13 24.00 -10.81
CA GLY B 297 -0.10 25.43 -11.08
C GLY B 297 0.87 26.16 -10.18
N ASN B 298 0.95 25.72 -8.91
CA ASN B 298 1.94 26.29 -8.00
C ASN B 298 3.36 25.96 -8.45
N GLU B 299 3.58 24.72 -8.90
CA GLU B 299 4.92 24.29 -9.28
C GLU B 299 5.50 25.15 -10.39
N VAL B 300 4.69 25.47 -11.40
CA VAL B 300 5.17 26.30 -12.49
C VAL B 300 5.16 27.78 -12.12
N SER B 301 4.25 28.20 -11.24
CA SER B 301 4.22 29.60 -10.81
C SER B 301 5.43 29.92 -9.94
N MET B 302 5.86 28.98 -9.10
CA MET B 302 7.03 29.20 -8.25
C MET B 302 8.29 29.34 -9.10
N ARG B 303 8.38 28.61 -10.20
CA ARG B 303 9.60 28.54 -10.99
C ARG B 303 9.58 29.41 -12.24
N HIS B 304 8.41 29.58 -12.87
CA HIS B 304 8.33 30.35 -14.11
C HIS B 304 7.32 31.48 -14.07
N GLY B 305 6.65 31.72 -12.93
CA GLY B 305 5.73 32.81 -12.82
C GLY B 305 4.47 32.67 -13.65
N ILE B 306 4.07 31.44 -13.97
CA ILE B 306 2.84 31.22 -14.72
C ILE B 306 1.65 31.67 -13.88
N LYS B 307 0.71 32.38 -14.53
CA LYS B 307 -0.44 32.91 -13.83
C LYS B 307 -1.29 31.77 -13.27
N ILE B 308 -1.90 32.02 -12.11
CA ILE B 308 -2.67 31.01 -11.38
C ILE B 308 -4.15 31.28 -11.61
N ALA B 309 -4.83 30.34 -12.26
CA ALA B 309 -6.24 30.52 -12.57
C ALA B 309 -7.09 30.46 -11.31
N GLY B 310 -6.85 29.47 -10.46
CA GLY B 310 -7.63 29.33 -9.25
C GLY B 310 -7.25 28.06 -8.51
N ASN B 311 -7.96 27.82 -7.43
CA ASN B 311 -7.68 26.71 -6.53
C ASN B 311 -8.66 25.55 -6.78
N PHE B 312 -8.84 24.70 -5.77
CA PHE B 312 -9.55 23.43 -5.93
C PHE B 312 -10.99 23.60 -6.41
N MET B 313 -11.85 24.18 -5.58
CA MET B 313 -13.27 24.26 -5.91
C MET B 313 -13.58 25.25 -7.02
N GLN B 314 -12.58 25.92 -7.58
CA GLN B 314 -12.78 26.81 -8.72
C GLN B 314 -12.55 26.13 -10.07
N GLN B 315 -12.00 24.91 -10.07
CA GLN B 315 -11.66 24.26 -11.33
C GLN B 315 -12.87 24.09 -12.23
N GLU B 316 -14.05 23.89 -11.65
CA GLU B 316 -15.27 23.78 -12.47
C GLU B 316 -15.64 25.12 -13.09
N LEU B 317 -15.52 26.21 -12.32
CA LEU B 317 -15.93 27.52 -12.81
C LEU B 317 -15.00 28.05 -13.89
N ALA B 318 -13.78 27.51 -14.00
CA ALA B 318 -12.90 27.91 -15.09
C ALA B 318 -13.48 27.50 -16.43
N VAL B 319 -14.04 26.29 -16.52
CA VAL B 319 -14.70 25.85 -17.75
C VAL B 319 -15.99 26.63 -17.97
N VAL B 320 -16.63 27.08 -16.89
CA VAL B 320 -17.87 27.84 -17.03
C VAL B 320 -17.63 29.17 -17.73
N THR B 321 -16.40 29.68 -17.66
CA THR B 321 -16.06 30.91 -18.38
C THR B 321 -16.28 30.76 -19.88
N GLY B 322 -16.11 29.54 -20.41
CA GLY B 322 -16.20 29.32 -21.84
C GLY B 322 -14.98 29.73 -22.61
N ALA B 323 -13.88 30.05 -21.93
CA ALA B 323 -12.65 30.47 -22.59
C ALA B 323 -11.52 29.45 -22.45
N VAL B 324 -11.71 28.38 -21.69
CA VAL B 324 -10.69 27.36 -21.55
C VAL B 324 -10.71 26.49 -22.80
N ASP B 325 -9.63 26.56 -23.58
CA ASP B 325 -9.53 25.77 -24.81
C ASP B 325 -8.97 24.38 -24.55
N GLY B 326 -8.02 24.26 -23.63
CA GLY B 326 -7.45 22.98 -23.29
C GLY B 326 -7.22 22.81 -21.80
N LEU B 327 -7.88 21.82 -21.20
CA LEU B 327 -7.73 21.50 -19.79
C LEU B 327 -6.85 20.27 -19.69
N ILE B 328 -5.57 20.48 -19.38
CA ILE B 328 -4.58 19.40 -19.33
C ILE B 328 -4.39 19.00 -17.87
N VAL B 329 -4.70 17.74 -17.56
CA VAL B 329 -4.62 17.22 -16.20
C VAL B 329 -3.76 15.97 -16.17
N ASP B 330 -3.17 15.70 -15.01
CA ASP B 330 -2.38 14.49 -14.83
C ASP B 330 -2.97 13.58 -13.76
N VAL B 331 -2.61 13.79 -12.49
CA VAL B 331 -3.10 12.96 -11.40
C VAL B 331 -3.51 13.82 -10.22
N GLN B 332 -4.27 13.20 -9.30
CA GLN B 332 -4.63 13.73 -8.00
C GLN B 332 -5.54 14.95 -8.08
N CYS B 333 -6.77 14.78 -7.56
CA CYS B 333 -7.68 15.90 -7.28
C CYS B 333 -8.17 16.58 -8.56
N ILE B 334 -8.40 15.78 -9.59
CA ILE B 334 -9.04 16.24 -10.82
C ILE B 334 -10.46 15.69 -10.80
N MET B 335 -11.41 16.55 -10.48
CA MET B 335 -12.81 16.16 -10.34
C MET B 335 -13.30 15.44 -11.59
N PRO B 336 -13.71 14.17 -11.48
CA PRO B 336 -14.26 13.46 -12.64
C PRO B 336 -15.49 14.12 -13.24
N ALA B 337 -16.13 15.06 -12.53
CA ALA B 337 -17.25 15.80 -13.10
C ALA B 337 -16.83 16.71 -14.24
N LEU B 338 -15.53 17.02 -14.34
CA LEU B 338 -15.05 17.86 -15.45
C LEU B 338 -15.31 17.21 -16.80
N ALA B 339 -15.37 15.88 -16.86
CA ALA B 339 -15.67 15.20 -18.11
C ALA B 339 -17.09 15.49 -18.57
N LYS B 340 -18.06 15.44 -17.65
CA LYS B 340 -19.43 15.76 -18.00
C LYS B 340 -19.64 17.26 -18.16
N LEU B 341 -18.94 18.07 -17.36
CA LEU B 341 -19.09 19.52 -17.45
C LEU B 341 -18.57 20.05 -18.79
N SER B 342 -17.38 19.58 -19.22
CA SER B 342 -16.79 20.05 -20.46
C SER B 342 -17.60 19.66 -21.69
N LYS B 343 -18.58 18.77 -21.55
CA LYS B 343 -19.45 18.44 -22.67
C LYS B 343 -20.39 19.59 -23.00
N SER B 344 -20.65 20.48 -22.05
CA SER B 344 -21.49 21.65 -22.28
C SER B 344 -20.71 22.84 -22.83
N TYR B 345 -19.44 22.64 -23.17
CA TYR B 345 -18.59 23.70 -23.69
C TYR B 345 -17.65 23.09 -24.73
N HIS B 346 -16.90 23.96 -25.41
CA HIS B 346 -15.92 23.52 -26.40
C HIS B 346 -14.62 23.05 -25.78
N THR B 347 -14.48 23.15 -24.46
CA THR B 347 -13.23 22.80 -23.79
C THR B 347 -12.88 21.34 -24.02
N LYS B 348 -11.62 21.09 -24.38
CA LYS B 348 -11.11 19.73 -24.57
C LYS B 348 -10.46 19.29 -23.26
N PHE B 349 -11.18 18.47 -22.50
CA PHE B 349 -10.69 17.96 -21.22
C PHE B 349 -9.74 16.81 -21.50
N ILE B 350 -8.45 17.02 -21.25
CA ILE B 350 -7.40 16.08 -21.64
C ILE B 350 -6.79 15.47 -20.38
N THR B 351 -6.87 14.15 -20.27
CA THR B 351 -6.14 13.40 -19.25
C THR B 351 -4.86 12.85 -19.87
N THR B 352 -3.80 12.79 -19.06
CA THR B 352 -2.48 12.43 -19.58
C THR B 352 -1.85 11.27 -18.83
N SER B 353 -2.13 11.14 -17.53
CA SER B 353 -1.38 10.09 -16.87
C SER B 353 -2.18 8.80 -16.80
N PRO B 354 -1.53 7.65 -17.00
CA PRO B 354 -2.24 6.36 -16.85
C PRO B 354 -2.68 6.09 -15.43
N LYS B 355 -2.13 6.80 -14.44
CA LYS B 355 -2.57 6.61 -13.06
C LYS B 355 -3.94 7.20 -12.78
N ALA B 356 -4.44 8.08 -13.67
CA ALA B 356 -5.70 8.77 -13.45
C ALA B 356 -6.46 8.84 -14.79
N HIS B 357 -6.99 7.71 -15.22
CA HIS B 357 -7.91 7.69 -16.35
C HIS B 357 -9.28 8.20 -15.92
N ILE B 358 -9.90 9.01 -16.78
CA ILE B 358 -11.23 9.53 -16.55
C ILE B 358 -12.10 9.19 -17.75
N THR B 359 -13.27 8.61 -17.49
CA THR B 359 -14.16 8.17 -18.56
C THR B 359 -14.73 9.36 -19.30
N ASP B 360 -14.91 9.17 -20.62
CA ASP B 360 -15.47 10.20 -21.51
C ASP B 360 -14.57 11.43 -21.59
N SER B 361 -13.29 11.28 -21.33
CA SER B 361 -12.29 12.32 -21.51
C SER B 361 -11.40 11.98 -22.69
N ILE B 362 -10.52 12.93 -23.02
CA ILE B 362 -9.59 12.77 -24.13
C ILE B 362 -8.24 12.35 -23.55
N TYR B 363 -7.88 11.08 -23.73
CA TYR B 363 -6.64 10.54 -23.19
C TYR B 363 -5.51 10.75 -24.19
N MET B 364 -4.51 11.55 -23.81
CA MET B 364 -3.31 11.78 -24.59
C MET B 364 -2.14 11.44 -23.66
N GLU B 365 -1.71 10.19 -23.69
CA GLU B 365 -0.68 9.70 -22.77
C GLU B 365 0.59 10.52 -22.89
N PHE B 366 1.03 11.07 -21.77
CA PHE B 366 2.27 11.84 -21.72
C PHE B 366 3.45 10.90 -21.84
N ASP B 367 4.16 10.96 -22.97
CA ASP B 367 5.30 10.09 -23.23
C ASP B 367 6.49 10.63 -22.45
N GLU B 368 6.81 9.98 -21.32
CA GLU B 368 7.94 10.41 -20.51
C GLU B 368 9.28 10.08 -21.14
N GLU B 369 9.30 9.28 -22.20
CA GLU B 369 10.53 9.02 -22.93
C GLU B 369 10.81 10.07 -23.99
N ASN B 370 9.78 10.76 -24.48
CA ASN B 370 9.92 11.94 -25.33
C ASN B 370 9.07 13.04 -24.75
N PRO B 371 9.49 13.62 -23.61
CA PRO B 371 8.60 14.56 -22.89
C PRO B 371 8.25 15.81 -23.68
N LEU B 372 9.26 16.45 -24.30
CA LEU B 372 9.00 17.70 -25.00
C LEU B 372 8.13 17.49 -26.23
N ASP B 373 8.38 16.42 -26.99
CA ASP B 373 7.56 16.13 -28.16
C ASP B 373 6.11 15.86 -27.77
N SER B 374 5.91 15.09 -26.70
CA SER B 374 4.55 14.75 -26.27
C SER B 374 3.81 15.99 -25.76
N ALA B 375 4.50 16.88 -25.07
CA ALA B 375 3.85 18.09 -24.57
C ALA B 375 3.44 19.01 -25.71
N LYS B 376 4.27 19.09 -26.76
CA LYS B 376 3.90 19.86 -27.94
C LYS B 376 2.64 19.31 -28.58
N LYS B 377 2.57 17.98 -28.71
CA LYS B 377 1.40 17.34 -29.31
C LYS B 377 0.14 17.62 -28.51
N ILE B 378 0.23 17.61 -27.18
CA ILE B 378 -0.94 17.92 -26.35
C ILE B 378 -1.27 19.40 -26.44
N LEU B 379 -0.26 20.27 -26.40
CA LEU B 379 -0.50 21.70 -26.47
C LEU B 379 -1.04 22.10 -27.84
N LYS B 380 -0.62 21.39 -28.90
CA LYS B 380 -1.17 21.65 -30.22
C LYS B 380 -2.68 21.38 -30.25
N GLU B 381 -3.12 20.29 -29.63
CA GLU B 381 -4.54 19.96 -29.61
C GLU B 381 -5.36 20.98 -28.82
N ALA B 382 -4.74 21.72 -27.90
CA ALA B 382 -5.46 22.75 -27.18
C ALA B 382 -5.53 24.05 -27.97
N ILE B 383 -4.45 24.40 -28.69
CA ILE B 383 -4.46 25.58 -29.52
C ILE B 383 -5.42 25.42 -30.70
N LEU B 384 -5.43 24.24 -31.32
CA LEU B 384 -6.33 23.99 -32.44
C LEU B 384 -7.80 24.03 -32.04
N ASN B 385 -8.09 23.92 -30.74
CA ASN B 385 -9.47 23.96 -30.27
C ASN B 385 -9.96 25.38 -30.03
N PHE B 386 -9.06 26.37 -30.02
CA PHE B 386 -9.48 27.77 -30.00
C PHE B 386 -10.36 28.11 -31.19
N LYS B 387 -10.22 27.39 -32.29
CA LYS B 387 -11.06 27.63 -33.47
C LYS B 387 -12.54 27.42 -33.13
N ASN B 388 -12.85 26.46 -32.27
CA ASN B 388 -14.23 26.14 -31.95
C ASN B 388 -14.80 27.02 -30.83
N ARG B 389 -14.09 28.06 -30.42
CA ARG B 389 -14.58 28.92 -29.35
C ARG B 389 -15.70 29.82 -29.86
N ASP B 390 -16.76 29.94 -29.08
CA ASP B 390 -17.86 30.85 -29.36
C ASP B 390 -17.66 32.07 -28.47
N GLN B 391 -17.34 33.21 -29.08
CA GLN B 391 -16.96 34.41 -28.34
C GLN B 391 -18.14 35.20 -27.82
N SER B 392 -19.37 34.80 -28.13
CA SER B 392 -20.53 35.50 -27.58
C SER B 392 -20.88 34.99 -26.18
N LYS B 393 -20.57 33.74 -25.89
CA LYS B 393 -20.87 33.12 -24.60
C LYS B 393 -19.73 33.23 -23.59
N VAL B 394 -18.61 33.84 -23.96
CA VAL B 394 -17.43 33.90 -23.10
C VAL B 394 -17.67 34.92 -22.00
N MET B 395 -17.34 34.54 -20.76
CA MET B 395 -17.50 35.42 -19.61
C MET B 395 -16.30 35.20 -18.68
N ILE B 396 -15.33 36.10 -18.75
CA ILE B 396 -14.15 36.09 -17.91
C ILE B 396 -14.27 37.24 -16.92
N PRO B 397 -14.44 36.97 -15.62
CA PRO B 397 -14.60 38.06 -14.65
C PRO B 397 -13.35 38.93 -14.59
N GLU B 398 -13.56 40.25 -14.63
CA GLU B 398 -12.47 41.22 -14.61
C GLU B 398 -11.94 41.39 -13.19
N LEU B 399 -11.41 40.30 -12.64
CA LEU B 399 -10.93 40.27 -11.26
C LEU B 399 -9.66 39.44 -11.19
N LYS B 400 -8.53 40.10 -10.94
CA LYS B 400 -7.27 39.41 -10.76
C LYS B 400 -6.39 40.25 -9.84
N CYS B 401 -5.68 39.56 -8.93
CA CYS B 401 -4.82 40.27 -7.95
C CYS B 401 -3.38 39.80 -8.08
N LYS B 402 -2.43 40.74 -7.99
CA LYS B 402 -1.01 40.44 -8.06
C LYS B 402 -0.58 39.66 -6.82
N ALA B 403 0.46 38.85 -6.98
CA ALA B 403 0.98 38.03 -5.89
C ALA B 403 2.46 37.79 -6.11
N ILE B 404 3.19 37.65 -5.01
CA ILE B 404 4.62 37.33 -5.02
C ILE B 404 4.80 35.98 -4.34
N LEU B 405 5.47 35.06 -5.04
CA LEU B 405 5.71 33.72 -4.52
C LEU B 405 7.14 33.32 -4.86
N GLY B 406 7.45 32.05 -4.70
CA GLY B 406 8.80 31.56 -4.96
C GLY B 406 9.71 31.55 -3.76
N TYR B 407 9.16 31.47 -2.55
CA TYR B 407 9.95 31.61 -1.33
C TYR B 407 10.38 30.23 -0.83
N SER B 408 11.31 29.64 -1.56
CA SER B 408 11.96 28.41 -1.13
C SER B 408 12.87 28.69 0.07
N VAL B 409 13.31 27.62 0.72
CA VAL B 409 14.22 27.76 1.86
C VAL B 409 15.48 28.49 1.45
N GLU B 410 15.98 28.22 0.24
CA GLU B 410 17.18 28.89 -0.24
C GLU B 410 16.92 30.37 -0.48
N GLU B 411 15.77 30.72 -1.06
CA GLU B 411 15.47 32.13 -1.31
C GLU B 411 15.15 32.88 -0.03
N ILE B 412 14.45 32.22 0.91
CA ILE B 412 14.20 32.85 2.20
C ILE B 412 15.51 33.12 2.93
N ILE B 413 16.45 32.18 2.84
CA ILE B 413 17.77 32.38 3.43
C ILE B 413 18.50 33.49 2.69
N ASN B 414 18.35 33.56 1.37
CA ASN B 414 18.97 34.63 0.59
C ASN B 414 18.40 35.99 0.99
N LYS B 415 17.09 36.06 1.21
CA LYS B 415 16.48 37.31 1.66
C LYS B 415 16.98 37.72 3.04
N LEU B 416 17.29 36.74 3.90
CA LEU B 416 17.76 37.03 5.24
C LEU B 416 19.17 37.58 5.27
N ASP B 417 19.93 37.44 4.18
CA ASP B 417 21.30 37.95 4.16
C ASP B 417 21.34 39.47 4.01
N LYS B 418 20.26 40.10 3.56
CA LYS B 418 20.22 41.55 3.44
C LYS B 418 20.37 42.23 4.79
N VAL B 419 19.84 41.62 5.86
CA VAL B 419 19.78 42.27 7.16
C VAL B 419 20.88 41.78 8.10
N VAL B 420 21.88 41.07 7.58
CA VAL B 420 23.00 40.60 8.39
C VAL B 420 24.14 41.61 8.27
N ASN B 421 24.71 42.00 9.41
CA ASN B 421 25.87 42.88 9.38
C ASN B 421 27.07 42.10 8.85
N THR B 422 27.78 42.71 7.89
CA THR B 422 28.84 42.01 7.18
C THR B 422 29.93 41.50 8.13
N GLN B 423 30.19 42.23 9.21
CA GLN B 423 31.30 41.89 10.09
C GLN B 423 30.90 41.00 11.26
N ILE B 424 29.61 40.85 11.52
CA ILE B 424 29.14 40.18 12.74
C ILE B 424 28.72 38.75 12.46
N GLY B 425 27.46 38.53 12.10
CA GLY B 425 26.91 37.20 12.02
C GLY B 425 27.36 36.46 10.77
N PRO B 426 26.97 35.20 10.69
CA PRO B 426 27.29 34.40 9.50
C PRO B 426 26.23 34.53 8.42
N MET B 427 26.68 34.36 7.18
CA MET B 427 25.80 34.45 6.02
C MET B 427 25.26 33.08 5.66
N GLN B 428 24.15 33.10 4.90
CA GLN B 428 23.54 31.89 4.35
C GLN B 428 23.04 30.96 5.46
N THR B 429 22.51 31.54 6.54
CA THR B 429 21.91 30.77 7.62
C THR B 429 20.52 31.30 7.93
N VAL B 430 19.80 30.56 8.78
CA VAL B 430 18.48 30.98 9.24
C VAL B 430 18.57 31.74 10.56
N LYS B 431 19.73 32.26 10.90
CA LYS B 431 19.89 32.99 12.16
C LYS B 431 19.03 34.24 12.25
N PRO B 432 18.92 35.10 11.23
CA PRO B 432 18.04 36.28 11.35
C PRO B 432 16.61 35.91 11.74
N LEU B 433 16.09 34.82 11.19
CA LEU B 433 14.74 34.39 11.56
C LEU B 433 14.70 33.87 12.99
N ALA B 434 15.75 33.15 13.41
CA ALA B 434 15.80 32.67 14.79
C ALA B 434 15.91 33.82 15.78
N ASP B 435 16.58 34.90 15.40
CA ASP B 435 16.76 36.03 16.30
C ASP B 435 15.45 36.75 16.58
N VAL B 436 14.71 37.11 15.53
CA VAL B 436 13.44 37.82 15.72
C VAL B 436 12.44 36.96 16.48
N LEU B 437 12.56 35.64 16.36
CA LEU B 437 11.71 34.75 17.14
C LEU B 437 12.16 34.71 18.60
N VAL B 438 13.46 34.54 18.83
CA VAL B 438 13.99 34.55 20.19
C VAL B 438 13.80 35.91 20.85
N SER B 439 14.06 36.99 20.09
CA SER B 439 13.93 38.34 20.64
C SER B 439 12.47 38.63 21.03
N GLY B 440 11.52 38.14 20.24
CA GLY B 440 10.11 38.38 20.49
C GLY B 440 9.44 39.31 19.51
N VAL B 441 10.17 39.84 18.52
CA VAL B 441 9.54 40.67 17.50
C VAL B 441 8.48 39.87 16.76
N LEU B 442 8.84 38.66 16.32
CA LEU B 442 7.87 37.71 15.80
C LEU B 442 7.42 36.78 16.92
N ARG B 443 6.12 36.79 17.22
CA ARG B 443 5.61 35.92 18.27
C ARG B 443 5.78 34.45 17.93
N GLY B 444 5.66 34.11 16.65
CA GLY B 444 5.82 32.73 16.22
C GLY B 444 5.69 32.63 14.72
N ALA B 445 5.74 31.39 14.24
CA ALA B 445 5.62 31.10 12.82
C ALA B 445 4.55 30.04 12.62
N ALA B 446 3.63 30.29 11.69
CA ALA B 446 2.52 29.40 11.42
C ALA B 446 2.52 29.01 9.95
N ALA B 447 2.14 27.76 9.69
CA ALA B 447 2.03 27.23 8.33
C ALA B 447 0.55 26.95 8.05
N VAL B 448 -0.03 27.74 7.14
CA VAL B 448 -1.43 27.59 6.77
C VAL B 448 -1.48 26.87 5.43
N VAL B 449 -1.84 25.59 5.46
CA VAL B 449 -1.99 24.79 4.25
C VAL B 449 -3.41 24.22 4.24
N GLY B 450 -3.73 23.40 3.26
CA GLY B 450 -4.98 22.69 3.22
C GLY B 450 -5.68 22.85 1.89
N CYS B 451 -6.87 22.26 1.82
CA CYS B 451 -7.66 22.16 0.61
C CYS B 451 -8.78 23.19 0.63
N ASN B 452 -9.80 22.97 -0.19
CA ASN B 452 -11.12 23.57 -0.02
C ASN B 452 -12.11 22.46 0.31
N ASN B 453 -13.22 22.85 0.95
CA ASN B 453 -14.21 21.88 1.35
C ASN B 453 -15.57 22.53 1.29
N PRO B 454 -16.57 21.89 0.68
CA PRO B 454 -17.93 22.48 0.67
C PRO B 454 -18.50 22.69 2.06
N LYS B 455 -18.03 21.95 3.06
CA LYS B 455 -18.47 22.12 4.44
C LYS B 455 -18.04 23.47 5.02
N VAL B 456 -17.12 24.17 4.37
CA VAL B 456 -16.68 25.49 4.79
C VAL B 456 -16.83 26.44 3.61
N VAL B 457 -17.28 27.67 3.88
CA VAL B 457 -17.32 28.70 2.86
C VAL B 457 -15.93 28.83 2.26
N GLN B 458 -15.78 28.49 0.98
CA GLN B 458 -14.47 28.34 0.38
C GLN B 458 -13.67 29.64 0.46
N ASP B 459 -12.41 29.51 0.89
CA ASP B 459 -11.44 30.61 1.04
C ASP B 459 -11.73 31.50 2.24
N SER B 460 -12.89 31.32 2.87
CA SER B 460 -13.23 32.17 4.02
C SER B 460 -12.41 31.81 5.26
N ALA B 461 -12.32 30.52 5.57
CA ALA B 461 -11.56 30.09 6.74
C ALA B 461 -10.06 30.27 6.52
N HIS B 462 -9.59 30.10 5.27
CA HIS B 462 -8.19 30.33 4.98
C HIS B 462 -7.80 31.77 5.24
N ILE B 463 -8.58 32.72 4.71
CA ILE B 463 -8.21 34.13 4.82
C ILE B 463 -8.38 34.63 6.24
N GLU B 464 -9.46 34.21 6.92
CA GLU B 464 -9.68 34.66 8.30
C GLU B 464 -8.59 34.15 9.24
N THR B 465 -8.04 32.96 8.97
CA THR B 465 -6.96 32.44 9.81
C THR B 465 -5.67 33.19 9.56
N ILE B 466 -5.28 33.35 8.29
CA ILE B 466 -4.04 34.03 7.95
C ILE B 466 -4.07 35.47 8.45
N LYS B 467 -5.15 36.20 8.15
CA LYS B 467 -5.27 37.58 8.60
C LYS B 467 -5.18 37.69 10.11
N GLY B 468 -5.81 36.76 10.83
CA GLY B 468 -5.74 36.78 12.29
C GLY B 468 -4.34 36.55 12.81
N LEU B 469 -3.60 35.63 12.18
CA LEU B 469 -2.26 35.30 12.64
C LEU B 469 -1.29 36.46 12.39
N ILE B 470 -1.30 37.00 11.18
CA ILE B 470 -0.37 38.09 10.87
C ILE B 470 -0.69 39.34 11.68
N LYS B 471 -1.95 39.52 12.09
CA LYS B 471 -2.28 40.64 12.95
C LYS B 471 -1.66 40.49 14.33
N ASN B 472 -1.44 39.25 14.78
CA ASN B 472 -0.81 38.97 16.06
C ASN B 472 0.70 38.81 15.96
N ASP B 473 1.32 39.39 14.92
CA ASP B 473 2.77 39.31 14.70
C ASP B 473 3.24 37.87 14.59
N VAL B 474 2.53 37.08 13.78
CA VAL B 474 2.88 35.69 13.52
C VAL B 474 3.03 35.56 12.01
N ILE B 475 4.28 35.44 11.53
CA ILE B 475 4.52 35.27 10.11
C ILE B 475 3.89 33.95 9.65
N VAL B 476 3.31 33.98 8.46
CA VAL B 476 2.56 32.85 7.91
C VAL B 476 3.23 32.39 6.63
N VAL B 477 3.45 31.09 6.51
CA VAL B 477 3.88 30.45 5.28
C VAL B 477 2.75 29.56 4.79
N VAL B 478 2.58 29.51 3.46
CA VAL B 478 1.41 28.86 2.87
C VAL B 478 1.84 28.01 1.69
N THR B 479 1.15 26.88 1.52
CA THR B 479 1.33 26.00 0.36
C THR B 479 -0.05 25.52 -0.10
N GLY B 480 -0.08 24.94 -1.30
CA GLY B 480 -1.30 24.35 -1.81
C GLY B 480 -2.40 25.37 -2.10
N CYS B 481 -3.64 24.92 -1.90
CA CYS B 481 -4.78 25.79 -2.19
C CYS B 481 -4.90 26.92 -1.18
N ALA B 482 -4.45 26.71 0.06
CA ALA B 482 -4.43 27.80 1.03
C ALA B 482 -3.54 28.94 0.55
N ALA B 483 -2.42 28.61 -0.09
CA ALA B 483 -1.55 29.63 -0.66
C ALA B 483 -2.24 30.37 -1.79
N GLN B 484 -2.98 29.65 -2.64
CA GLN B 484 -3.67 30.28 -3.76
C GLN B 484 -4.85 31.11 -3.29
N ALA B 485 -5.48 30.72 -2.17
CA ALA B 485 -6.52 31.56 -1.59
C ALA B 485 -5.96 32.90 -1.15
N ALA B 486 -4.75 32.90 -0.57
CA ALA B 486 -4.11 34.15 -0.17
C ALA B 486 -3.72 34.99 -1.37
N ALA B 487 -3.27 34.34 -2.44
CA ALA B 487 -2.88 35.07 -3.65
C ALA B 487 -4.08 35.78 -4.26
N LYS B 488 -5.21 35.08 -4.39
CA LYS B 488 -6.41 35.68 -4.96
C LYS B 488 -6.88 36.87 -4.13
N TYR B 489 -6.91 36.71 -2.80
CA TYR B 489 -7.34 37.79 -1.92
C TYR B 489 -6.39 38.98 -1.98
N GLY B 490 -5.12 38.74 -2.28
CA GLY B 490 -4.12 39.78 -2.31
C GLY B 490 -3.24 39.87 -1.09
N LEU B 491 -2.97 38.75 -0.43
CA LEU B 491 -2.09 38.75 0.74
C LEU B 491 -0.62 38.55 0.38
N LEU B 492 -0.33 37.94 -0.76
CA LEU B 492 1.04 37.72 -1.21
C LEU B 492 1.69 38.96 -1.80
N GLN B 493 1.39 40.14 -1.25
CA GLN B 493 1.95 41.39 -1.72
C GLN B 493 2.70 42.07 -0.58
N LYS B 494 3.77 42.78 -0.94
CA LYS B 494 4.53 43.54 0.05
C LYS B 494 3.70 44.66 0.67
N GLU B 495 2.68 45.14 -0.03
CA GLU B 495 1.81 46.18 0.52
C GLU B 495 0.92 45.65 1.63
N ALA B 496 0.74 44.32 1.72
CA ALA B 496 -0.11 43.72 2.74
C ALA B 496 0.49 43.79 4.14
N ALA B 497 1.74 44.21 4.29
CA ALA B 497 2.35 44.29 5.61
C ALA B 497 1.68 45.36 6.46
N GLU B 498 1.68 46.60 5.97
CA GLU B 498 1.02 47.68 6.69
C GLU B 498 -0.50 47.50 6.72
N LYS B 499 -1.05 46.77 5.75
CA LYS B 499 -2.50 46.63 5.66
C LYS B 499 -3.04 45.71 6.76
N TYR B 500 -2.49 44.50 6.87
CA TYR B 500 -3.08 43.46 7.71
C TYR B 500 -2.18 42.97 8.83
N ALA B 501 -0.86 43.11 8.71
CA ALA B 501 0.05 42.57 9.70
C ALA B 501 0.17 43.51 10.90
N GLY B 502 0.58 42.93 12.03
CA GLY B 502 0.82 43.71 13.21
C GLY B 502 2.10 44.53 13.10
N PRO B 503 2.43 45.24 14.19
CA PRO B 503 3.66 46.07 14.15
C PRO B 503 4.93 45.27 13.97
N GLY B 504 5.13 44.21 14.77
CA GLY B 504 6.35 43.43 14.67
C GLY B 504 6.56 42.80 13.30
N LEU B 505 5.52 42.14 12.78
CA LEU B 505 5.66 41.46 11.49
C LEU B 505 5.85 42.46 10.35
N ALA B 506 5.13 43.58 10.38
CA ALA B 506 5.29 44.60 9.34
C ALA B 506 6.70 45.16 9.32
N THR B 507 7.32 45.30 10.49
CA THR B 507 8.70 45.78 10.55
C THR B 507 9.66 44.76 9.96
N VAL B 508 9.43 43.48 10.22
CA VAL B 508 10.25 42.43 9.62
C VAL B 508 10.11 42.45 8.11
N CYS B 509 8.89 42.73 7.61
CA CYS B 509 8.65 42.77 6.17
C CYS B 509 9.39 43.92 5.51
N LYS B 510 9.47 45.07 6.18
CA LYS B 510 10.16 46.22 5.60
C LYS B 510 11.66 45.97 5.54
N LEU B 511 12.24 45.41 6.60
CA LEU B 511 13.70 45.21 6.63
C LEU B 511 14.12 44.13 5.63
N VAL B 512 13.39 43.02 5.57
CA VAL B 512 13.77 41.92 4.68
C VAL B 512 13.24 42.12 3.27
N ASP B 513 12.25 43.00 3.09
CA ASP B 513 11.60 43.24 1.79
C ASP B 513 10.88 41.97 1.31
N ILE B 514 9.91 41.55 2.11
CA ILE B 514 9.10 40.35 1.83
C ILE B 514 7.66 40.61 2.24
N PRO B 515 6.73 39.89 1.62
CA PRO B 515 5.33 39.99 2.04
C PRO B 515 5.11 39.29 3.36
N PRO B 516 4.03 39.62 4.08
CA PRO B 516 3.76 38.93 5.35
C PRO B 516 3.40 37.47 5.19
N VAL B 517 2.95 37.05 4.02
CA VAL B 517 2.58 35.67 3.75
C VAL B 517 3.52 35.13 2.68
N LEU B 518 4.25 34.06 3.01
CA LEU B 518 5.28 33.50 2.14
C LEU B 518 4.75 32.25 1.46
N HIS B 519 4.54 32.33 0.15
CA HIS B 519 4.14 31.18 -0.64
C HIS B 519 5.36 30.30 -0.88
N MET B 520 5.34 29.08 -0.35
CA MET B 520 6.48 28.18 -0.40
C MET B 520 6.30 27.03 -1.37
N GLY B 521 5.25 27.04 -2.18
CA GLY B 521 5.12 26.10 -3.28
C GLY B 521 3.90 25.20 -3.12
N SER B 522 4.02 23.99 -3.67
CA SER B 522 2.93 23.04 -3.71
C SER B 522 2.84 22.30 -2.37
N CYS B 523 1.99 21.29 -2.29
CA CYS B 523 1.82 20.56 -1.04
C CYS B 523 2.93 19.54 -0.79
N VAL B 524 3.64 19.12 -1.83
CA VAL B 524 4.88 18.38 -1.60
C VAL B 524 5.97 19.31 -1.10
N ASP B 525 5.85 20.61 -1.37
CA ASP B 525 6.79 21.61 -0.89
C ASP B 525 6.60 21.96 0.59
N ILE B 526 5.65 21.30 1.27
CA ILE B 526 5.53 21.46 2.71
C ILE B 526 6.81 20.99 3.40
N SER B 527 7.54 20.06 2.75
CA SER B 527 8.84 19.65 3.26
C SER B 527 9.78 20.84 3.45
N ARG B 528 9.63 21.88 2.64
CA ARG B 528 10.42 23.10 2.84
C ARG B 528 10.15 23.70 4.21
N ILE B 529 8.90 23.62 4.68
CA ILE B 529 8.58 24.13 6.01
C ILE B 529 9.22 23.25 7.08
N LEU B 530 9.19 21.93 6.88
CA LEU B 530 9.94 21.04 7.78
C LEU B 530 11.43 21.31 7.68
N ASP B 531 11.94 21.50 6.47
CA ASP B 531 13.31 21.94 6.28
C ASP B 531 13.58 23.25 7.01
N LEU B 532 12.64 24.19 6.95
CA LEU B 532 12.83 25.50 7.56
C LEU B 532 12.78 25.40 9.08
N VAL B 533 11.70 24.82 9.62
CA VAL B 533 11.55 24.73 11.08
C VAL B 533 12.68 23.89 11.67
N GLY B 534 13.11 22.84 10.94
CA GLY B 534 14.19 22.01 11.43
C GLY B 534 15.50 22.77 11.57
N ARG B 535 15.82 23.62 10.60
CA ARG B 535 17.07 24.39 10.66
C ARG B 535 17.06 25.33 11.86
N VAL B 536 15.91 25.91 12.19
CA VAL B 536 15.83 26.82 13.33
C VAL B 536 15.97 26.06 14.64
N ALA B 537 15.38 24.86 14.71
CA ALA B 537 15.53 24.04 15.91
C ALA B 537 16.97 23.62 16.12
N ASN B 538 17.66 23.23 15.04
CA ASN B 538 19.06 22.84 15.14
C ASN B 538 19.94 24.03 15.50
N LEU B 539 19.65 25.20 14.92
CA LEU B 539 20.45 26.38 15.18
C LEU B 539 20.34 26.84 16.62
N LEU B 540 19.21 26.55 17.28
CA LEU B 540 19.01 26.90 18.68
C LEU B 540 19.24 25.73 19.62
N GLY B 541 19.77 24.62 19.11
CA GLY B 541 20.08 23.48 19.97
C GLY B 541 18.89 22.89 20.68
N VAL B 542 17.69 23.00 20.11
CA VAL B 542 16.48 22.48 20.70
C VAL B 542 15.77 21.57 19.70
N ASP B 543 14.71 20.93 20.16
CA ASP B 543 13.87 20.12 19.30
C ASP B 543 12.78 20.98 18.68
N MET B 544 12.06 20.40 17.72
CA MET B 544 11.02 21.15 17.03
C MET B 544 9.76 21.29 17.88
N SER B 545 9.53 20.38 18.81
CA SER B 545 8.40 20.50 19.72
C SER B 545 8.58 21.61 20.75
N ASP B 546 9.75 22.25 20.76
CA ASP B 546 10.00 23.36 21.68
C ASP B 546 9.76 24.72 21.04
N LEU B 547 9.79 24.80 19.71
CA LEU B 547 9.66 26.08 19.01
C LEU B 547 8.19 26.52 18.98
N PRO B 548 7.96 27.84 18.96
CA PRO B 548 6.57 28.36 18.82
C PRO B 548 6.09 28.29 17.38
N VAL B 549 5.82 27.07 16.90
CA VAL B 549 5.41 26.82 15.53
C VAL B 549 4.06 26.11 15.55
N ALA B 550 3.29 26.33 14.49
CA ALA B 550 1.97 25.73 14.39
C ALA B 550 1.59 25.55 12.92
N GLY B 551 0.78 24.55 12.65
CA GLY B 551 0.25 24.30 11.32
C GLY B 551 -1.27 24.36 11.33
N VAL B 552 -1.84 24.92 10.27
CA VAL B 552 -3.28 25.12 10.18
C VAL B 552 -3.77 24.52 8.87
N ALA B 553 -4.91 23.82 8.94
CA ALA B 553 -5.60 23.27 7.77
C ALA B 553 -7.07 23.69 7.86
N PRO B 554 -7.38 24.94 7.49
CA PRO B 554 -8.73 25.45 7.73
C PRO B 554 -9.82 24.74 6.93
N GLU B 555 -9.53 24.30 5.71
CA GLU B 555 -10.55 23.73 4.84
C GLU B 555 -10.03 22.46 4.17
N TRP B 556 -9.41 21.58 4.96
CA TRP B 556 -8.82 20.37 4.40
C TRP B 556 -9.90 19.41 3.91
N MET B 557 -9.49 18.44 3.10
CA MET B 557 -10.43 17.51 2.49
C MET B 557 -9.79 16.18 2.12
N SER B 558 -8.63 16.23 1.46
CA SER B 558 -8.04 15.04 0.88
C SER B 558 -7.41 14.15 1.95
N GLU B 559 -7.25 12.86 1.60
CA GLU B 559 -6.47 11.97 2.45
C GLU B 559 -5.02 12.43 2.54
N LYS B 560 -4.53 13.12 1.50
CA LYS B 560 -3.20 13.71 1.56
C LYS B 560 -3.11 14.71 2.71
N ALA B 561 -4.17 15.49 2.93
CA ALA B 561 -4.20 16.40 4.07
C ALA B 561 -4.07 15.63 5.39
N VAL B 562 -4.73 14.48 5.48
CA VAL B 562 -4.61 13.66 6.69
C VAL B 562 -3.16 13.21 6.89
N ALA B 563 -2.53 12.75 5.81
CA ALA B 563 -1.14 12.34 5.89
C ALA B 563 -0.22 13.53 6.16
N ILE B 564 -0.54 14.69 5.57
CA ILE B 564 0.26 15.88 5.81
C ILE B 564 0.20 16.29 7.27
N GLY B 565 -1.01 16.42 7.81
CA GLY B 565 -1.16 16.80 9.21
C GLY B 565 -0.51 15.82 10.18
N THR B 566 -0.50 14.54 9.84
CA THR B 566 0.03 13.54 10.75
C THR B 566 1.55 13.68 10.90
N TYR B 567 2.28 13.75 9.77
CA TYR B 567 3.73 13.84 9.86
C TYR B 567 4.19 15.19 10.41
N VAL B 568 3.34 16.22 10.33
CA VAL B 568 3.68 17.50 10.95
C VAL B 568 3.61 17.39 12.46
N VAL B 569 2.61 16.67 12.99
CA VAL B 569 2.51 16.50 14.43
C VAL B 569 3.62 15.59 14.95
N THR B 570 3.88 14.48 14.25
CA THR B 570 4.94 13.58 14.67
C THR B 570 6.30 14.26 14.61
N SER B 571 6.49 15.21 13.69
CA SER B 571 7.72 15.98 13.65
C SER B 571 7.85 16.89 14.88
N GLY B 572 6.72 17.29 15.46
CA GLY B 572 6.75 18.10 16.67
C GLY B 572 6.14 19.48 16.49
N ILE B 573 5.16 19.60 15.60
CA ILE B 573 4.52 20.87 15.30
C ILE B 573 3.02 20.73 15.54
N ASP B 574 2.46 21.59 16.38
CA ASP B 574 1.03 21.57 16.64
C ASP B 574 0.24 21.87 15.37
N THR B 575 -0.85 21.15 15.17
CA THR B 575 -1.65 21.24 13.95
C THR B 575 -3.10 21.50 14.28
N TRP B 576 -3.66 22.56 13.69
CA TRP B 576 -5.06 22.90 13.83
C TRP B 576 -5.83 22.44 12.60
N LEU B 577 -7.02 21.87 12.83
CA LEU B 577 -7.88 21.38 11.76
C LEU B 577 -9.19 22.15 11.78
N GLY B 578 -9.53 22.77 10.64
CA GLY B 578 -10.78 23.48 10.50
C GLY B 578 -11.96 22.63 10.10
N VAL B 579 -11.72 21.42 9.64
CA VAL B 579 -12.76 20.46 9.29
C VAL B 579 -12.61 19.23 10.16
N ALA B 580 -13.70 18.81 10.79
CA ALA B 580 -13.65 17.70 11.74
C ALA B 580 -13.36 16.40 11.01
N PRO B 581 -12.31 15.67 11.37
CA PRO B 581 -12.06 14.36 10.75
C PRO B 581 -13.01 13.32 11.30
N PRO B 582 -13.27 12.24 10.55
CA PRO B 582 -14.20 11.21 11.03
C PRO B 582 -13.62 10.38 12.17
N VAL B 583 -13.59 10.96 13.38
CA VAL B 583 -13.02 10.27 14.54
C VAL B 583 -13.92 10.46 15.75
N THR B 584 -15.04 11.15 15.59
CA THR B 584 -15.88 11.49 16.74
C THR B 584 -16.53 10.26 17.37
N GLY B 585 -16.56 9.13 16.67
CA GLY B 585 -17.13 7.93 17.22
C GLY B 585 -16.22 7.11 18.11
N GLY B 586 -14.93 7.45 18.16
CA GLY B 586 -13.98 6.73 18.98
C GLY B 586 -13.43 7.59 20.09
N PRO B 587 -13.92 7.40 21.31
CA PRO B 587 -13.46 8.22 22.43
C PRO B 587 -11.97 8.10 22.71
N GLU B 588 -11.41 6.89 22.60
CA GLU B 588 -9.98 6.73 22.85
C GLU B 588 -9.14 7.36 21.75
N VAL B 589 -9.61 7.28 20.50
CA VAL B 589 -8.89 7.89 19.39
C VAL B 589 -8.85 9.40 19.53
N VAL B 590 -9.94 9.99 20.00
CA VAL B 590 -9.98 11.44 20.22
C VAL B 590 -9.00 11.84 21.31
N ASP B 591 -8.93 11.05 22.39
CA ASP B 591 -7.98 11.34 23.47
C ASP B 591 -6.55 11.22 23.00
N ILE B 592 -6.26 10.30 22.08
CA ILE B 592 -4.89 10.13 21.59
C ILE B 592 -4.48 11.33 20.74
N LEU B 593 -5.36 11.75 19.83
CA LEU B 593 -4.99 12.78 18.86
C LEU B 593 -4.94 14.18 19.48
N THR B 594 -5.73 14.44 20.52
CA THR B 594 -5.85 15.78 21.07
C THR B 594 -5.28 15.92 22.48
N ASN B 595 -4.66 14.87 23.03
CA ASN B 595 -4.08 14.97 24.36
C ASN B 595 -2.87 14.06 24.51
N LYS B 596 -3.07 12.75 24.35
CA LYS B 596 -2.00 11.79 24.56
C LYS B 596 -0.85 11.97 23.57
N MET B 597 -1.13 12.53 22.39
CA MET B 597 -0.08 12.77 21.41
C MET B 597 1.01 13.67 21.97
N GLU B 598 0.63 14.65 22.80
CA GLU B 598 1.60 15.56 23.40
C GLU B 598 2.68 14.80 24.17
N ASP B 599 2.29 13.77 24.91
CA ASP B 599 3.25 12.98 25.68
C ASP B 599 4.14 12.12 24.79
N TRP B 600 3.81 11.95 23.51
CA TRP B 600 4.58 11.09 22.61
C TRP B 600 5.58 11.87 21.76
N VAL B 601 5.17 12.96 21.14
CA VAL B 601 6.01 13.65 20.16
C VAL B 601 6.06 15.14 20.44
N GLY B 602 5.52 15.57 21.58
CA GLY B 602 5.56 16.96 21.95
C GLY B 602 4.62 17.86 21.18
N ALA B 603 3.62 17.30 20.51
CA ALA B 603 2.64 18.08 19.78
C ALA B 603 1.33 17.29 19.74
N LYS B 604 0.26 17.97 19.36
CA LYS B 604 -1.06 17.34 19.31
C LYS B 604 -1.93 18.04 18.28
N PHE B 605 -3.04 17.40 17.94
CA PHE B 605 -4.00 17.93 16.99
C PHE B 605 -4.99 18.85 17.69
N PHE B 606 -5.51 19.82 16.94
CA PHE B 606 -6.55 20.72 17.43
C PHE B 606 -7.70 20.74 16.42
N ILE B 607 -8.92 20.60 16.91
CA ILE B 607 -10.12 20.63 16.08
C ILE B 607 -10.90 21.89 16.45
N GLU B 608 -10.89 22.88 15.58
CA GLU B 608 -11.62 24.13 15.79
C GLU B 608 -12.16 24.60 14.45
N THR B 609 -13.49 24.66 14.33
CA THR B 609 -14.11 25.10 13.08
C THR B 609 -14.13 26.61 12.95
N ASP B 610 -14.11 27.33 14.08
CA ASP B 610 -14.13 28.79 14.03
C ASP B 610 -12.71 29.32 13.85
N PRO B 611 -12.41 30.00 12.74
CA PRO B 611 -11.04 30.51 12.55
C PRO B 611 -10.63 31.53 13.59
N HIS B 612 -11.55 32.40 14.02
CA HIS B 612 -11.22 33.38 15.05
C HIS B 612 -10.88 32.71 16.37
N LYS B 613 -11.54 31.58 16.68
CA LYS B 613 -11.18 30.83 17.88
C LYS B 613 -9.82 30.15 17.72
N ALA B 614 -9.52 29.67 16.50
CA ALA B 614 -8.26 28.99 16.27
C ALA B 614 -7.07 29.93 16.44
N VAL B 615 -7.19 31.16 15.93
CA VAL B 615 -6.11 32.13 16.06
C VAL B 615 -5.79 32.38 17.54
N GLU B 616 -6.82 32.54 18.36
CA GLU B 616 -6.62 32.68 19.80
C GLU B 616 -5.88 31.48 20.36
N GLN B 617 -6.30 30.26 19.98
CA GLN B 617 -5.66 29.06 20.48
C GLN B 617 -4.21 28.96 20.01
N ILE B 618 -3.93 29.37 18.76
CA ILE B 618 -2.57 29.31 18.24
C ILE B 618 -1.68 30.28 18.99
N VAL B 619 -2.16 31.51 19.22
CA VAL B 619 -1.35 32.51 19.91
C VAL B 619 -1.08 32.08 21.34
N ASN B 620 -2.10 31.54 22.02
CA ASN B 620 -1.93 31.13 23.41
C ASN B 620 -1.01 29.92 23.52
N ARG B 621 -1.13 28.97 22.61
CA ARG B 621 -0.24 27.80 22.63
C ARG B 621 1.21 28.22 22.38
N MET B 622 1.44 29.12 21.42
CA MET B 622 2.79 29.59 21.14
C MET B 622 3.38 30.31 22.35
N ASN B 623 2.62 31.24 22.93
CA ASN B 623 3.07 31.95 24.12
C ASN B 623 3.40 30.98 25.26
N GLU B 624 2.65 29.89 25.36
CA GLU B 624 2.96 28.87 26.37
C GLU B 624 4.30 28.23 26.09
N LYS B 625 4.58 27.88 24.83
CA LYS B 625 5.86 27.29 24.47
C LYS B 625 7.00 28.31 24.58
N ARG B 626 6.70 29.59 24.35
CA ARG B 626 7.71 30.63 24.53
C ARG B 626 8.11 30.76 26.00
N LYS B 627 7.13 30.79 26.90
CA LYS B 627 7.44 30.86 28.33
C LYS B 627 8.22 29.62 28.78
N LYS B 628 7.84 28.44 28.29
CA LYS B 628 8.57 27.23 28.64
C LYS B 628 10.02 27.29 28.16
N LEU B 629 10.27 27.98 27.05
CA LEU B 629 11.62 28.11 26.52
C LEU B 629 12.38 29.29 27.11
N GLY B 630 11.67 30.26 27.69
CA GLY B 630 12.31 31.42 28.26
C GLY B 630 12.54 32.52 27.25
N ILE B 631 11.60 32.69 26.33
CA ILE B 631 11.70 33.71 25.28
C ILE B 631 10.39 34.47 25.16
N GLU C 3 -35.37 -20.70 11.99
CA GLU C 3 -34.33 -19.94 11.29
C GLU C 3 -33.37 -20.86 10.57
N LYS C 4 -32.38 -20.28 9.90
CA LYS C 4 -31.34 -21.05 9.22
C LYS C 4 -30.35 -21.61 10.22
N ALA C 5 -29.90 -22.84 9.94
CA ALA C 5 -28.90 -23.48 10.79
C ALA C 5 -27.59 -22.70 10.72
N LYS C 6 -26.91 -22.59 11.86
CA LYS C 6 -25.65 -21.84 11.90
C LYS C 6 -24.50 -22.60 11.27
N SER C 7 -24.52 -23.93 11.32
CA SER C 7 -23.42 -24.73 10.81
C SER C 7 -23.94 -26.10 10.40
N ILE C 8 -23.03 -26.91 9.83
CA ILE C 8 -23.30 -28.31 9.54
C ILE C 8 -22.45 -29.25 10.38
N ASP C 9 -21.44 -28.75 11.07
CA ASP C 9 -20.60 -29.58 11.92
C ASP C 9 -21.28 -29.82 13.26
N GLN C 10 -21.30 -31.09 13.70
CA GLN C 10 -21.99 -31.43 14.94
C GLN C 10 -21.29 -30.80 16.15
N ALA C 11 -19.97 -30.95 16.24
CA ALA C 11 -19.23 -30.35 17.34
C ALA C 11 -19.40 -28.83 17.36
N THR C 12 -19.54 -28.22 16.19
CA THR C 12 -19.80 -26.78 16.13
C THR C 12 -21.16 -26.44 16.75
N LEU C 13 -22.16 -27.29 16.54
CA LEU C 13 -23.49 -27.03 17.08
C LEU C 13 -23.55 -27.31 18.57
N GLN C 14 -22.86 -28.35 19.04
CA GLN C 14 -22.88 -28.68 20.46
C GLN C 14 -22.29 -27.56 21.30
N LEU C 15 -21.14 -27.01 20.87
CA LEU C 15 -20.50 -25.95 21.61
C LEU C 15 -21.20 -24.61 21.45
N LEU C 16 -21.95 -24.42 20.35
CA LEU C 16 -22.75 -23.20 20.22
C LEU C 16 -23.86 -23.15 21.26
N ASP C 17 -24.33 -24.31 21.72
CA ASP C 17 -25.30 -24.34 22.80
C ASP C 17 -24.64 -24.03 24.14
N LYS C 18 -23.42 -24.52 24.36
CA LYS C 18 -22.69 -24.20 25.58
C LYS C 18 -22.38 -22.70 25.64
N ALA C 19 -22.07 -22.10 24.49
CA ALA C 19 -21.86 -20.65 24.46
C ALA C 19 -23.14 -19.90 24.84
N LYS C 20 -24.30 -20.43 24.47
CA LYS C 20 -25.56 -19.84 24.91
C LYS C 20 -25.79 -20.07 26.40
N GLN C 21 -25.44 -21.26 26.90
CA GLN C 21 -25.60 -21.55 28.32
C GLN C 21 -24.67 -20.69 29.17
N ASP C 22 -23.39 -20.61 28.78
CA ASP C 22 -22.43 -19.79 29.51
C ASP C 22 -22.71 -18.30 29.38
N GLY C 23 -23.55 -17.91 28.41
CA GLY C 23 -23.91 -16.51 28.27
C GLY C 23 -22.90 -15.64 27.56
N VAL C 24 -22.15 -16.20 26.61
CA VAL C 24 -21.15 -15.43 25.87
C VAL C 24 -21.60 -15.29 24.43
N GLU C 25 -21.13 -14.23 23.78
CA GLU C 25 -21.48 -13.95 22.40
C GLU C 25 -20.50 -14.60 21.43
N THR C 26 -21.01 -14.97 20.26
CA THR C 26 -20.23 -15.54 19.19
C THR C 26 -20.36 -14.68 17.94
N VAL C 27 -19.60 -15.04 16.90
CA VAL C 27 -19.68 -14.32 15.63
C VAL C 27 -21.07 -14.43 15.05
N TRP C 28 -21.76 -15.55 15.29
CA TRP C 28 -23.15 -15.67 14.85
C TRP C 28 -24.04 -14.68 15.57
N ASP C 29 -23.79 -14.45 16.86
CA ASP C 29 -24.62 -13.55 17.65
C ASP C 29 -24.43 -12.10 17.20
N ARG C 30 -23.19 -11.73 16.86
CA ARG C 30 -22.91 -10.36 16.41
C ARG C 30 -23.40 -10.11 14.98
N LYS C 31 -23.52 -11.16 14.17
CA LYS C 31 -24.09 -11.01 12.84
C LYS C 31 -25.58 -10.65 12.93
N ALA C 32 -26.32 -11.32 13.80
CA ALA C 32 -27.74 -11.02 13.97
C ALA C 32 -27.95 -9.63 14.56
N ASP C 33 -27.01 -9.15 15.39
CA ASP C 33 -27.15 -7.82 15.96
C ASP C 33 -26.99 -6.72 14.92
N MET C 34 -26.22 -6.99 13.86
CA MET C 34 -26.06 -6.02 12.78
C MET C 34 -27.35 -5.79 12.02
N LYS C 35 -28.29 -6.72 12.10
CA LYS C 35 -29.64 -6.63 11.50
C LYS C 35 -29.46 -6.45 9.98
N VAL C 36 -30.20 -5.53 9.37
CA VAL C 36 -30.14 -5.32 7.92
C VAL C 36 -28.89 -4.50 7.63
N GLN C 37 -27.86 -5.14 7.08
CA GLN C 37 -26.68 -4.40 6.66
C GLN C 37 -27.04 -3.48 5.50
N CYS C 38 -26.31 -2.36 5.40
CA CYS C 38 -26.67 -1.32 4.45
C CYS C 38 -26.54 -1.80 3.02
N GLY C 39 -27.54 -1.47 2.21
CA GLY C 39 -27.51 -1.78 0.79
C GLY C 39 -26.63 -0.89 -0.05
N PHE C 40 -26.12 0.20 0.52
CA PHE C 40 -25.18 1.06 -0.20
C PHE C 40 -23.77 0.49 -0.15
N GLY C 41 -23.34 0.00 1.01
CA GLY C 41 -22.03 -0.62 1.12
C GLY C 41 -21.97 -2.03 0.60
N SER C 42 -23.09 -2.75 0.64
CA SER C 42 -23.12 -4.10 0.09
C SER C 42 -23.11 -4.11 -1.43
N ALA C 43 -23.46 -3.00 -2.06
CA ALA C 43 -23.40 -2.86 -3.51
C ALA C 43 -22.13 -2.16 -3.97
N GLY C 44 -21.37 -1.56 -3.07
CA GLY C 44 -20.16 -0.85 -3.42
C GLY C 44 -20.36 0.58 -3.86
N VAL C 45 -21.56 1.13 -3.70
CA VAL C 45 -21.87 2.47 -4.18
C VAL C 45 -21.77 3.47 -3.03
N CYS C 46 -20.75 3.29 -2.19
CA CYS C 46 -20.43 4.23 -1.12
C CYS C 46 -18.94 4.48 -1.13
N CYS C 47 -18.53 5.75 -1.13
CA CYS C 47 -17.12 6.12 -1.16
C CYS C 47 -16.83 7.06 0.00
N ARG C 48 -15.74 6.80 0.71
CA ARG C 48 -15.29 7.63 1.82
C ARG C 48 -13.85 8.07 1.64
N ASN C 49 -13.42 8.22 0.37
CA ASN C 49 -12.01 8.47 0.07
C ASN C 49 -11.58 9.92 0.30
N CYS C 50 -12.42 10.73 0.93
CA CYS C 50 -12.03 12.06 1.39
C CYS C 50 -13.11 12.54 2.36
N SER C 51 -12.97 13.79 2.80
CA SER C 51 -13.88 14.37 3.78
C SER C 51 -14.93 15.30 3.16
N MET C 52 -15.02 15.36 1.83
CA MET C 52 -16.19 15.97 1.23
C MET C 52 -17.42 15.10 1.43
N GLY C 53 -17.23 13.78 1.49
CA GLY C 53 -18.30 12.85 1.74
C GLY C 53 -18.60 12.72 3.21
N PRO C 54 -19.08 11.55 3.65
CA PRO C 54 -19.30 10.33 2.85
C PRO C 54 -20.48 10.46 1.88
N CYS C 55 -20.29 9.94 0.67
CA CYS C 55 -21.31 9.99 -0.37
C CYS C 55 -21.90 8.61 -0.63
N ARG C 56 -23.10 8.60 -1.20
CA ARG C 56 -23.77 7.36 -1.59
C ARG C 56 -24.59 7.64 -2.83
N VAL C 57 -24.39 6.81 -3.87
CA VAL C 57 -25.13 6.94 -5.11
C VAL C 57 -26.10 5.77 -5.23
N SER C 58 -27.02 5.86 -6.17
CA SER C 58 -28.05 4.85 -6.33
C SER C 58 -27.50 3.65 -7.08
N PRO C 59 -27.70 2.43 -6.58
CA PRO C 59 -27.28 1.23 -7.34
C PRO C 59 -28.14 0.94 -8.55
N VAL C 60 -29.32 1.56 -8.66
CA VAL C 60 -30.19 1.39 -9.82
C VAL C 60 -29.83 2.48 -10.83
N PRO C 61 -29.25 2.15 -11.98
CA PRO C 61 -28.89 3.18 -12.94
C PRO C 61 -30.12 3.84 -13.55
N GLY C 62 -30.07 5.17 -13.63
CA GLY C 62 -31.18 5.95 -14.16
C GLY C 62 -32.10 6.53 -13.11
N LYS C 63 -31.99 6.08 -11.85
CA LYS C 63 -32.81 6.57 -10.76
C LYS C 63 -31.94 7.09 -9.63
N GLY C 64 -32.53 7.94 -8.80
CA GLY C 64 -31.87 8.43 -7.61
C GLY C 64 -30.69 9.34 -7.90
N VAL C 65 -29.76 9.39 -6.96
CA VAL C 65 -28.55 10.20 -7.10
C VAL C 65 -27.51 9.39 -7.88
N GLU C 66 -27.01 9.96 -8.97
CA GLU C 66 -26.14 9.24 -9.89
C GLU C 66 -24.66 9.49 -9.67
N ARG C 67 -24.27 10.67 -9.19
CA ARG C 67 -22.86 11.02 -9.07
C ARG C 67 -22.54 11.50 -7.66
N GLY C 68 -21.32 11.20 -7.22
CA GLY C 68 -20.80 11.73 -5.98
C GLY C 68 -20.40 13.19 -6.11
N ILE C 69 -19.93 13.75 -4.98
CA ILE C 69 -19.61 15.18 -4.95
C ILE C 69 -18.48 15.51 -5.91
N CYS C 70 -17.44 14.68 -5.95
CA CYS C 70 -16.34 14.95 -6.88
C CYS C 70 -16.72 14.66 -8.32
N GLY C 71 -17.81 13.93 -8.55
CA GLY C 71 -18.23 13.54 -9.88
C GLY C 71 -18.06 12.07 -10.19
N ALA C 72 -17.61 11.26 -9.23
CA ALA C 72 -17.38 9.85 -9.47
C ALA C 72 -18.71 9.11 -9.63
N THR C 73 -18.84 8.37 -10.73
CA THR C 73 -20.05 7.59 -10.97
C THR C 73 -20.08 6.37 -10.06
N ALA C 74 -21.19 5.63 -10.13
CA ALA C 74 -21.31 4.39 -9.37
C ALA C 74 -20.20 3.41 -9.75
N ASP C 75 -19.92 3.29 -11.04
CA ASP C 75 -18.89 2.36 -11.50
C ASP C 75 -17.51 2.76 -10.97
N VAL C 76 -17.24 4.07 -10.92
CA VAL C 76 -15.95 4.54 -10.41
C VAL C 76 -15.79 4.21 -8.93
N ILE C 77 -16.85 4.43 -8.14
CA ILE C 77 -16.79 4.15 -6.71
C ILE C 77 -16.59 2.66 -6.46
N VAL C 78 -17.35 1.83 -7.17
CA VAL C 78 -17.23 0.38 -7.01
C VAL C 78 -15.83 -0.09 -7.36
N SER C 79 -15.33 0.34 -8.52
CA SER C 79 -14.00 -0.09 -8.98
C SER C 79 -12.91 0.35 -7.99
N ARG C 80 -13.08 1.51 -7.38
CA ARG C 80 -12.07 2.00 -6.43
C ARG C 80 -12.17 1.27 -5.09
N ASN C 81 -13.39 0.98 -4.63
CA ASN C 81 -13.54 0.21 -3.41
C ASN C 81 -13.07 -1.23 -3.62
N PHE C 82 -13.35 -1.80 -4.79
CA PHE C 82 -12.82 -3.11 -5.13
C PHE C 82 -11.30 -3.11 -5.14
N ALA C 83 -10.70 -2.11 -5.79
CA ALA C 83 -9.25 -2.03 -5.90
C ALA C 83 -8.58 -2.02 -4.53
N ARG C 84 -9.15 -1.26 -3.58
CA ARG C 84 -8.54 -1.20 -2.26
C ARG C 84 -8.67 -2.52 -1.51
N MET C 85 -9.72 -3.30 -1.80
CA MET C 85 -9.80 -4.65 -1.26
C MET C 85 -8.65 -5.51 -1.77
N VAL C 86 -8.33 -5.39 -3.06
CA VAL C 86 -7.20 -6.13 -3.63
C VAL C 86 -5.89 -5.65 -3.04
N ALA C 87 -5.72 -4.32 -2.94
CA ALA C 87 -4.49 -3.78 -2.36
C ALA C 87 -4.31 -4.22 -0.91
N ALA C 88 -5.40 -4.29 -0.14
CA ALA C 88 -5.29 -4.74 1.24
C ALA C 88 -4.91 -6.21 1.32
N GLY C 89 -5.56 -7.05 0.50
CA GLY C 89 -5.20 -8.47 0.47
C GLY C 89 -3.76 -8.69 0.04
N THR C 90 -3.29 -7.92 -0.94
CA THR C 90 -1.90 -8.05 -1.37
C THR C 90 -0.94 -7.67 -0.25
N ALA C 91 -1.24 -6.59 0.48
CA ALA C 91 -0.36 -6.14 1.55
C ALA C 91 -0.32 -7.15 2.70
N ALA C 92 -1.43 -7.85 2.95
CA ALA C 92 -1.45 -8.85 4.00
C ALA C 92 -0.50 -10.00 3.69
N HIS C 93 -0.59 -10.54 2.48
CA HIS C 93 0.33 -11.60 2.07
C HIS C 93 1.74 -11.07 1.86
N SER C 94 1.88 -9.79 1.54
CA SER C 94 3.20 -9.20 1.35
C SER C 94 4.02 -9.26 2.63
N ASP C 95 3.49 -8.68 3.72
CA ASP C 95 4.19 -8.71 5.00
C ASP C 95 4.37 -10.14 5.50
N HIS C 96 3.47 -11.05 5.12
CA HIS C 96 3.63 -12.45 5.47
C HIS C 96 4.92 -13.02 4.88
N GLY C 97 5.06 -12.92 3.56
CA GLY C 97 6.27 -13.40 2.91
C GLY C 97 7.49 -12.57 3.23
N ARG C 98 7.31 -11.26 3.45
CA ARG C 98 8.43 -10.39 3.79
C ARG C 98 9.11 -10.84 5.08
N SER C 99 8.32 -11.11 6.12
CA SER C 99 8.88 -11.60 7.37
C SER C 99 9.55 -12.95 7.18
N ILE C 100 9.04 -13.78 6.26
CA ILE C 100 9.64 -15.08 6.00
C ILE C 100 10.99 -14.93 5.32
N ALA C 101 11.06 -14.06 4.31
CA ALA C 101 12.33 -13.85 3.60
C ALA C 101 13.39 -13.27 4.52
N LEU C 102 12.99 -12.41 5.47
CA LEU C 102 13.94 -11.86 6.42
C LEU C 102 14.53 -12.94 7.31
N SER C 103 13.70 -13.91 7.73
CA SER C 103 14.21 -15.02 8.53
C SER C 103 15.19 -15.87 7.74
N LEU C 104 14.99 -15.99 6.43
CA LEU C 104 15.94 -16.74 5.59
C LEU C 104 17.27 -16.01 5.52
N TYR C 105 17.26 -14.68 5.50
CA TYR C 105 18.50 -13.91 5.48
C TYR C 105 19.28 -14.08 6.78
N HIS C 106 18.61 -14.39 7.88
CA HIS C 106 19.23 -14.51 9.18
C HIS C 106 19.51 -15.96 9.57
N THR C 107 19.38 -16.90 8.64
CA THR C 107 19.69 -18.29 8.92
C THR C 107 21.20 -18.49 9.09
N SER C 108 21.56 -19.28 10.10
CA SER C 108 22.96 -19.59 10.39
C SER C 108 23.08 -21.07 10.67
N LYS C 109 24.32 -21.57 10.62
CA LYS C 109 24.56 -23.00 10.85
C LYS C 109 24.17 -23.41 12.25
N ASP C 110 24.55 -22.62 13.26
CA ASP C 110 24.24 -22.91 14.65
C ASP C 110 23.13 -22.01 15.20
N GLY C 111 22.16 -21.64 14.36
CA GLY C 111 21.07 -20.80 14.76
C GLY C 111 19.75 -21.57 14.86
N ASP C 112 18.76 -20.89 15.44
CA ASP C 112 17.46 -21.52 15.64
C ASP C 112 16.75 -21.78 14.30
N ILE C 113 16.97 -20.93 13.31
CA ILE C 113 16.38 -21.09 11.99
C ILE C 113 17.47 -21.65 11.08
N LYS C 114 17.21 -22.81 10.48
CA LYS C 114 18.18 -23.49 9.65
C LYS C 114 17.59 -23.77 8.27
N VAL C 115 18.46 -24.13 7.34
CA VAL C 115 18.06 -24.57 6.01
C VAL C 115 17.89 -26.08 6.06
N LYS C 116 16.66 -26.55 5.85
CA LYS C 116 16.33 -27.96 5.99
C LYS C 116 16.23 -28.68 4.66
N ASP C 117 15.72 -28.00 3.63
CA ASP C 117 15.58 -28.55 2.29
C ASP C 117 16.61 -27.86 1.40
N GLU C 118 17.81 -28.45 1.32
CA GLU C 118 18.88 -27.82 0.55
C GLU C 118 18.66 -27.99 -0.95
N ASN C 119 18.02 -29.08 -1.36
CA ASN C 119 17.74 -29.28 -2.78
C ASN C 119 16.70 -28.29 -3.29
N LYS C 120 15.72 -27.96 -2.46
CA LYS C 120 14.76 -26.93 -2.84
C LYS C 120 15.44 -25.56 -2.93
N LEU C 121 16.28 -25.24 -1.95
CA LEU C 121 17.02 -23.98 -1.98
C LEU C 121 17.89 -23.88 -3.22
N LYS C 122 18.66 -24.93 -3.51
CA LYS C 122 19.52 -24.94 -4.69
C LYS C 122 18.71 -24.76 -5.97
N GLU C 123 17.48 -25.30 -6.00
CA GLU C 123 16.63 -25.12 -7.17
C GLU C 123 16.08 -23.70 -7.22
N VAL C 124 15.73 -23.13 -6.06
CA VAL C 124 15.23 -21.77 -6.03
C VAL C 124 16.34 -20.78 -6.37
N ALA C 125 17.57 -21.06 -5.94
CA ALA C 125 18.70 -20.18 -6.25
C ALA C 125 18.90 -20.05 -7.76
N LYS C 126 18.74 -21.14 -8.49
CA LYS C 126 18.85 -21.07 -9.94
C LYS C 126 17.81 -20.13 -10.54
N SER C 127 16.61 -20.09 -9.94
CA SER C 127 15.56 -19.19 -10.40
C SER C 127 15.91 -17.73 -10.18
N PHE C 128 16.75 -17.42 -9.20
CA PHE C 128 17.13 -16.05 -8.88
C PHE C 128 18.52 -15.67 -9.41
N ASN C 129 19.10 -16.52 -10.28
CA ASN C 129 20.43 -16.27 -10.85
C ASN C 129 21.49 -16.12 -9.75
N VAL C 130 21.46 -17.04 -8.79
CA VAL C 130 22.42 -17.08 -7.69
C VAL C 130 23.32 -18.29 -7.86
N GLU C 131 24.62 -18.08 -7.77
CA GLU C 131 25.58 -19.16 -7.93
C GLU C 131 25.54 -20.09 -6.73
N THR C 132 25.62 -21.40 -6.99
CA THR C 132 25.59 -22.41 -5.93
C THR C 132 26.79 -23.34 -5.92
N GLU C 133 27.49 -23.50 -7.04
CA GLU C 133 28.56 -24.49 -7.16
C GLU C 133 29.68 -24.21 -6.17
N GLY C 134 29.99 -25.20 -5.33
CA GLY C 134 31.11 -25.13 -4.42
C GLY C 134 31.01 -24.09 -3.33
N ARG C 135 29.84 -23.50 -3.12
CA ARG C 135 29.64 -22.45 -2.14
C ARG C 135 29.06 -23.02 -0.86
N ASP C 136 29.15 -22.23 0.22
CA ASP C 136 28.53 -22.61 1.48
C ASP C 136 27.02 -22.50 1.37
N ILE C 137 26.31 -23.41 2.05
CA ILE C 137 24.86 -23.48 1.89
C ILE C 137 24.15 -22.28 2.49
N TYR C 138 24.77 -21.59 3.45
CA TYR C 138 24.15 -20.42 4.04
C TYR C 138 24.50 -19.13 3.30
N ASP C 139 25.67 -19.07 2.66
CA ASP C 139 25.95 -17.97 1.75
C ASP C 139 24.97 -17.98 0.58
N ILE C 140 24.55 -19.16 0.14
CA ILE C 140 23.54 -19.26 -0.91
C ILE C 140 22.19 -18.77 -0.38
N ALA C 141 21.81 -19.20 0.83
CA ALA C 141 20.53 -18.82 1.39
C ALA C 141 20.42 -17.31 1.59
N HIS C 142 21.53 -16.66 1.98
CA HIS C 142 21.51 -15.22 2.18
C HIS C 142 21.38 -14.48 0.86
N ASP C 143 22.07 -14.95 -0.18
CA ASP C 143 21.98 -14.30 -1.48
C ASP C 143 20.58 -14.43 -2.07
N VAL C 144 19.92 -15.58 -1.86
CA VAL C 144 18.57 -15.77 -2.36
C VAL C 144 17.60 -14.86 -1.62
N ALA C 145 17.80 -14.68 -0.31
CA ALA C 145 16.91 -13.82 0.47
C ALA C 145 16.99 -12.37 0.00
N LYS C 146 18.20 -11.89 -0.32
CA LYS C 146 18.34 -10.52 -0.83
C LYS C 146 17.65 -10.36 -2.18
N GLU C 147 17.84 -11.33 -3.08
CA GLU C 147 17.16 -11.26 -4.37
C GLU C 147 15.65 -11.39 -4.20
N GLY C 148 15.21 -12.20 -3.24
CA GLY C 148 13.78 -12.29 -2.96
C GLY C 148 13.23 -11.02 -2.36
N LEU C 149 13.94 -10.44 -1.38
CA LEU C 149 13.49 -9.20 -0.77
C LEU C 149 13.48 -8.04 -1.77
N SER C 150 14.40 -8.07 -2.74
CA SER C 150 14.41 -7.02 -3.76
C SER C 150 13.10 -6.98 -4.54
N ASN C 151 12.46 -8.13 -4.71
CA ASN C 151 11.20 -8.18 -5.44
C ASN C 151 10.09 -7.39 -4.77
N TYR C 152 10.26 -7.04 -3.49
CA TYR C 152 9.24 -6.30 -2.77
C TYR C 152 9.34 -4.80 -3.01
N GLY C 153 10.55 -4.27 -3.23
CA GLY C 153 10.72 -2.84 -3.32
C GLY C 153 11.77 -2.34 -4.28
N LYS C 154 12.20 -3.18 -5.22
CA LYS C 154 13.12 -2.71 -6.25
C LYS C 154 12.39 -1.75 -7.20
N GLN C 155 13.09 -0.67 -7.57
CA GLN C 155 12.51 0.35 -8.42
C GLN C 155 13.03 0.31 -9.86
N LEU C 156 14.15 -0.36 -10.11
CA LEU C 156 14.72 -0.48 -11.43
C LEU C 156 14.87 -1.95 -11.80
N GLY C 157 14.85 -2.24 -13.10
CA GLY C 157 14.93 -3.61 -13.57
C GLY C 157 13.59 -4.33 -13.48
N GLU C 158 13.64 -5.62 -13.78
CA GLU C 158 12.47 -6.48 -13.76
C GLU C 158 12.50 -7.39 -12.54
N VAL C 159 11.34 -7.92 -12.20
CA VAL C 159 11.20 -8.80 -11.04
C VAL C 159 11.52 -10.23 -11.46
N THR C 160 11.80 -11.06 -10.46
CA THR C 160 12.10 -12.47 -10.67
C THR C 160 10.82 -13.28 -10.49
N LEU C 161 10.42 -13.99 -11.53
CA LEU C 161 9.17 -14.76 -11.52
C LEU C 161 9.47 -16.25 -11.62
N PRO C 162 8.63 -17.09 -11.02
CA PRO C 162 8.92 -18.53 -10.94
C PRO C 162 8.98 -19.16 -12.32
N PRO C 163 9.66 -20.30 -12.46
CA PRO C 163 9.81 -20.90 -13.79
C PRO C 163 8.52 -21.49 -14.34
N SER C 164 7.61 -21.95 -13.48
CA SER C 164 6.37 -22.57 -13.95
C SER C 164 5.39 -21.57 -14.55
N LEU C 165 5.73 -20.29 -14.61
CA LEU C 165 4.85 -19.32 -15.25
C LEU C 165 5.04 -19.37 -16.76
N PRO C 166 4.02 -19.77 -17.53
CA PRO C 166 4.19 -19.89 -18.98
C PRO C 166 4.51 -18.55 -19.64
N GLU C 167 5.43 -18.59 -20.60
CA GLU C 167 5.81 -17.37 -21.32
C GLU C 167 4.64 -16.78 -22.09
N LYS C 168 3.68 -17.61 -22.49
CA LYS C 168 2.48 -17.10 -23.14
C LYS C 168 1.68 -16.21 -22.21
N ARG C 169 1.62 -16.56 -20.92
CA ARG C 169 0.91 -15.72 -19.97
C ARG C 169 1.67 -14.43 -19.69
N LYS C 170 2.99 -14.51 -19.62
CA LYS C 170 3.81 -13.31 -19.44
C LYS C 170 3.59 -12.34 -20.59
N GLU C 171 3.69 -12.83 -21.82
CA GLU C 171 3.49 -11.96 -22.99
C GLU C 171 2.06 -11.44 -23.06
N LEU C 172 1.10 -12.19 -22.52
CA LEU C 172 -0.28 -11.70 -22.48
C LEU C 172 -0.41 -10.53 -21.50
N TRP C 173 0.26 -10.61 -20.36
CA TRP C 173 0.22 -9.50 -19.40
C TRP C 173 0.90 -8.26 -19.96
N ARG C 174 2.05 -8.44 -20.62
CA ARG C 174 2.78 -7.30 -21.18
C ARG C 174 1.90 -6.53 -22.16
N LYS C 175 1.24 -7.23 -23.09
CA LYS C 175 0.40 -6.56 -24.06
C LYS C 175 -0.81 -5.91 -23.39
N LEU C 176 -1.37 -6.58 -22.37
CA LEU C 176 -2.49 -5.98 -21.64
C LEU C 176 -2.04 -4.82 -20.77
N GLY C 177 -0.78 -4.82 -20.35
CA GLY C 177 -0.27 -3.75 -19.51
C GLY C 177 -0.39 -3.98 -18.02
N VAL C 178 -0.32 -5.23 -17.56
CA VAL C 178 -0.52 -5.55 -16.15
C VAL C 178 0.63 -6.40 -15.64
N TYR C 179 1.76 -6.39 -16.35
CA TYR C 179 2.93 -7.09 -15.89
C TYR C 179 3.38 -6.53 -14.54
N PRO C 180 3.59 -7.36 -13.53
CA PRO C 180 3.79 -6.83 -12.17
C PRO C 180 5.13 -6.14 -12.01
N ARG C 181 5.17 -5.20 -11.07
CA ARG C 181 6.37 -4.52 -10.61
C ARG C 181 6.67 -5.01 -9.19
N ALA C 182 7.32 -4.18 -8.39
CA ALA C 182 7.59 -4.55 -7.00
C ALA C 182 6.27 -4.72 -6.24
N VAL C 183 6.30 -5.58 -5.23
CA VAL C 183 5.09 -5.91 -4.49
C VAL C 183 4.52 -4.66 -3.81
N ASP C 184 5.32 -4.04 -2.94
CA ASP C 184 4.88 -2.83 -2.26
C ASP C 184 4.61 -1.68 -3.24
N ARG C 185 5.36 -1.63 -4.35
CA ARG C 185 5.16 -0.57 -5.33
C ARG C 185 3.76 -0.61 -5.92
N GLU C 186 3.25 -1.82 -6.22
CA GLU C 186 1.92 -1.94 -6.79
C GLU C 186 0.84 -1.64 -5.76
N ILE C 187 1.09 -1.97 -4.49
CA ILE C 187 0.14 -1.66 -3.42
C ILE C 187 -0.07 -0.16 -3.33
N ALA C 188 1.03 0.61 -3.32
CA ALA C 188 0.93 2.06 -3.27
C ALA C 188 0.31 2.63 -4.54
N ALA C 189 0.59 2.01 -5.69
CA ALA C 189 0.03 2.49 -6.95
C ALA C 189 -1.49 2.40 -6.95
N VAL C 190 -2.03 1.30 -6.42
CA VAL C 190 -3.48 1.16 -6.32
C VAL C 190 -4.05 2.16 -5.34
N MET C 191 -3.39 2.34 -4.19
CA MET C 191 -3.84 3.32 -3.21
C MET C 191 -3.78 4.74 -3.77
N HIS C 192 -2.80 5.01 -4.64
CA HIS C 192 -2.71 6.33 -5.28
C HIS C 192 -3.93 6.60 -6.15
N SER C 193 -4.20 5.71 -7.10
CA SER C 193 -5.29 5.94 -8.05
C SER C 193 -6.66 5.88 -7.41
N THR C 194 -6.79 5.27 -6.22
CA THR C 194 -8.06 5.26 -5.52
C THR C 194 -8.30 6.55 -4.73
N HIS C 195 -7.29 7.40 -4.61
CA HIS C 195 -7.47 8.71 -4.00
C HIS C 195 -8.48 9.52 -4.82
N ILE C 196 -9.09 10.51 -4.16
CA ILE C 196 -10.09 11.34 -4.82
C ILE C 196 -9.44 12.14 -5.95
N GLY C 197 -10.14 12.25 -7.07
CA GLY C 197 -9.62 13.00 -8.19
C GLY C 197 -8.53 12.31 -8.98
N CYS C 198 -8.38 11.00 -8.81
CA CYS C 198 -7.41 10.23 -9.57
C CYS C 198 -8.11 9.40 -10.63
N ASN C 199 -7.96 8.08 -10.58
CA ASN C 199 -8.60 7.21 -11.55
C ASN C 199 -10.12 7.33 -11.45
N ALA C 200 -10.77 7.38 -12.61
CA ALA C 200 -12.23 7.44 -12.70
C ALA C 200 -12.70 6.65 -13.91
N ASP C 201 -12.10 5.49 -14.13
CA ASP C 201 -12.43 4.62 -15.26
C ASP C 201 -12.44 3.19 -14.76
N ALA C 202 -13.59 2.51 -14.90
CA ALA C 202 -13.73 1.18 -14.34
C ALA C 202 -12.72 0.20 -14.92
N GLU C 203 -12.48 0.25 -16.24
CA GLU C 203 -11.57 -0.69 -16.86
C GLU C 203 -10.14 -0.51 -16.35
N ALA C 204 -9.63 0.72 -16.43
CA ALA C 204 -8.27 0.98 -15.97
C ALA C 204 -8.10 0.70 -14.48
N MET C 205 -9.15 0.96 -13.68
CA MET C 205 -9.05 0.72 -12.25
C MET C 205 -8.92 -0.77 -11.95
N ILE C 206 -9.79 -1.58 -12.54
CA ILE C 206 -9.73 -3.02 -12.33
C ILE C 206 -8.41 -3.59 -12.87
N LYS C 207 -7.96 -3.06 -14.01
CA LYS C 207 -6.68 -3.50 -14.55
C LYS C 207 -5.53 -3.23 -13.58
N MET C 208 -5.61 -2.13 -12.84
CA MET C 208 -4.62 -1.89 -11.78
C MET C 208 -4.74 -2.92 -10.67
N SER C 209 -5.98 -3.31 -10.32
CA SER C 209 -6.16 -4.35 -9.31
C SER C 209 -5.56 -5.67 -9.78
N MET C 210 -5.77 -6.02 -11.06
CA MET C 210 -5.17 -7.22 -11.62
C MET C 210 -3.65 -7.16 -11.54
N ARG C 211 -3.07 -6.00 -11.88
CA ARG C 211 -1.62 -5.83 -11.80
C ARG C 211 -1.13 -5.97 -10.36
N CYS C 212 -1.90 -5.48 -9.40
CA CYS C 212 -1.49 -5.58 -8.00
C CYS C 212 -1.61 -7.00 -7.47
N SER C 213 -2.66 -7.73 -7.89
CA SER C 213 -2.86 -9.08 -7.39
C SER C 213 -1.76 -10.04 -7.86
N LEU C 214 -1.16 -9.76 -9.01
CA LEU C 214 -0.11 -10.64 -9.53
C LEU C 214 1.12 -10.64 -8.63
N THR C 215 1.38 -9.54 -7.94
CA THR C 215 2.49 -9.48 -6.99
C THR C 215 2.25 -10.33 -5.75
N ASP C 216 1.05 -10.90 -5.60
CA ASP C 216 0.75 -11.77 -4.46
C ASP C 216 0.97 -13.23 -4.83
N GLY C 217 0.22 -13.73 -5.82
CA GLY C 217 0.28 -15.15 -6.14
C GLY C 217 1.63 -15.58 -6.67
N TRP C 218 2.23 -14.77 -7.54
CA TRP C 218 3.48 -15.14 -8.21
C TRP C 218 4.71 -14.54 -7.54
N MET C 219 4.55 -13.79 -6.46
CA MET C 219 5.70 -13.20 -5.78
C MET C 219 5.56 -13.32 -4.27
N GLY C 220 4.62 -12.58 -3.68
CA GLY C 220 4.40 -12.58 -2.26
C GLY C 220 4.10 -13.95 -1.68
N SER C 221 2.96 -14.54 -2.08
CA SER C 221 2.62 -15.88 -1.61
C SER C 221 3.64 -16.91 -2.07
N PHE C 222 4.17 -16.72 -3.29
CA PHE C 222 5.11 -17.70 -3.84
C PHE C 222 6.41 -17.74 -3.03
N MET C 223 7.03 -16.58 -2.82
CA MET C 223 8.27 -16.53 -2.04
C MET C 223 8.04 -16.97 -0.60
N GLY C 224 6.89 -16.61 -0.02
CA GLY C 224 6.58 -17.05 1.33
C GLY C 224 6.52 -18.56 1.45
N THR C 225 5.93 -19.23 0.46
CA THR C 225 5.88 -20.69 0.46
C THR C 225 7.22 -21.29 0.07
N GLU C 226 7.87 -20.74 -0.95
CA GLU C 226 9.16 -21.25 -1.39
C GLU C 226 10.18 -21.24 -0.25
N PHE C 227 10.22 -20.14 0.51
CA PHE C 227 11.21 -20.00 1.56
C PHE C 227 10.82 -20.77 2.81
N SER C 228 9.52 -20.91 3.08
CA SER C 228 9.09 -21.71 4.22
C SER C 228 9.49 -23.17 4.05
N ASP C 229 9.38 -23.69 2.83
CA ASP C 229 9.80 -25.07 2.58
C ASP C 229 11.31 -25.21 2.74
N ILE C 230 12.06 -24.20 2.32
CA ILE C 230 13.52 -24.25 2.45
C ILE C 230 13.92 -24.31 3.92
N MET C 231 13.28 -23.50 4.76
CA MET C 231 13.67 -23.40 6.16
C MET C 231 13.07 -24.52 7.00
N PHE C 232 11.83 -24.89 6.72
CA PHE C 232 11.10 -25.84 7.57
C PHE C 232 10.89 -27.20 6.94
N GLY C 233 11.20 -27.37 5.67
CA GLY C 233 11.04 -28.67 5.02
C GLY C 233 9.85 -28.67 4.07
N THR C 234 10.05 -29.25 2.89
CA THR C 234 8.97 -29.36 1.92
C THR C 234 7.96 -30.40 2.40
N PRO C 235 6.67 -30.09 2.40
CA PRO C 235 5.68 -31.03 2.94
C PRO C 235 5.63 -32.33 2.14
N HIS C 236 5.41 -33.43 2.87
CA HIS C 236 5.22 -34.75 2.29
C HIS C 236 4.01 -35.41 2.96
N SER C 237 3.53 -36.49 2.34
CA SER C 237 2.34 -37.18 2.83
C SER C 237 2.46 -37.52 4.31
N ILE C 238 1.49 -37.04 5.09
CA ILE C 238 1.52 -37.19 6.54
C ILE C 238 0.09 -37.28 7.06
N ASP C 239 -0.12 -38.11 8.07
CA ASP C 239 -1.44 -38.32 8.65
C ASP C 239 -1.64 -37.40 9.85
N THR C 240 -2.88 -37.00 10.07
CA THR C 240 -3.24 -36.17 11.21
C THR C 240 -4.71 -36.38 11.54
N GLU C 241 -5.18 -35.70 12.59
CA GLU C 241 -6.58 -35.68 12.97
C GLU C 241 -7.06 -34.24 13.01
N ALA C 242 -8.34 -34.05 12.74
CA ALA C 242 -8.92 -32.72 12.60
C ALA C 242 -10.13 -32.57 13.52
N ASN C 243 -10.71 -31.37 13.49
CA ASN C 243 -11.91 -30.98 14.23
C ASN C 243 -11.62 -30.80 15.71
N LEU C 244 -12.59 -30.26 16.45
CA LEU C 244 -12.38 -29.84 17.84
C LEU C 244 -12.22 -31.00 18.81
N GLY C 245 -12.44 -32.23 18.38
CA GLY C 245 -12.25 -33.37 19.27
C GLY C 245 -10.81 -33.73 19.55
N VAL C 246 -9.86 -33.01 18.97
CA VAL C 246 -8.45 -33.30 19.22
C VAL C 246 -7.97 -32.80 20.58
N LEU C 247 -8.68 -31.83 21.18
CA LEU C 247 -8.28 -31.32 22.48
C LEU C 247 -8.40 -32.42 23.54
N GLU C 248 -7.35 -32.55 24.36
CA GLU C 248 -7.31 -33.55 25.42
C GLU C 248 -7.56 -32.88 26.77
N LYS C 249 -8.53 -33.42 27.51
CA LYS C 249 -8.89 -32.83 28.80
C LYS C 249 -7.73 -32.93 29.80
N ASN C 250 -6.96 -34.02 29.75
CA ASN C 250 -5.90 -34.26 30.72
C ASN C 250 -4.53 -33.86 30.20
N SER C 251 -4.47 -32.98 29.20
CA SER C 251 -3.21 -32.51 28.65
C SER C 251 -3.23 -30.99 28.55
N VAL C 252 -2.06 -30.41 28.32
CA VAL C 252 -1.93 -28.97 28.12
C VAL C 252 -2.30 -28.67 26.68
N ASN C 253 -3.41 -27.94 26.49
CA ASN C 253 -3.94 -27.64 25.16
C ASN C 253 -3.48 -26.24 24.74
N VAL C 254 -2.42 -26.19 23.94
CA VAL C 254 -1.91 -24.94 23.39
C VAL C 254 -2.38 -24.85 21.94
N VAL C 255 -3.17 -23.83 21.65
CA VAL C 255 -3.77 -23.65 20.32
C VAL C 255 -3.02 -22.54 19.62
N LEU C 256 -2.41 -22.86 18.48
CA LEU C 256 -1.70 -21.88 17.66
C LEU C 256 -2.64 -21.40 16.56
N HIS C 257 -2.89 -20.09 16.53
CA HIS C 257 -3.81 -19.47 15.59
C HIS C 257 -3.10 -18.32 14.90
N GLY C 258 -3.45 -18.08 13.64
CA GLY C 258 -2.85 -17.00 12.89
C GLY C 258 -2.30 -17.38 11.53
N HIS C 259 -1.11 -16.89 11.18
CA HIS C 259 -0.56 -17.12 9.86
C HIS C 259 0.95 -17.32 9.86
N GLU C 260 1.69 -16.38 10.43
CA GLU C 260 3.14 -16.39 10.35
C GLU C 260 3.71 -17.66 10.96
N PRO C 261 4.27 -18.56 10.14
CA PRO C 261 4.62 -19.90 10.63
C PRO C 261 5.85 -19.94 11.52
N LEU C 262 6.72 -18.93 11.47
CA LEU C 262 7.94 -18.96 12.26
C LEU C 262 7.65 -19.17 13.74
N LEU C 263 6.64 -18.47 14.27
CA LEU C 263 6.27 -18.64 15.67
C LEU C 263 5.79 -20.07 15.93
N SER C 264 4.80 -20.53 15.16
CA SER C 264 4.25 -21.86 15.37
C SER C 264 5.31 -22.95 15.18
N GLU C 265 6.23 -22.75 14.22
CA GLU C 265 7.30 -23.72 14.01
C GLU C 265 8.19 -23.83 15.24
N MET C 266 8.56 -22.69 15.83
CA MET C 266 9.43 -22.73 17.01
C MET C 266 8.71 -23.31 18.22
N VAL C 267 7.40 -23.04 18.34
CA VAL C 267 6.63 -23.59 19.46
C VAL C 267 6.59 -25.12 19.38
N VAL C 268 6.51 -25.66 18.16
CA VAL C 268 6.52 -27.11 17.99
C VAL C 268 7.83 -27.69 18.50
N GLU C 269 8.96 -27.09 18.12
CA GLU C 269 10.25 -27.53 18.62
C GLU C 269 10.38 -27.31 20.12
N ALA C 270 9.76 -26.24 20.63
CA ALA C 270 9.77 -26.00 22.07
C ALA C 270 8.85 -26.95 22.83
N ALA C 271 7.93 -27.62 22.15
CA ALA C 271 7.04 -28.59 22.77
C ALA C 271 7.71 -29.94 23.00
N SER C 272 9.00 -30.06 22.72
CA SER C 272 9.76 -31.28 23.00
C SER C 272 10.90 -31.05 23.98
N ASP C 273 11.09 -29.82 24.45
CA ASP C 273 12.13 -29.52 25.43
C ASP C 273 11.87 -30.32 26.71
N PRO C 274 12.82 -31.14 27.16
CA PRO C 274 12.61 -31.90 28.41
C PRO C 274 12.29 -31.04 29.61
N GLU C 275 12.79 -29.80 29.67
CA GLU C 275 12.43 -28.88 30.75
C GLU C 275 10.92 -28.62 30.77
N LEU C 276 10.37 -28.24 29.61
CA LEU C 276 8.97 -27.85 29.55
C LEU C 276 8.03 -29.05 29.57
N VAL C 277 8.52 -30.24 29.25
CA VAL C 277 7.71 -31.45 29.36
C VAL C 277 7.50 -31.80 30.83
N GLU C 278 8.57 -31.72 31.63
CA GLU C 278 8.46 -32.02 33.06
C GLU C 278 7.56 -31.02 33.77
N LEU C 279 7.62 -29.75 33.38
CA LEU C 279 6.76 -28.75 33.99
C LEU C 279 5.29 -29.04 33.69
N ALA C 280 5.01 -29.52 32.48
CA ALA C 280 3.64 -29.91 32.13
C ALA C 280 3.13 -31.06 33.00
N LYS C 281 4.03 -31.94 33.45
CA LYS C 281 3.62 -33.03 34.32
C LYS C 281 3.53 -32.59 35.78
N SER C 282 4.39 -31.66 36.20
CA SER C 282 4.38 -31.22 37.59
C SER C 282 3.10 -30.47 37.94
N VAL C 283 2.49 -29.81 36.96
CA VAL C 283 1.24 -29.07 37.21
C VAL C 283 0.02 -29.96 37.16
N GLY C 284 0.17 -31.24 36.86
CA GLY C 284 -0.94 -32.17 36.87
C GLY C 284 -1.50 -32.56 35.52
N ALA C 285 -0.75 -32.40 34.43
CA ALA C 285 -1.21 -32.76 33.10
C ALA C 285 -0.41 -33.93 32.56
N ASP C 286 -0.96 -34.57 31.53
CA ASP C 286 -0.30 -35.72 30.91
C ASP C 286 0.84 -35.28 30.00
N GLY C 287 0.63 -34.22 29.23
CA GLY C 287 1.66 -33.76 28.32
C GLY C 287 1.21 -32.55 27.54
N ILE C 288 2.04 -32.15 26.59
CA ILE C 288 1.76 -30.99 25.74
C ILE C 288 1.02 -31.46 24.50
N ASN C 289 -0.20 -30.96 24.32
CA ASN C 289 -1.06 -31.31 23.18
C ASN C 289 -1.19 -30.09 22.28
N LEU C 290 -0.41 -30.07 21.21
CA LEU C 290 -0.43 -28.94 20.28
C LEU C 290 -1.55 -29.11 19.26
N CYS C 291 -2.27 -28.02 19.02
CA CYS C 291 -3.35 -27.99 18.03
C CYS C 291 -3.30 -26.66 17.29
N GLY C 292 -3.55 -26.72 15.99
CA GLY C 292 -3.51 -25.52 15.17
C GLY C 292 -4.85 -25.10 14.60
N MET C 293 -4.96 -23.84 14.20
CA MET C 293 -6.17 -23.30 13.59
C MET C 293 -5.81 -22.42 12.41
N CYS C 294 -6.64 -22.45 11.38
CA CYS C 294 -6.54 -21.59 10.19
C CYS C 294 -5.22 -21.90 9.48
N CYS C 295 -4.45 -20.91 9.05
CA CYS C 295 -3.29 -21.16 8.21
C CYS C 295 -2.10 -21.68 9.01
N THR C 296 -1.78 -21.02 10.12
CA THR C 296 -0.68 -21.48 10.95
C THR C 296 -0.93 -22.88 11.49
N GLY C 297 -2.18 -23.30 11.60
CA GLY C 297 -2.47 -24.69 11.93
C GLY C 297 -2.18 -25.62 10.77
N ASN C 298 -2.46 -25.17 9.54
CA ASN C 298 -2.08 -25.95 8.37
C ASN C 298 -0.57 -26.02 8.22
N GLU C 299 0.13 -24.91 8.47
CA GLU C 299 1.57 -24.87 8.27
C GLU C 299 2.28 -25.91 9.12
N VAL C 300 1.87 -26.06 10.39
CA VAL C 300 2.51 -27.07 11.24
C VAL C 300 1.94 -28.45 10.96
N SER C 301 0.68 -28.54 10.53
CA SER C 301 0.08 -29.84 10.22
C SER C 301 0.67 -30.43 8.95
N MET C 302 0.94 -29.57 7.95
CA MET C 302 1.50 -30.06 6.69
C MET C 302 2.90 -30.63 6.88
N ARG C 303 3.67 -30.05 7.79
CA ARG C 303 5.08 -30.39 7.95
C ARG C 303 5.35 -31.33 9.13
N HIS C 304 4.58 -31.23 10.21
CA HIS C 304 4.83 -32.03 11.40
C HIS C 304 3.61 -32.82 11.87
N GLY C 305 2.51 -32.79 11.14
CA GLY C 305 1.33 -33.55 11.52
C GLY C 305 0.64 -33.09 12.78
N ILE C 306 0.77 -31.80 13.12
CA ILE C 306 0.07 -31.26 14.28
C ILE C 306 -1.42 -31.29 14.02
N LYS C 307 -2.18 -31.72 15.03
CA LYS C 307 -3.63 -31.84 14.89
C LYS C 307 -4.25 -30.46 14.65
N ILE C 308 -5.32 -30.45 13.86
CA ILE C 308 -5.98 -29.22 13.44
C ILE C 308 -7.24 -29.03 14.29
N ALA C 309 -7.25 -27.96 15.09
CA ALA C 309 -8.36 -27.73 16.00
C ALA C 309 -9.63 -27.36 15.25
N GLY C 310 -9.55 -26.43 14.30
CA GLY C 310 -10.72 -26.01 13.57
C GLY C 310 -10.39 -24.86 12.64
N ASN C 311 -11.44 -24.37 11.99
CA ASN C 311 -11.30 -23.35 10.96
C ASN C 311 -11.68 -21.97 11.52
N PHE C 312 -12.03 -21.03 10.63
CA PHE C 312 -12.19 -19.63 11.01
C PHE C 312 -13.27 -19.41 12.05
N MET C 313 -14.53 -19.64 11.68
CA MET C 313 -15.65 -19.33 12.57
C MET C 313 -15.75 -20.27 13.76
N GLN C 314 -14.83 -21.23 13.89
CA GLN C 314 -14.77 -22.11 15.04
C GLN C 314 -13.80 -21.61 16.11
N GLN C 315 -13.00 -20.59 15.81
CA GLN C 315 -11.98 -20.14 16.75
C GLN C 315 -12.59 -19.69 18.08
N GLU C 316 -13.80 -19.12 18.05
CA GLU C 316 -14.46 -18.75 19.29
C GLU C 316 -14.91 -19.97 20.07
N LEU C 317 -15.43 -20.98 19.38
CA LEU C 317 -15.96 -22.18 20.04
C LEU C 317 -14.86 -23.03 20.65
N ALA C 318 -13.61 -22.85 20.22
CA ALA C 318 -12.51 -23.58 20.86
C ALA C 318 -12.33 -23.15 22.30
N VAL C 319 -12.41 -21.85 22.58
CA VAL C 319 -12.32 -21.36 23.95
C VAL C 319 -13.55 -21.76 24.75
N VAL C 320 -14.70 -21.92 24.08
CA VAL C 320 -15.94 -22.28 24.76
C VAL C 320 -15.82 -23.65 25.41
N THR C 321 -14.94 -24.52 24.88
CA THR C 321 -14.72 -25.82 25.51
C THR C 321 -14.24 -25.68 26.95
N GLY C 322 -13.53 -24.60 27.27
CA GLY C 322 -12.96 -24.44 28.58
C GLY C 322 -11.69 -25.22 28.83
N ALA C 323 -11.12 -25.83 27.79
CA ALA C 323 -9.90 -26.62 27.93
C ALA C 323 -8.69 -25.99 27.26
N VAL C 324 -8.86 -24.87 26.54
CA VAL C 324 -7.76 -24.19 25.91
C VAL C 324 -7.01 -23.40 26.99
N ASP C 325 -5.77 -23.81 27.27
CA ASP C 325 -4.97 -23.15 28.29
C ASP C 325 -4.19 -21.97 27.71
N GLY C 326 -3.69 -22.09 26.49
CA GLY C 326 -2.97 -21.01 25.86
C GLY C 326 -3.32 -20.82 24.39
N LEU C 327 -3.85 -19.65 24.05
CA LEU C 327 -4.19 -19.31 22.68
C LEU C 327 -3.13 -18.34 22.16
N ILE C 328 -2.20 -18.84 21.38
CA ILE C 328 -1.08 -18.06 20.87
C ILE C 328 -1.41 -17.64 19.45
N VAL C 329 -1.48 -16.34 19.22
CA VAL C 329 -1.84 -15.78 17.91
C VAL C 329 -0.77 -14.79 17.48
N ASP C 330 -0.65 -14.60 16.16
CA ASP C 330 0.30 -13.63 15.62
C ASP C 330 -0.45 -12.53 14.87
N VAL C 331 -0.71 -12.74 13.58
CA VAL C 331 -1.38 -11.74 12.74
C VAL C 331 -2.46 -12.42 11.90
N GLN C 332 -3.34 -11.57 11.36
CA GLN C 332 -4.35 -11.94 10.37
C GLN C 332 -5.43 -12.88 10.90
N CYS C 333 -6.67 -12.41 10.86
CA CYS C 333 -7.86 -13.24 11.05
C CYS C 333 -7.97 -13.77 12.48
N ILE C 334 -7.58 -12.95 13.44
CA ILE C 334 -7.76 -13.23 14.86
C ILE C 334 -8.86 -12.28 15.34
N MET C 335 -10.06 -12.81 15.51
CA MET C 335 -11.22 -12.02 15.91
C MET C 335 -10.92 -11.24 17.19
N PRO C 336 -10.95 -9.90 17.15
CA PRO C 336 -10.72 -9.11 18.38
C PRO C 336 -11.70 -9.44 19.50
N ALA C 337 -12.81 -10.13 19.20
CA ALA C 337 -13.71 -10.57 20.25
C ALA C 337 -13.09 -11.63 21.14
N LEU C 338 -12.03 -12.29 20.68
CA LEU C 338 -11.35 -13.29 21.52
C LEU C 338 -10.83 -12.67 22.80
N ALA C 339 -10.47 -11.39 22.78
CA ALA C 339 -10.02 -10.72 23.99
C ALA C 339 -11.14 -10.61 25.02
N LYS C 340 -12.34 -10.24 24.56
CA LYS C 340 -13.49 -10.17 25.47
C LYS C 340 -14.00 -11.55 25.82
N LEU C 341 -13.94 -12.50 24.89
CA LEU C 341 -14.41 -13.86 25.16
C LEU C 341 -13.54 -14.56 26.19
N SER C 342 -12.22 -14.45 26.04
CA SER C 342 -11.30 -15.13 26.96
C SER C 342 -11.36 -14.58 28.37
N LYS C 343 -12.02 -13.44 28.60
CA LYS C 343 -12.21 -12.93 29.94
C LYS C 343 -13.22 -13.76 30.73
N SER C 344 -14.09 -14.50 30.06
CA SER C 344 -15.06 -15.36 30.71
C SER C 344 -14.52 -16.75 31.02
N TYR C 345 -13.23 -16.98 30.79
CA TYR C 345 -12.59 -18.27 31.04
C TYR C 345 -11.18 -18.04 31.54
N HIS C 346 -10.52 -19.13 31.91
CA HIS C 346 -9.14 -19.08 32.39
C HIS C 346 -8.12 -19.00 31.25
N THR C 347 -8.57 -19.08 29.99
CA THR C 347 -7.65 -19.07 28.86
C THR C 347 -6.87 -17.76 28.81
N LYS C 348 -5.56 -17.87 28.62
CA LYS C 348 -4.69 -16.70 28.47
C LYS C 348 -4.55 -16.39 26.98
N PHE C 349 -5.26 -15.37 26.52
CA PHE C 349 -5.21 -14.95 25.12
C PHE C 349 -3.95 -14.13 24.90
N ILE C 350 -2.99 -14.69 24.16
CA ILE C 350 -1.67 -14.10 24.00
C ILE C 350 -1.50 -13.63 22.56
N THR C 351 -1.25 -12.33 22.40
CA THR C 351 -0.82 -11.76 21.13
C THR C 351 0.69 -11.64 21.13
N THR C 352 1.30 -11.85 19.95
CA THR C 352 2.75 -11.91 19.88
C THR C 352 3.32 -10.95 18.85
N SER C 353 2.57 -10.68 17.79
CA SER C 353 3.27 -9.87 16.80
C SER C 353 2.95 -8.39 16.97
N PRO C 354 3.95 -7.52 16.82
CA PRO C 354 3.66 -6.07 16.87
C PRO C 354 2.80 -5.59 15.71
N LYS C 355 2.66 -6.38 14.66
CA LYS C 355 1.80 -6.00 13.55
C LYS C 355 0.32 -6.11 13.89
N ALA C 356 -0.03 -6.84 14.95
CA ALA C 356 -1.42 -7.07 15.33
C ALA C 356 -1.56 -7.03 16.85
N HIS C 357 -1.47 -5.82 17.41
CA HIS C 357 -1.80 -5.63 18.82
C HIS C 357 -3.30 -5.67 19.02
N ILE C 358 -3.74 -6.34 20.09
CA ILE C 358 -5.14 -6.42 20.46
C ILE C 358 -5.29 -5.94 21.90
N THR C 359 -6.23 -5.03 22.13
CA THR C 359 -6.42 -4.45 23.45
C THR C 359 -6.94 -5.49 24.43
N ASP C 360 -6.50 -5.37 25.68
CA ASP C 360 -6.91 -6.27 26.77
C ASP C 360 -6.46 -7.71 26.53
N SER C 361 -5.40 -7.88 25.74
CA SER C 361 -4.76 -9.17 25.56
C SER C 361 -3.39 -9.17 26.24
N ILE C 362 -2.75 -10.33 26.25
CA ILE C 362 -1.44 -10.50 26.86
C ILE C 362 -0.39 -10.45 25.75
N TYR C 363 0.34 -9.35 25.67
CA TYR C 363 1.34 -9.17 24.63
C TYR C 363 2.69 -9.72 25.09
N MET C 364 3.17 -10.75 24.40
CA MET C 364 4.49 -11.34 24.63
C MET C 364 5.21 -11.31 23.29
N GLU C 365 5.93 -10.22 23.04
CA GLU C 365 6.57 -10.01 21.75
C GLU C 365 7.47 -11.18 21.37
N PHE C 366 7.22 -11.75 20.19
CA PHE C 366 8.04 -12.83 19.67
C PHE C 366 9.39 -12.29 19.24
N ASP C 367 10.43 -12.64 19.99
CA ASP C 367 11.79 -12.15 19.72
C ASP C 367 12.37 -12.96 18.57
N GLU C 368 12.39 -12.35 17.37
CA GLU C 368 12.94 -13.03 16.20
C GLU C 368 14.45 -13.17 16.25
N GLU C 369 15.12 -12.50 17.20
CA GLU C 369 16.56 -12.67 17.38
C GLU C 369 16.90 -13.86 18.27
N ASN C 370 15.97 -14.27 19.14
CA ASN C 370 16.09 -15.50 19.92
C ASN C 370 14.81 -16.30 19.75
N PRO C 371 14.61 -16.90 18.58
CA PRO C 371 13.30 -17.53 18.29
C PRO C 371 12.95 -18.69 19.23
N LEU C 372 13.89 -19.62 19.44
CA LEU C 372 13.58 -20.78 20.27
C LEU C 372 13.41 -20.39 21.73
N ASP C 373 14.27 -19.51 22.24
CA ASP C 373 14.14 -19.06 23.63
C ASP C 373 12.82 -18.33 23.85
N SER C 374 12.44 -17.45 22.91
CA SER C 374 11.18 -16.72 23.07
C SER C 374 9.98 -17.64 23.01
N ALA C 375 10.03 -18.67 22.15
CA ALA C 375 8.93 -19.61 22.07
C ALA C 375 8.82 -20.43 23.34
N LYS C 376 9.94 -20.81 23.94
CA LYS C 376 9.92 -21.51 25.22
C LYS C 376 9.28 -20.66 26.30
N LYS C 377 9.65 -19.38 26.38
CA LYS C 377 9.09 -18.49 27.39
C LYS C 377 7.60 -18.32 27.23
N ILE C 378 7.13 -18.22 25.98
CA ILE C 378 5.69 -18.10 25.73
C ILE C 378 4.98 -19.41 26.04
N LEU C 379 5.57 -20.54 25.66
CA LEU C 379 4.95 -21.83 25.93
C LEU C 379 4.91 -22.14 27.42
N LYS C 380 5.92 -21.68 28.17
CA LYS C 380 5.90 -21.87 29.62
C LYS C 380 4.69 -21.18 30.25
N GLU C 381 4.39 -19.95 29.81
CA GLU C 381 3.23 -19.24 30.34
C GLU C 381 1.92 -19.93 29.97
N ALA C 382 1.91 -20.73 28.90
CA ALA C 382 0.71 -21.49 28.56
C ALA C 382 0.59 -22.75 29.39
N ILE C 383 1.73 -23.41 29.67
CA ILE C 383 1.72 -24.57 30.55
C ILE C 383 1.33 -24.15 31.96
N LEU C 384 1.86 -23.01 32.42
CA LEU C 384 1.51 -22.51 33.75
C LEU C 384 0.04 -22.12 33.85
N ASN C 385 -0.64 -21.93 32.72
CA ASN C 385 -2.06 -21.57 32.77
C ASN C 385 -2.97 -22.79 32.82
N PHE C 386 -2.45 -23.99 32.53
CA PHE C 386 -3.20 -25.20 32.82
C PHE C 386 -3.48 -25.33 34.31
N LYS C 387 -2.66 -24.68 35.13
CA LYS C 387 -2.84 -24.70 36.58
C LYS C 387 -4.21 -24.16 36.98
N ASN C 388 -4.71 -23.16 36.27
CA ASN C 388 -5.98 -22.50 36.57
C ASN C 388 -7.18 -23.18 35.94
N ARG C 389 -7.01 -24.41 35.44
CA ARG C 389 -8.09 -25.08 34.73
C ARG C 389 -9.21 -25.51 35.68
N ASP C 390 -10.45 -25.25 35.27
CA ASP C 390 -11.64 -25.72 35.98
C ASP C 390 -12.19 -26.91 35.19
N GLN C 391 -12.08 -28.10 35.77
CA GLN C 391 -12.44 -29.33 35.07
C GLN C 391 -13.93 -29.66 35.17
N SER C 392 -14.70 -28.89 35.92
CA SER C 392 -16.15 -29.10 35.96
C SER C 392 -16.85 -28.41 34.80
N LYS C 393 -16.27 -27.34 34.28
CA LYS C 393 -16.86 -26.57 33.19
C LYS C 393 -16.38 -27.02 31.82
N VAL C 394 -15.48 -28.01 31.76
CA VAL C 394 -14.91 -28.45 30.49
C VAL C 394 -15.89 -29.37 29.78
N MET C 395 -16.12 -29.10 28.49
CA MET C 395 -17.00 -29.92 27.66
C MET C 395 -16.37 -30.03 26.27
N ILE C 396 -15.71 -31.14 26.00
CA ILE C 396 -15.06 -31.39 24.72
C ILE C 396 -15.86 -32.46 23.99
N PRO C 397 -16.54 -32.13 22.90
CA PRO C 397 -17.29 -33.15 22.15
C PRO C 397 -16.35 -34.19 21.54
N GLU C 398 -16.70 -35.46 21.70
CA GLU C 398 -15.91 -36.58 21.22
C GLU C 398 -16.14 -36.78 19.71
N LEU C 399 -15.72 -35.78 18.93
CA LEU C 399 -15.94 -35.79 17.49
C LEU C 399 -14.67 -35.30 16.80
N LYS C 400 -13.99 -36.21 16.10
CA LYS C 400 -12.81 -35.87 15.31
C LYS C 400 -12.68 -36.87 14.17
N CYS C 401 -12.29 -36.37 13.00
CA CYS C 401 -12.16 -37.23 11.80
C CYS C 401 -10.72 -37.21 11.28
N LYS C 402 -10.21 -38.37 10.87
CA LYS C 402 -8.86 -38.50 10.33
C LYS C 402 -8.74 -37.77 9.00
N ALA C 403 -7.52 -37.33 8.70
CA ALA C 403 -7.25 -36.61 7.47
C ALA C 403 -5.81 -36.84 7.06
N ILE C 404 -5.57 -36.83 5.76
CA ILE C 404 -4.23 -36.95 5.18
C ILE C 404 -3.92 -35.67 4.43
N LEU C 405 -2.79 -35.06 4.75
CA LEU C 405 -2.37 -33.81 4.11
C LEU C 405 -0.88 -33.91 3.81
N GLY C 406 -0.28 -32.78 3.48
CA GLY C 406 1.12 -32.74 3.10
C GLY C 406 1.36 -32.90 1.62
N TYR C 407 0.38 -32.56 0.78
CA TYR C 407 0.48 -32.81 -0.66
C TYR C 407 1.02 -31.56 -1.36
N SER C 408 2.30 -31.31 -1.14
CA SER C 408 3.01 -30.28 -1.87
C SER C 408 3.19 -30.69 -3.33
N VAL C 409 3.57 -29.72 -4.16
CA VAL C 409 3.81 -30.01 -5.57
C VAL C 409 4.88 -31.09 -5.72
N GLU C 410 5.89 -31.07 -4.86
CA GLU C 410 6.93 -32.09 -4.91
C GLU C 410 6.40 -33.46 -4.55
N GLU C 411 5.53 -33.53 -3.52
CA GLU C 411 4.98 -34.82 -3.11
C GLU C 411 3.95 -35.33 -4.11
N ILE C 412 3.17 -34.43 -4.69
CA ILE C 412 2.22 -34.84 -5.73
C ILE C 412 2.95 -35.44 -6.92
N ILE C 413 4.08 -34.83 -7.30
CA ILE C 413 4.89 -35.38 -8.38
C ILE C 413 5.49 -36.72 -7.98
N ASN C 414 5.89 -36.86 -6.71
CA ASN C 414 6.43 -38.13 -6.24
C ASN C 414 5.37 -39.23 -6.28
N LYS C 415 4.14 -38.91 -5.87
CA LYS C 415 3.06 -39.89 -5.94
C LYS C 415 2.72 -40.26 -7.38
N LEU C 416 2.89 -39.33 -8.31
CA LEU C 416 2.57 -39.61 -9.72
C LEU C 416 3.59 -40.54 -10.36
N ASP C 417 4.76 -40.72 -9.74
CA ASP C 417 5.77 -41.62 -10.30
C ASP C 417 5.40 -43.08 -10.11
N LYS C 418 4.46 -43.37 -9.19
CA LYS C 418 4.02 -44.75 -9.01
C LYS C 418 3.39 -45.31 -10.27
N VAL C 419 2.72 -44.46 -11.06
CA VAL C 419 1.95 -44.91 -12.22
C VAL C 419 2.70 -44.67 -13.52
N VAL C 420 3.99 -44.34 -13.46
CA VAL C 420 4.82 -44.15 -14.65
C VAL C 420 5.53 -45.45 -14.95
N ASN C 421 5.48 -45.89 -16.20
CA ASN C 421 6.22 -47.06 -16.63
C ASN C 421 7.71 -46.74 -16.69
N THR C 422 8.54 -47.61 -16.09
CA THR C 422 9.97 -47.33 -15.96
C THR C 422 10.62 -47.11 -17.32
N GLN C 423 10.17 -47.81 -18.35
CA GLN C 423 10.81 -47.77 -19.65
C GLN C 423 10.23 -46.73 -20.59
N ILE C 424 9.07 -46.16 -20.27
CA ILE C 424 8.36 -45.29 -21.22
C ILE C 424 8.62 -43.82 -20.89
N GLY C 425 7.77 -43.24 -20.03
CA GLY C 425 7.80 -41.82 -19.81
C GLY C 425 8.94 -41.40 -18.89
N PRO C 426 9.08 -40.09 -18.72
CA PRO C 426 10.08 -39.55 -17.81
C PRO C 426 9.56 -39.43 -16.38
N MET C 427 10.48 -39.52 -15.43
CA MET C 427 10.15 -39.43 -14.03
C MET C 427 10.26 -37.98 -13.56
N GLN C 428 9.60 -37.70 -12.43
CA GLN C 428 9.65 -36.40 -11.76
C GLN C 428 9.05 -35.29 -12.64
N THR C 429 7.99 -35.62 -13.36
CA THR C 429 7.24 -34.67 -14.16
C THR C 429 5.76 -34.76 -13.80
N VAL C 430 4.98 -33.83 -14.32
CA VAL C 430 3.53 -33.79 -14.11
C VAL C 430 2.81 -34.46 -15.27
N LYS C 431 3.53 -35.32 -15.99
CA LYS C 431 2.94 -36.01 -17.13
C LYS C 431 1.76 -36.91 -16.77
N PRO C 432 1.80 -37.71 -15.69
CA PRO C 432 0.62 -38.54 -15.37
C PRO C 432 -0.66 -37.74 -15.19
N LEU C 433 -0.59 -36.56 -14.59
CA LEU C 433 -1.79 -35.74 -14.42
C LEU C 433 -2.26 -35.15 -15.75
N ALA C 434 -1.31 -34.76 -16.61
CA ALA C 434 -1.67 -34.24 -17.92
C ALA C 434 -2.32 -35.30 -18.79
N ASP C 435 -1.92 -36.57 -18.63
CA ASP C 435 -2.47 -37.63 -19.45
C ASP C 435 -3.94 -37.89 -19.13
N VAL C 436 -4.27 -38.08 -17.85
CA VAL C 436 -5.66 -38.35 -17.47
C VAL C 436 -6.56 -37.17 -17.79
N LEU C 437 -6.01 -35.96 -17.80
CA LEU C 437 -6.81 -34.79 -18.17
C LEU C 437 -7.04 -34.74 -19.68
N VAL C 438 -5.99 -34.94 -20.47
CA VAL C 438 -6.13 -34.95 -21.93
C VAL C 438 -7.02 -36.10 -22.37
N SER C 439 -6.80 -37.29 -21.79
CA SER C 439 -7.59 -38.46 -22.19
C SER C 439 -9.06 -38.27 -21.85
N GLY C 440 -9.36 -37.63 -20.73
CA GLY C 440 -10.73 -37.42 -20.29
C GLY C 440 -11.15 -38.23 -19.09
N VAL C 441 -10.27 -39.07 -18.54
CA VAL C 441 -10.60 -39.79 -17.31
C VAL C 441 -10.90 -38.81 -16.20
N LEU C 442 -10.04 -37.82 -16.00
CA LEU C 442 -10.33 -36.68 -15.14
C LEU C 442 -10.90 -35.56 -15.99
N ARG C 443 -12.13 -35.16 -15.70
CA ARG C 443 -12.75 -34.08 -16.47
C ARG C 443 -12.04 -32.76 -16.27
N GLY C 444 -11.52 -32.51 -15.08
CA GLY C 444 -10.80 -31.28 -14.81
C GLY C 444 -10.28 -31.28 -13.40
N ALA C 445 -9.68 -30.15 -13.03
CA ALA C 445 -9.12 -29.95 -11.70
C ALA C 445 -9.66 -28.64 -11.13
N ALA C 446 -10.18 -28.69 -9.90
CA ALA C 446 -10.77 -27.53 -9.25
C ALA C 446 -10.08 -27.28 -7.92
N ALA C 447 -9.91 -26.00 -7.58
CA ALA C 447 -9.31 -25.57 -6.33
C ALA C 447 -10.37 -24.90 -5.48
N VAL C 448 -10.73 -25.53 -4.37
CA VAL C 448 -11.74 -25.02 -3.45
C VAL C 448 -11.00 -24.39 -2.27
N VAL C 449 -10.96 -23.07 -2.23
CA VAL C 449 -10.34 -22.33 -1.13
C VAL C 449 -11.40 -21.38 -0.56
N GLY C 450 -11.01 -20.56 0.40
CA GLY C 450 -11.90 -19.53 0.91
C GLY C 450 -12.00 -19.56 2.42
N CYS C 451 -12.83 -18.67 2.94
CA CYS C 451 -13.01 -18.41 4.35
C CYS C 451 -14.28 -19.11 4.86
N ASN C 452 -14.78 -18.68 6.01
CA ASN C 452 -16.15 -18.88 6.42
C ASN C 452 -16.87 -17.54 6.45
N ASN C 453 -18.19 -17.58 6.35
CA ASN C 453 -18.96 -16.35 6.33
C ASN C 453 -20.31 -16.58 7.00
N PRO C 454 -20.73 -15.71 7.92
CA PRO C 454 -22.06 -15.87 8.53
C PRO C 454 -23.20 -15.83 7.52
N LYS C 455 -23.00 -15.19 6.36
CA LYS C 455 -24.04 -15.15 5.33
C LYS C 455 -24.31 -16.52 4.72
N VAL C 456 -23.44 -17.50 4.96
CA VAL C 456 -23.62 -18.86 4.46
C VAL C 456 -23.51 -19.81 5.65
N VAL C 457 -24.36 -20.84 5.67
CA VAL C 457 -24.24 -21.88 6.68
C VAL C 457 -22.82 -22.41 6.62
N GLN C 458 -22.05 -22.20 7.69
CA GLN C 458 -20.61 -22.41 7.64
C GLN C 458 -20.29 -23.87 7.31
N ASP C 459 -19.34 -24.05 6.39
CA ASP C 459 -18.87 -25.35 5.92
C ASP C 459 -19.87 -26.06 5.00
N SER C 460 -21.08 -25.53 4.89
CA SER C 460 -22.09 -26.16 4.04
C SER C 460 -21.76 -25.98 2.56
N ALA C 461 -21.41 -24.74 2.18
CA ALA C 461 -21.07 -24.48 0.78
C ALA C 461 -19.75 -25.12 0.39
N HIS C 462 -18.80 -25.23 1.32
CA HIS C 462 -17.54 -25.92 1.03
C HIS C 462 -17.79 -27.38 0.72
N ILE C 463 -18.54 -28.08 1.58
CA ILE C 463 -18.72 -29.52 1.43
C ILE C 463 -19.59 -29.84 0.23
N GLU C 464 -20.66 -29.07 0.02
CA GLU C 464 -21.54 -29.32 -1.12
C GLU C 464 -20.81 -29.08 -2.45
N THR C 465 -19.88 -28.13 -2.49
CA THR C 465 -19.12 -27.88 -3.71
C THR C 465 -18.10 -29.00 -3.96
N ILE C 466 -17.32 -29.34 -2.93
CA ILE C 466 -16.29 -30.37 -3.09
C ILE C 466 -16.92 -31.71 -3.46
N LYS C 467 -17.95 -32.12 -2.71
CA LYS C 467 -18.64 -33.36 -3.02
C LYS C 467 -19.21 -33.35 -4.43
N GLY C 468 -19.75 -32.21 -4.88
CA GLY C 468 -20.28 -32.13 -6.22
C GLY C 468 -19.20 -32.27 -7.28
N LEU C 469 -18.04 -31.64 -7.05
CA LEU C 469 -16.97 -31.68 -8.05
C LEU C 469 -16.37 -33.08 -8.16
N ILE C 470 -16.05 -33.71 -7.03
CA ILE C 470 -15.46 -35.04 -7.08
C ILE C 470 -16.44 -36.06 -7.62
N LYS C 471 -17.74 -35.82 -7.46
CA LYS C 471 -18.75 -36.70 -8.04
C LYS C 471 -18.74 -36.64 -9.56
N ASN C 472 -18.36 -35.49 -10.14
CA ASN C 472 -18.30 -35.32 -11.58
C ASN C 472 -16.92 -35.60 -12.16
N ASP C 473 -16.11 -36.43 -11.48
CA ASP C 473 -14.76 -36.77 -11.92
C ASP C 473 -13.90 -35.53 -12.09
N VAL C 474 -13.94 -34.65 -11.08
CA VAL C 474 -13.13 -33.44 -11.05
C VAL C 474 -12.32 -33.49 -9.76
N ILE C 475 -11.02 -33.75 -9.89
CA ILE C 475 -10.15 -33.78 -8.72
C ILE C 475 -10.13 -32.40 -8.07
N VAL C 476 -10.14 -32.39 -6.73
CA VAL C 476 -10.24 -31.16 -5.96
C VAL C 476 -8.99 -31.01 -5.09
N VAL C 477 -8.38 -29.83 -5.15
CA VAL C 477 -7.32 -29.43 -4.23
C VAL C 477 -7.84 -28.30 -3.37
N VAL C 478 -7.43 -28.29 -2.10
CA VAL C 478 -8.01 -27.39 -1.12
C VAL C 478 -6.91 -26.76 -0.28
N THR C 479 -7.11 -25.50 0.09
CA THR C 479 -6.23 -24.79 1.00
C THR C 479 -7.08 -23.98 1.98
N GLY C 480 -6.43 -23.50 3.04
CA GLY C 480 -7.09 -22.63 4.00
C GLY C 480 -8.19 -23.33 4.78
N CYS C 481 -9.22 -22.56 5.14
CA CYS C 481 -10.31 -23.11 5.94
C CYS C 481 -11.18 -24.07 5.13
N ALA C 482 -11.26 -23.87 3.81
CA ALA C 482 -11.98 -24.82 2.97
C ALA C 482 -11.34 -26.20 3.05
N ALA C 483 -10.01 -26.26 3.12
CA ALA C 483 -9.33 -27.53 3.30
C ALA C 483 -9.65 -28.14 4.66
N GLN C 484 -9.71 -27.31 5.70
CA GLN C 484 -10.00 -27.81 7.04
C GLN C 484 -11.46 -28.22 7.17
N ALA C 485 -12.36 -27.58 6.42
CA ALA C 485 -13.74 -28.05 6.37
C ALA C 485 -13.83 -29.46 5.79
N ALA C 486 -13.03 -29.74 4.76
CA ALA C 486 -13.01 -31.09 4.19
C ALA C 486 -12.40 -32.08 5.17
N ALA C 487 -11.37 -31.66 5.92
CA ALA C 487 -10.76 -32.54 6.91
C ALA C 487 -11.75 -32.91 8.01
N LYS C 488 -12.48 -31.92 8.52
CA LYS C 488 -13.47 -32.19 9.57
C LYS C 488 -14.54 -33.15 9.08
N TYR C 489 -15.07 -32.91 7.87
CA TYR C 489 -16.09 -33.79 7.32
C TYR C 489 -15.56 -35.19 7.06
N GLY C 490 -14.27 -35.32 6.79
CA GLY C 490 -13.67 -36.59 6.47
C GLY C 490 -13.45 -36.83 5.00
N LEU C 491 -13.20 -35.78 4.22
CA LEU C 491 -12.95 -35.92 2.79
C LEU C 491 -11.47 -36.13 2.48
N LEU C 492 -10.58 -35.71 3.37
CA LEU C 492 -9.14 -35.86 3.17
C LEU C 492 -8.64 -37.27 3.48
N GLN C 493 -9.44 -38.29 3.17
CA GLN C 493 -9.09 -39.68 3.42
C GLN C 493 -9.10 -40.45 2.10
N LYS C 494 -8.22 -41.45 2.01
CA LYS C 494 -8.23 -42.34 0.85
C LYS C 494 -9.53 -43.11 0.74
N GLU C 495 -10.23 -43.29 1.86
CA GLU C 495 -11.53 -43.96 1.84
C GLU C 495 -12.61 -43.11 1.19
N ALA C 496 -12.38 -41.80 1.04
CA ALA C 496 -13.37 -40.92 0.43
C ALA C 496 -13.49 -41.13 -1.07
N ALA C 497 -12.59 -41.93 -1.67
CA ALA C 497 -12.68 -42.20 -3.10
C ALA C 497 -13.90 -43.05 -3.43
N GLU C 498 -14.02 -44.21 -2.77
CA GLU C 498 -15.17 -45.07 -3.01
C GLU C 498 -16.46 -44.45 -2.50
N LYS C 499 -16.37 -43.56 -1.51
CA LYS C 499 -17.58 -42.98 -0.92
C LYS C 499 -18.21 -41.94 -1.85
N TYR C 500 -17.42 -40.94 -2.27
CA TYR C 500 -17.95 -39.75 -2.90
C TYR C 500 -17.47 -39.51 -4.33
N ALA C 501 -16.33 -40.06 -4.73
CA ALA C 501 -15.79 -39.74 -6.03
C ALA C 501 -16.50 -40.54 -7.13
N GLY C 502 -16.44 -39.99 -8.35
CA GLY C 502 -17.00 -40.68 -9.49
C GLY C 502 -16.11 -41.83 -9.92
N PRO C 503 -16.51 -42.48 -11.02
CA PRO C 503 -15.70 -43.63 -11.51
C PRO C 503 -14.30 -43.24 -11.93
N GLY C 504 -14.15 -42.19 -12.74
CA GLY C 504 -12.83 -41.78 -13.18
C GLY C 504 -11.92 -41.40 -12.03
N LEU C 505 -12.42 -40.55 -11.14
CA LEU C 505 -11.58 -40.08 -10.03
C LEU C 505 -11.26 -41.22 -9.06
N ALA C 506 -12.24 -42.08 -8.77
CA ALA C 506 -11.97 -43.21 -7.89
C ALA C 506 -10.92 -44.14 -8.47
N THR C 507 -10.93 -44.31 -9.80
CA THR C 507 -9.91 -45.15 -10.43
C THR C 507 -8.54 -44.50 -10.35
N VAL C 508 -8.46 -43.18 -10.54
CA VAL C 508 -7.20 -42.47 -10.39
C VAL C 508 -6.72 -42.53 -8.95
N CYS C 509 -7.66 -42.45 -7.99
CA CYS C 509 -7.28 -42.49 -6.58
C CYS C 509 -6.73 -43.86 -6.19
N LYS C 510 -7.28 -44.93 -6.77
CA LYS C 510 -6.78 -46.27 -6.47
C LYS C 510 -5.37 -46.46 -7.04
N LEU C 511 -5.14 -45.99 -8.26
CA LEU C 511 -3.84 -46.19 -8.91
C LEU C 511 -2.75 -45.37 -8.23
N VAL C 512 -3.04 -44.10 -7.93
CA VAL C 512 -2.03 -43.21 -7.34
C VAL C 512 -1.94 -43.37 -5.83
N ASP C 513 -2.95 -43.96 -5.20
CA ASP C 513 -3.01 -44.10 -3.74
C ASP C 513 -3.05 -42.74 -3.06
N ILE C 514 -4.10 -41.99 -3.37
CA ILE C 514 -4.32 -40.65 -2.83
C ILE C 514 -5.80 -40.44 -2.58
N PRO C 515 -6.15 -39.55 -1.66
CA PRO C 515 -7.57 -39.21 -1.47
C PRO C 515 -8.09 -38.39 -2.63
N PRO C 516 -9.41 -38.35 -2.82
CA PRO C 516 -9.96 -37.51 -3.91
C PRO C 516 -9.78 -36.03 -3.68
N VAL C 517 -9.57 -35.60 -2.43
CA VAL C 517 -9.37 -34.20 -2.09
C VAL C 517 -7.98 -34.06 -1.51
N LEU C 518 -7.14 -33.25 -2.17
CA LEU C 518 -5.73 -33.10 -1.80
C LEU C 518 -5.54 -31.78 -1.05
N HIS C 519 -5.22 -31.87 0.23
CA HIS C 519 -4.92 -30.69 1.04
C HIS C 519 -3.51 -30.22 0.71
N MET C 520 -3.39 -29.01 0.17
CA MET C 520 -2.11 -28.49 -0.30
C MET C 520 -1.54 -27.38 0.57
N GLY C 521 -2.14 -27.11 1.73
CA GLY C 521 -1.54 -26.24 2.72
C GLY C 521 -2.38 -24.99 2.98
N SER C 522 -1.69 -23.91 3.33
CA SER C 522 -2.32 -22.67 3.71
C SER C 522 -2.69 -21.85 2.46
N CYS C 523 -3.17 -20.61 2.66
CA CYS C 523 -3.56 -19.78 1.54
C CYS C 523 -2.37 -19.08 0.89
N VAL C 524 -1.25 -18.92 1.59
CA VAL C 524 -0.04 -18.51 0.92
C VAL C 524 0.50 -19.65 0.07
N ASP C 525 0.14 -20.89 0.42
CA ASP C 525 0.48 -22.06 -0.37
C ASP C 525 -0.39 -22.24 -1.60
N ILE C 526 -1.32 -21.31 -1.85
CA ILE C 526 -2.05 -21.32 -3.11
C ILE C 526 -1.10 -21.19 -4.29
N SER C 527 0.05 -20.56 -4.07
CA SER C 527 1.11 -20.52 -5.07
C SER C 527 1.50 -21.90 -5.56
N ARG C 528 1.39 -22.92 -4.69
CA ARG C 528 1.62 -24.29 -5.13
C ARG C 528 0.66 -24.68 -6.25
N ILE C 529 -0.59 -24.21 -6.17
CA ILE C 529 -1.57 -24.53 -7.22
C ILE C 529 -1.20 -23.84 -8.52
N LEU C 530 -0.75 -22.59 -8.45
CA LEU C 530 -0.24 -21.91 -9.64
C LEU C 530 1.00 -22.62 -10.16
N ASP C 531 1.90 -23.02 -9.26
CA ASP C 531 3.05 -23.84 -9.64
C ASP C 531 2.59 -25.11 -10.35
N LEU C 532 1.52 -25.74 -9.84
CA LEU C 532 1.05 -27.00 -10.42
C LEU C 532 0.42 -26.78 -11.79
N VAL C 533 -0.55 -25.87 -11.87
CA VAL C 533 -1.25 -25.62 -13.13
C VAL C 533 -0.28 -25.11 -14.19
N GLY C 534 0.71 -24.31 -13.78
CA GLY C 534 1.70 -23.83 -14.73
C GLY C 534 2.51 -24.94 -15.36
N ARG C 535 2.93 -25.92 -14.56
CA ARG C 535 3.69 -27.04 -15.08
C ARG C 535 2.88 -27.84 -16.10
N VAL C 536 1.57 -27.98 -15.85
CA VAL C 536 0.72 -28.71 -16.79
C VAL C 536 0.54 -27.91 -18.07
N ALA C 537 0.41 -26.59 -17.96
CA ALA C 537 0.30 -25.75 -19.14
C ALA C 537 1.58 -25.79 -19.97
N ASN C 538 2.73 -25.73 -19.31
CA ASN C 538 4.00 -25.79 -20.04
C ASN C 538 4.21 -27.17 -20.67
N LEU C 539 3.86 -28.24 -19.95
CA LEU C 539 4.09 -29.57 -20.48
C LEU C 539 3.23 -29.86 -21.71
N LEU C 540 2.09 -29.19 -21.84
CA LEU C 540 1.22 -29.35 -22.98
C LEU C 540 1.37 -28.20 -23.99
N GLY C 541 2.34 -27.33 -23.78
CA GLY C 541 2.62 -26.25 -24.73
C GLY C 541 1.48 -25.27 -24.92
N VAL C 542 0.62 -25.10 -23.92
CA VAL C 542 -0.51 -24.19 -24.00
C VAL C 542 -0.46 -23.23 -22.82
N ASP C 543 -1.38 -22.27 -22.84
CA ASP C 543 -1.54 -21.33 -21.74
C ASP C 543 -2.54 -21.88 -20.73
N MET C 544 -2.65 -21.19 -19.59
CA MET C 544 -3.52 -21.65 -18.52
C MET C 544 -4.99 -21.39 -18.79
N SER C 545 -5.32 -20.40 -19.64
CA SER C 545 -6.70 -20.16 -20.01
C SER C 545 -7.25 -21.24 -20.93
N ASP C 546 -6.43 -22.19 -21.36
CA ASP C 546 -6.88 -23.30 -22.20
C ASP C 546 -7.19 -24.56 -21.41
N LEU C 547 -6.64 -24.70 -20.20
CA LEU C 547 -6.80 -25.91 -19.41
C LEU C 547 -8.18 -25.95 -18.75
N PRO C 548 -8.73 -27.15 -18.54
CA PRO C 548 -10.01 -27.28 -17.81
C PRO C 548 -9.83 -27.14 -16.31
N VAL C 549 -9.52 -25.93 -15.87
CA VAL C 549 -9.26 -25.63 -14.48
C VAL C 549 -10.22 -24.55 -13.99
N ALA C 550 -10.53 -24.60 -12.70
CA ALA C 550 -11.44 -23.64 -12.09
C ALA C 550 -11.11 -23.48 -10.62
N GLY C 551 -11.38 -22.30 -10.10
CA GLY C 551 -11.20 -22.01 -8.67
C GLY C 551 -12.51 -21.62 -8.04
N VAL C 552 -12.73 -22.08 -6.81
CA VAL C 552 -13.97 -21.85 -6.09
C VAL C 552 -13.66 -21.24 -4.72
N ALA C 553 -14.45 -20.25 -4.33
CA ALA C 553 -14.38 -19.63 -3.01
C ALA C 553 -15.79 -19.60 -2.45
N PRO C 554 -16.28 -20.73 -1.92
CA PRO C 554 -17.70 -20.82 -1.56
C PRO C 554 -18.12 -19.88 -0.45
N GLU C 555 -17.26 -19.61 0.52
CA GLU C 555 -17.62 -18.82 1.69
C GLU C 555 -16.54 -17.80 2.00
N TRP C 556 -16.08 -17.07 0.98
CA TRP C 556 -15.00 -16.11 1.17
C TRP C 556 -15.47 -14.94 2.02
N MET C 557 -14.49 -14.19 2.53
CA MET C 557 -14.79 -13.09 3.44
C MET C 557 -13.70 -12.01 3.42
N SER C 558 -12.45 -12.43 3.53
CA SER C 558 -11.35 -11.49 3.71
C SER C 558 -11.02 -10.76 2.40
N GLU C 559 -10.37 -9.60 2.56
CA GLU C 559 -9.80 -8.90 1.42
C GLU C 559 -8.72 -9.73 0.75
N LYS C 560 -8.05 -10.60 1.53
CA LYS C 560 -7.08 -11.53 0.96
C LYS C 560 -7.72 -12.43 -0.08
N ALA C 561 -8.95 -12.88 0.16
CA ALA C 561 -9.66 -13.68 -0.82
C ALA C 561 -9.88 -12.90 -2.12
N VAL C 562 -10.20 -11.61 -2.00
CA VAL C 562 -10.40 -10.78 -3.19
C VAL C 562 -9.13 -10.74 -4.03
N ALA C 563 -7.98 -10.51 -3.37
CA ALA C 563 -6.72 -10.50 -4.09
C ALA C 563 -6.40 -11.90 -4.64
N ILE C 564 -6.72 -12.94 -3.87
CA ILE C 564 -6.49 -14.30 -4.33
C ILE C 564 -7.33 -14.61 -5.56
N GLY C 565 -8.65 -14.35 -5.47
CA GLY C 565 -9.51 -14.58 -6.61
C GLY C 565 -9.13 -13.78 -7.83
N THR C 566 -8.61 -12.56 -7.63
CA THR C 566 -8.26 -11.70 -8.75
C THR C 566 -7.07 -12.27 -9.51
N TYR C 567 -5.98 -12.60 -8.81
CA TYR C 567 -4.80 -13.11 -9.50
C TYR C 567 -5.02 -14.51 -10.07
N VAL C 568 -6.01 -15.24 -9.56
CA VAL C 568 -6.37 -16.51 -10.18
C VAL C 568 -7.05 -16.27 -11.51
N VAL C 569 -7.91 -15.25 -11.58
CA VAL C 569 -8.55 -14.90 -12.85
C VAL C 569 -7.53 -14.30 -13.81
N THR C 570 -6.69 -13.39 -13.31
CA THR C 570 -5.67 -12.78 -14.16
C THR C 570 -4.67 -13.82 -14.66
N SER C 571 -4.42 -14.87 -13.88
CA SER C 571 -3.58 -15.95 -14.36
C SER C 571 -4.23 -16.72 -15.51
N GLY C 572 -5.56 -16.73 -15.56
CA GLY C 572 -6.28 -17.37 -16.64
C GLY C 572 -7.14 -18.54 -16.20
N ILE C 573 -7.64 -18.47 -14.97
CA ILE C 573 -8.45 -19.55 -14.39
C ILE C 573 -9.77 -18.95 -13.94
N ASP C 574 -10.87 -19.52 -14.43
CA ASP C 574 -12.19 -19.06 -14.03
C ASP C 574 -12.39 -19.25 -12.54
N THR C 575 -13.02 -18.27 -11.89
CA THR C 575 -13.18 -18.27 -10.44
C THR C 575 -14.65 -18.08 -10.09
N TRP C 576 -15.18 -19.00 -9.29
CA TRP C 576 -16.55 -18.92 -8.79
C TRP C 576 -16.55 -18.38 -7.37
N LEU C 577 -17.50 -17.49 -7.09
CA LEU C 577 -17.65 -16.88 -5.78
C LEU C 577 -19.01 -17.26 -5.20
N GLY C 578 -19.00 -17.85 -4.01
CA GLY C 578 -20.23 -18.19 -3.32
C GLY C 578 -20.82 -17.07 -2.49
N VAL C 579 -20.04 -16.02 -2.24
CA VAL C 579 -20.51 -14.83 -1.53
C VAL C 579 -20.34 -13.64 -2.47
N ALA C 580 -21.40 -12.85 -2.62
CA ALA C 580 -21.39 -11.74 -3.56
C ALA C 580 -20.46 -10.62 -3.08
N PRO C 581 -19.47 -10.22 -3.87
CA PRO C 581 -18.64 -9.07 -3.50
C PRO C 581 -19.39 -7.78 -3.71
N PRO C 582 -19.00 -6.70 -3.00
CA PRO C 582 -19.73 -5.44 -3.15
C PRO C 582 -19.49 -4.77 -4.49
N VAL C 583 -20.13 -5.27 -5.54
CA VAL C 583 -19.94 -4.74 -6.88
C VAL C 583 -21.29 -4.61 -7.60
N THR C 584 -22.38 -5.00 -6.93
CA THR C 584 -23.68 -5.04 -7.58
C THR C 584 -24.19 -3.67 -7.97
N GLY C 585 -23.64 -2.60 -7.41
CA GLY C 585 -24.08 -1.26 -7.76
C GLY C 585 -23.46 -0.68 -9.00
N GLY C 586 -22.44 -1.33 -9.55
CA GLY C 586 -21.76 -0.84 -10.73
C GLY C 586 -21.94 -1.76 -11.93
N PRO C 587 -22.83 -1.38 -12.85
CA PRO C 587 -23.09 -2.23 -14.02
C PRO C 587 -21.86 -2.48 -14.87
N GLU C 588 -21.01 -1.46 -15.06
CA GLU C 588 -19.83 -1.64 -15.90
C GLU C 588 -18.79 -2.51 -15.20
N VAL C 589 -18.66 -2.37 -13.87
CA VAL C 589 -17.71 -3.21 -13.14
C VAL C 589 -18.12 -4.67 -13.20
N VAL C 590 -19.42 -4.94 -13.11
CA VAL C 590 -19.91 -6.32 -13.22
C VAL C 590 -19.62 -6.88 -14.61
N ASP C 591 -19.83 -6.06 -15.65
CA ASP C 591 -19.52 -6.49 -17.00
C ASP C 591 -18.04 -6.78 -17.18
N ILE C 592 -17.18 -6.01 -16.51
CA ILE C 592 -15.75 -6.24 -16.60
C ILE C 592 -15.37 -7.54 -15.90
N LEU C 593 -15.90 -7.76 -14.70
CA LEU C 593 -15.49 -8.90 -13.88
C LEU C 593 -16.10 -10.20 -14.38
N THR C 594 -17.28 -10.16 -14.99
CA THR C 594 -18.01 -11.36 -15.37
C THR C 594 -18.18 -11.55 -16.87
N ASN C 595 -17.57 -10.69 -17.69
CA ASN C 595 -17.69 -10.85 -19.14
C ASN C 595 -16.45 -10.38 -19.88
N LYS C 596 -16.13 -9.09 -19.75
CA LYS C 596 -15.00 -8.52 -20.50
C LYS C 596 -13.67 -9.12 -20.06
N MET C 597 -13.59 -9.64 -18.84
CA MET C 597 -12.36 -10.26 -18.37
C MET C 597 -11.96 -11.42 -19.28
N GLU C 598 -12.93 -12.19 -19.77
CA GLU C 598 -12.65 -13.31 -20.66
C GLU C 598 -11.84 -12.86 -21.87
N ASP C 599 -12.22 -11.73 -22.47
CA ASP C 599 -11.50 -11.19 -23.62
C ASP C 599 -10.13 -10.66 -23.25
N TRP C 600 -9.84 -10.48 -21.96
CA TRP C 600 -8.57 -9.90 -21.51
C TRP C 600 -7.56 -10.97 -21.10
N VAL C 601 -7.96 -11.94 -20.29
CA VAL C 601 -7.03 -12.90 -19.71
C VAL C 601 -7.53 -14.33 -19.89
N GLY C 602 -8.59 -14.51 -20.67
CA GLY C 602 -9.10 -15.84 -20.93
C GLY C 602 -9.84 -16.47 -19.78
N ALA C 603 -10.24 -15.67 -18.78
CA ALA C 603 -11.01 -16.17 -17.66
C ALA C 603 -11.83 -15.02 -17.11
N LYS C 604 -12.82 -15.36 -16.27
CA LYS C 604 -13.71 -14.36 -15.71
C LYS C 604 -14.25 -14.86 -14.38
N PHE C 605 -14.89 -13.94 -13.64
CA PHE C 605 -15.49 -14.25 -12.36
C PHE C 605 -16.91 -14.79 -12.56
N PHE C 606 -17.33 -15.64 -11.63
CA PHE C 606 -18.69 -16.15 -11.58
C PHE C 606 -19.22 -15.95 -10.17
N ILE C 607 -20.42 -15.39 -10.05
CA ILE C 607 -21.07 -15.16 -8.77
C ILE C 607 -22.29 -16.06 -8.70
N GLU C 608 -22.20 -17.11 -7.88
CA GLU C 608 -23.30 -18.04 -7.68
C GLU C 608 -23.32 -18.47 -6.23
N THR C 609 -24.40 -18.14 -5.52
CA THR C 609 -24.53 -18.50 -4.12
C THR C 609 -24.97 -19.94 -3.93
N ASP C 610 -25.64 -20.53 -4.92
CA ASP C 610 -26.07 -21.91 -4.82
C ASP C 610 -24.93 -22.84 -5.21
N PRO C 611 -24.42 -23.66 -4.29
CA PRO C 611 -23.29 -24.54 -4.65
C PRO C 611 -23.63 -25.56 -5.72
N HIS C 612 -24.84 -26.13 -5.69
CA HIS C 612 -25.23 -27.10 -6.71
C HIS C 612 -25.31 -26.45 -8.08
N LYS C 613 -25.72 -25.18 -8.15
CA LYS C 613 -25.71 -24.47 -9.42
C LYS C 613 -24.29 -24.15 -9.86
N ALA C 614 -23.40 -23.84 -8.91
CA ALA C 614 -22.02 -23.53 -9.25
C ALA C 614 -21.31 -24.74 -9.85
N VAL C 615 -21.53 -25.92 -9.27
CA VAL C 615 -20.90 -27.13 -9.79
C VAL C 615 -21.30 -27.37 -11.25
N GLU C 616 -22.58 -27.19 -11.56
CA GLU C 616 -23.04 -27.31 -12.94
C GLU C 616 -22.30 -26.34 -13.85
N GLN C 617 -22.13 -25.09 -13.41
CA GLN C 617 -21.43 -24.10 -14.23
C GLN C 617 -19.97 -24.48 -14.44
N ILE C 618 -19.33 -25.06 -13.41
CA ILE C 618 -17.94 -25.47 -13.53
C ILE C 618 -17.80 -26.59 -14.55
N VAL C 619 -18.68 -27.58 -14.50
CA VAL C 619 -18.60 -28.72 -15.42
C VAL C 619 -18.85 -28.26 -16.86
N ASN C 620 -19.83 -27.37 -17.05
CA ASN C 620 -20.12 -26.89 -18.40
C ASN C 620 -19.00 -26.02 -18.93
N ARG C 621 -18.42 -25.17 -18.08
CA ARG C 621 -17.30 -24.34 -18.51
C ARG C 621 -16.08 -25.18 -18.85
N MET C 622 -15.79 -26.21 -18.06
CA MET C 622 -14.65 -27.08 -18.33
C MET C 622 -14.83 -27.81 -19.65
N ASN C 623 -16.02 -28.39 -19.86
CA ASN C 623 -16.28 -29.09 -21.12
C ASN C 623 -16.11 -28.16 -22.32
N GLU C 624 -16.44 -26.87 -22.17
CA GLU C 624 -16.23 -25.91 -23.24
C GLU C 624 -14.74 -25.72 -23.52
N LYS C 625 -13.93 -25.57 -22.46
CA LYS C 625 -12.49 -25.41 -22.65
C LYS C 625 -11.86 -26.70 -23.14
N ARG C 626 -12.39 -27.86 -22.75
CA ARG C 626 -11.95 -29.12 -23.33
C ARG C 626 -12.32 -29.20 -24.80
N LYS C 627 -13.56 -28.81 -25.13
CA LYS C 627 -14.00 -28.76 -26.51
C LYS C 627 -13.14 -27.81 -27.34
N LYS C 628 -12.83 -26.64 -26.77
CA LYS C 628 -11.97 -25.68 -27.46
C LYS C 628 -10.57 -26.24 -27.69
N LEU C 629 -10.08 -27.08 -26.78
CA LEU C 629 -8.74 -27.64 -26.89
C LEU C 629 -8.69 -28.93 -27.69
N GLY C 630 -9.81 -29.62 -27.86
CA GLY C 630 -9.83 -30.87 -28.60
C GLY C 630 -9.49 -32.06 -27.74
N ILE C 631 -9.97 -32.04 -26.49
CA ILE C 631 -9.71 -33.13 -25.55
C ILE C 631 -11.00 -33.53 -24.85
N MET D 1 -8.85 -35.99 -31.88
CA MET D 1 -10.22 -36.22 -31.44
C MET D 1 -10.26 -36.64 -29.98
N ASN D 2 -11.33 -36.28 -29.28
CA ASN D 2 -11.49 -36.67 -27.89
C ASN D 2 -11.54 -38.18 -27.75
N LEU D 3 -10.80 -38.70 -26.77
CA LEU D 3 -10.66 -40.15 -26.60
C LEU D 3 -12.00 -40.83 -26.35
N PHE D 4 -12.83 -40.23 -25.49
CA PHE D 4 -14.14 -40.81 -25.19
C PHE D 4 -14.99 -40.91 -26.45
N GLN D 5 -14.94 -39.89 -27.31
CA GLN D 5 -15.67 -39.94 -28.57
C GLN D 5 -15.12 -41.03 -29.48
N THR D 6 -13.80 -41.25 -29.45
CA THR D 6 -13.20 -42.28 -30.28
C THR D 6 -13.67 -43.67 -29.87
N VAL D 7 -13.83 -43.91 -28.56
CA VAL D 7 -14.35 -45.18 -28.11
C VAL D 7 -15.83 -45.31 -28.47
N PHE D 8 -16.59 -44.23 -28.29
CA PHE D 8 -18.01 -44.22 -28.67
C PHE D 8 -18.17 -44.43 -30.17
N THR D 9 -17.22 -43.94 -30.97
CA THR D 9 -17.31 -44.06 -32.43
C THR D 9 -17.20 -45.51 -32.86
N GLY D 10 -16.13 -46.20 -32.44
CA GLY D 10 -15.97 -47.59 -32.81
C GLY D 10 -17.02 -48.51 -32.22
N SER D 11 -17.57 -48.15 -31.06
CA SER D 11 -18.66 -48.93 -30.49
C SER D 11 -19.92 -48.83 -31.33
N LYS D 12 -20.26 -47.61 -31.78
CA LYS D 12 -21.39 -47.45 -32.69
C LYS D 12 -21.10 -48.08 -34.05
N GLN D 13 -19.84 -48.06 -34.48
CA GLN D 13 -19.48 -48.77 -35.72
C GLN D 13 -19.61 -50.27 -35.55
N ALA D 14 -19.23 -50.80 -34.37
CA ALA D 14 -19.35 -52.23 -34.12
C ALA D 14 -20.81 -52.67 -34.09
N LEU D 15 -21.68 -51.84 -33.50
CA LEU D 15 -23.10 -52.15 -33.52
C LEU D 15 -23.64 -52.19 -34.94
N ALA D 16 -23.29 -51.18 -35.75
CA ALA D 16 -23.76 -51.13 -37.12
C ALA D 16 -23.28 -52.34 -37.92
N ALA D 17 -22.06 -52.80 -37.64
CA ALA D 17 -21.56 -54.00 -38.30
C ALA D 17 -22.24 -55.26 -37.76
N ALA D 18 -22.59 -55.27 -36.47
CA ALA D 18 -23.28 -56.43 -35.91
C ALA D 18 -24.70 -56.52 -36.45
N GLU D 19 -25.39 -55.38 -36.59
CA GLU D 19 -26.71 -55.39 -37.21
C GLU D 19 -26.66 -55.86 -38.65
N GLY D 20 -25.54 -55.63 -39.34
CA GLY D 20 -25.45 -56.01 -40.73
C GLY D 20 -25.27 -57.51 -40.92
N ILE D 21 -24.44 -58.15 -40.10
CA ILE D 21 -24.17 -59.56 -40.30
C ILE D 21 -25.25 -60.43 -39.65
N VAL D 22 -25.92 -59.92 -38.61
CA VAL D 22 -27.05 -60.65 -38.04
C VAL D 22 -28.28 -60.54 -38.95
N LYS D 23 -28.34 -59.50 -39.77
CA LYS D 23 -29.38 -59.41 -40.79
C LYS D 23 -29.18 -60.47 -41.87
N GLN D 24 -27.92 -60.78 -42.19
CA GLN D 24 -27.65 -61.91 -43.09
C GLN D 24 -28.09 -63.22 -42.47
N ALA D 25 -28.06 -63.33 -41.13
CA ALA D 25 -28.42 -64.57 -40.47
C ALA D 25 -29.92 -64.85 -40.57
N VAL D 26 -30.75 -63.82 -40.39
CA VAL D 26 -32.19 -64.04 -40.40
C VAL D 26 -32.72 -64.30 -41.81
N ASP D 27 -32.00 -63.88 -42.84
CA ASP D 27 -32.45 -64.09 -44.22
C ASP D 27 -32.03 -65.45 -44.75
N GLU D 28 -30.82 -65.91 -44.42
CA GLU D 28 -30.32 -67.18 -44.92
C GLU D 28 -30.70 -68.37 -44.04
N LYS D 29 -31.05 -68.14 -42.77
CA LYS D 29 -31.32 -69.23 -41.84
C LYS D 29 -32.60 -69.08 -41.03
N GLY D 30 -33.28 -67.95 -41.10
CA GLY D 30 -34.50 -67.76 -40.33
C GLY D 30 -34.20 -67.46 -38.88
N ARG D 31 -35.25 -67.02 -38.17
CA ARG D 31 -35.08 -66.63 -36.77
C ARG D 31 -34.87 -67.83 -35.84
N ASP D 32 -35.05 -69.05 -36.34
CA ASP D 32 -34.88 -70.27 -35.55
C ASP D 32 -33.81 -71.13 -36.20
N TYR D 33 -32.58 -71.02 -35.69
CA TYR D 33 -31.46 -71.79 -36.22
C TYR D 33 -30.39 -71.87 -35.14
N LYS D 34 -29.77 -73.03 -35.00
CA LYS D 34 -28.84 -73.26 -33.90
C LYS D 34 -27.64 -72.31 -33.98
N VAL D 35 -27.37 -71.63 -32.88
CA VAL D 35 -26.22 -70.73 -32.75
C VAL D 35 -25.39 -71.22 -31.57
N ALA D 36 -24.14 -71.60 -31.85
CA ALA D 36 -23.27 -72.10 -30.80
C ALA D 36 -21.83 -72.12 -31.31
N PHE D 37 -20.89 -72.19 -30.36
CA PHE D 37 -19.46 -72.32 -30.58
C PHE D 37 -19.01 -73.75 -30.29
N PRO D 38 -17.98 -74.24 -30.98
CA PRO D 38 -17.58 -75.64 -30.82
C PRO D 38 -17.03 -75.92 -29.43
N ASP D 39 -17.58 -76.96 -28.79
CA ASP D 39 -17.08 -77.46 -27.51
C ASP D 39 -17.04 -76.37 -26.45
N THR D 40 -18.17 -75.69 -26.26
CA THR D 40 -18.30 -74.68 -25.22
C THR D 40 -19.53 -75.01 -24.38
N ALA D 41 -19.37 -74.94 -23.06
CA ALA D 41 -20.45 -75.18 -22.12
C ALA D 41 -21.09 -73.90 -21.63
N TYR D 42 -20.72 -72.75 -22.20
CA TYR D 42 -21.21 -71.46 -21.74
C TYR D 42 -21.92 -70.67 -22.84
N SER D 43 -22.29 -71.34 -23.94
CA SER D 43 -22.98 -70.71 -25.06
C SER D 43 -22.17 -69.55 -25.61
N LEU D 44 -22.66 -68.32 -25.41
CA LEU D 44 -21.91 -67.13 -25.79
C LEU D 44 -21.18 -66.63 -24.54
N PRO D 45 -19.87 -66.86 -24.41
CA PRO D 45 -19.21 -66.61 -23.12
C PRO D 45 -19.26 -65.16 -22.65
N VAL D 46 -19.14 -64.20 -23.57
CA VAL D 46 -19.18 -62.80 -23.17
C VAL D 46 -20.59 -62.41 -22.74
N ILE D 47 -21.58 -62.75 -23.56
CA ILE D 47 -22.97 -62.43 -23.23
C ILE D 47 -23.45 -63.20 -22.02
N PHE D 48 -22.99 -64.45 -21.84
CA PHE D 48 -23.37 -65.23 -20.67
C PHE D 48 -22.85 -64.61 -19.38
N ALA D 49 -21.57 -64.22 -19.36
CA ALA D 49 -20.99 -63.66 -18.14
C ALA D 49 -21.67 -62.36 -17.72
N ALA D 50 -22.24 -61.63 -18.67
CA ALA D 50 -22.86 -60.35 -18.37
C ALA D 50 -24.32 -60.48 -17.93
N THR D 51 -25.08 -61.37 -18.57
CA THR D 51 -26.51 -61.48 -18.31
C THR D 51 -26.93 -62.81 -17.71
N GLY D 52 -26.05 -63.82 -17.69
CA GLY D 52 -26.42 -65.12 -17.17
C GLY D 52 -27.41 -65.90 -18.01
N LYS D 53 -27.66 -65.48 -19.24
CA LYS D 53 -28.57 -66.17 -20.14
C LYS D 53 -27.82 -66.70 -21.35
N LYS D 54 -28.18 -67.89 -21.79
CA LYS D 54 -27.55 -68.53 -22.94
C LYS D 54 -28.33 -68.22 -24.22
N ILE D 55 -27.60 -68.18 -25.33
CA ILE D 55 -28.18 -67.88 -26.63
C ILE D 55 -28.11 -69.13 -27.48
N THR D 56 -29.28 -69.59 -27.96
CA THR D 56 -29.39 -70.84 -28.70
C THR D 56 -29.73 -70.63 -30.17
N ASN D 57 -30.75 -69.84 -30.48
CA ASN D 57 -31.21 -69.66 -31.84
C ASN D 57 -30.88 -68.25 -32.34
N VAL D 58 -31.09 -68.05 -33.65
CA VAL D 58 -30.74 -66.78 -34.28
C VAL D 58 -31.63 -65.66 -33.74
N GLY D 59 -32.89 -65.97 -33.43
CA GLY D 59 -33.77 -64.95 -32.88
C GLY D 59 -33.29 -64.38 -31.57
N GLU D 60 -32.61 -65.20 -30.76
CA GLU D 60 -32.02 -64.71 -29.52
C GLU D 60 -30.75 -63.91 -29.79
N LEU D 61 -29.95 -64.34 -30.76
CA LEU D 61 -28.77 -63.58 -31.16
C LEU D 61 -29.16 -62.19 -31.66
N GLU D 62 -30.23 -62.11 -32.46
CA GLU D 62 -30.73 -60.81 -32.90
C GLU D 62 -31.25 -60.00 -31.72
N GLY D 63 -31.91 -60.66 -30.76
CA GLY D 63 -32.38 -59.99 -29.56
C GLY D 63 -31.30 -59.63 -28.58
N ALA D 64 -30.06 -60.09 -28.81
CA ALA D 64 -28.93 -59.72 -27.98
C ALA D 64 -28.25 -58.43 -28.43
N LEU D 65 -28.68 -57.86 -29.55
CA LEU D 65 -28.21 -56.52 -29.93
C LEU D 65 -28.64 -55.48 -28.91
N ASP D 66 -29.77 -55.70 -28.24
CA ASP D 66 -30.22 -54.78 -27.20
C ASP D 66 -29.23 -54.68 -26.05
N ILE D 67 -28.39 -55.70 -25.86
CA ILE D 67 -27.36 -55.62 -24.83
C ILE D 67 -26.29 -54.61 -25.24
N VAL D 68 -25.93 -54.59 -26.52
CA VAL D 68 -24.94 -53.64 -27.01
C VAL D 68 -25.47 -52.21 -26.88
N ARG D 69 -26.72 -52.00 -27.30
CA ARG D 69 -27.31 -50.66 -27.26
C ARG D 69 -27.44 -50.15 -25.82
N SER D 70 -27.66 -51.06 -24.87
CA SER D 70 -27.80 -50.63 -23.48
C SER D 70 -26.48 -50.21 -22.85
N LEU D 71 -25.35 -50.69 -23.40
CA LEU D 71 -24.04 -50.42 -22.84
C LEU D 71 -23.35 -49.21 -23.46
N ILE D 72 -24.05 -48.46 -24.31
CA ILE D 72 -23.40 -47.39 -25.08
C ILE D 72 -23.94 -46.02 -24.66
N VAL D 73 -24.00 -45.78 -23.35
CA VAL D 73 -24.36 -44.46 -22.84
C VAL D 73 -23.25 -43.47 -23.22
N GLU D 74 -23.63 -42.43 -23.95
CA GLU D 74 -22.64 -41.50 -24.52
C GLU D 74 -22.52 -40.26 -23.62
N GLU D 75 -21.96 -40.50 -22.44
CA GLU D 75 -21.57 -39.44 -21.51
C GLU D 75 -20.08 -39.59 -21.20
N GLU D 76 -19.37 -38.47 -21.19
CA GLU D 76 -17.92 -38.48 -21.00
C GLU D 76 -17.59 -38.70 -19.52
N MET D 77 -17.84 -39.93 -19.08
CA MET D 77 -17.46 -40.41 -17.76
C MET D 77 -16.85 -41.79 -17.92
N LEU D 78 -15.91 -42.11 -17.01
CA LEU D 78 -15.11 -43.33 -17.17
C LEU D 78 -15.99 -44.57 -17.21
N ASP D 79 -16.95 -44.67 -16.28
CA ASP D 79 -17.80 -45.85 -16.23
C ASP D 79 -18.62 -46.01 -17.50
N LYS D 80 -18.92 -44.90 -18.19
CA LYS D 80 -19.61 -44.99 -19.48
C LYS D 80 -18.67 -45.46 -20.57
N LEU D 81 -17.38 -45.16 -20.44
CA LEU D 81 -16.40 -45.58 -21.45
C LEU D 81 -16.08 -47.07 -21.32
N LEU D 82 -15.94 -47.57 -20.08
CA LEU D 82 -15.71 -49.00 -19.89
C LEU D 82 -16.91 -49.81 -20.35
N ASN D 83 -18.13 -49.30 -20.09
CA ASN D 83 -19.33 -49.97 -20.57
C ASN D 83 -19.40 -49.94 -22.10
N SER D 84 -19.01 -48.82 -22.71
CA SER D 84 -19.01 -48.73 -24.16
C SER D 84 -17.99 -49.68 -24.77
N GLY D 85 -16.85 -49.87 -24.10
CA GLY D 85 -15.88 -50.86 -24.56
C GLY D 85 -16.39 -52.28 -24.44
N LEU D 86 -17.18 -52.55 -23.39
CA LEU D 86 -17.82 -53.86 -23.27
C LEU D 86 -18.85 -54.08 -24.37
N ALA D 87 -19.57 -53.02 -24.75
CA ALA D 87 -20.53 -53.12 -25.84
C ALA D 87 -19.86 -53.58 -27.13
N THR D 88 -18.66 -53.08 -27.41
CA THR D 88 -17.93 -53.52 -28.60
C THR D 88 -17.56 -54.99 -28.49
N ALA D 89 -17.20 -55.45 -27.29
CA ALA D 89 -16.85 -56.86 -27.11
C ALA D 89 -18.06 -57.76 -27.31
N VAL D 90 -19.22 -57.34 -26.78
CA VAL D 90 -20.44 -58.12 -27.01
C VAL D 90 -20.79 -58.13 -28.50
N ALA D 91 -20.65 -56.98 -29.16
CA ALA D 91 -20.92 -56.92 -30.59
C ALA D 91 -19.90 -57.74 -31.39
N ALA D 92 -18.67 -57.83 -30.91
CA ALA D 92 -17.67 -58.65 -31.58
C ALA D 92 -18.02 -60.14 -31.48
N GLU D 93 -18.63 -60.56 -30.36
CA GLU D 93 -19.08 -61.95 -30.26
C GLU D 93 -20.30 -62.20 -31.13
N ILE D 94 -21.18 -61.21 -31.25
CA ILE D 94 -22.34 -61.34 -32.15
C ILE D 94 -21.88 -61.55 -33.58
N ILE D 95 -20.95 -60.71 -34.04
CA ILE D 95 -20.41 -60.86 -35.39
C ILE D 95 -19.69 -62.20 -35.53
N GLU D 96 -18.96 -62.61 -34.50
CA GLU D 96 -18.18 -63.84 -34.59
C GLU D 96 -19.08 -65.07 -34.50
N ALA D 97 -20.17 -64.98 -33.73
CA ALA D 97 -21.15 -66.07 -33.74
C ALA D 97 -21.84 -66.15 -35.09
N ALA D 98 -22.18 -65.00 -35.69
CA ALA D 98 -22.78 -64.99 -37.02
C ALA D 98 -21.84 -65.59 -38.06
N LYS D 99 -20.53 -65.40 -37.89
CA LYS D 99 -19.57 -66.04 -38.78
C LYS D 99 -19.71 -67.56 -38.75
N TYR D 100 -19.98 -68.13 -37.58
CA TYR D 100 -20.10 -69.57 -37.42
C TYR D 100 -21.47 -70.08 -37.83
N VAL D 101 -22.47 -69.21 -37.98
CA VAL D 101 -23.80 -69.64 -38.40
C VAL D 101 -23.97 -69.51 -39.90
N LEU D 102 -23.39 -68.47 -40.52
CA LEU D 102 -23.49 -68.33 -41.97
C LEU D 102 -22.62 -69.35 -42.69
N SER D 103 -21.53 -69.79 -42.07
CA SER D 103 -20.64 -70.79 -42.64
C SER D 103 -20.34 -71.86 -41.60
N ASP D 104 -20.39 -73.12 -42.02
CA ASP D 104 -20.08 -74.21 -41.11
C ASP D 104 -18.62 -74.23 -40.70
N ALA D 105 -17.73 -73.83 -41.61
CA ALA D 105 -16.30 -73.72 -41.33
C ALA D 105 -15.82 -72.36 -41.81
N PRO D 106 -16.12 -71.30 -41.05
CA PRO D 106 -15.75 -69.95 -41.50
C PRO D 106 -14.27 -69.64 -41.36
N TYR D 107 -13.60 -70.33 -40.45
CA TYR D 107 -12.17 -70.11 -40.18
C TYR D 107 -11.37 -71.30 -40.69
N ALA D 108 -10.44 -71.00 -41.60
CA ALA D 108 -9.48 -71.98 -42.12
C ALA D 108 -8.08 -71.60 -41.67
N GLU D 109 -7.24 -72.62 -41.46
CA GLU D 109 -5.85 -72.44 -41.07
C GLU D 109 -5.15 -71.47 -42.02
N PRO D 110 -4.14 -70.72 -41.56
CA PRO D 110 -3.50 -70.72 -40.24
C PRO D 110 -4.38 -70.20 -39.10
N CYS D 111 -5.51 -69.59 -39.45
CA CYS D 111 -6.40 -69.04 -38.44
C CYS D 111 -7.03 -70.15 -37.61
N VAL D 112 -6.87 -70.06 -36.29
CA VAL D 112 -7.45 -71.08 -35.40
C VAL D 112 -8.92 -70.81 -35.15
N GLY D 113 -9.30 -69.53 -34.99
CA GLY D 113 -10.66 -69.18 -34.69
C GLY D 113 -10.99 -69.32 -33.22
N PHE D 114 -12.15 -69.90 -32.92
CA PHE D 114 -12.59 -70.02 -31.53
C PHE D 114 -11.76 -71.07 -30.79
N ILE D 115 -11.63 -70.87 -29.48
CA ILE D 115 -10.85 -71.75 -28.61
C ILE D 115 -11.82 -72.57 -27.77
N SER D 116 -11.69 -73.89 -27.83
CA SER D 116 -12.62 -74.78 -27.16
C SER D 116 -12.40 -74.78 -25.64
N ASP D 117 -13.44 -75.21 -24.93
CA ASP D 117 -13.34 -75.29 -23.47
C ASP D 117 -12.26 -76.24 -22.97
N PRO D 118 -12.07 -77.44 -23.54
CA PRO D 118 -10.97 -78.29 -23.05
C PRO D 118 -9.60 -77.65 -23.18
N ILE D 119 -9.42 -76.78 -24.18
CA ILE D 119 -8.16 -76.07 -24.31
C ILE D 119 -8.01 -75.05 -23.17
N ILE D 120 -9.11 -74.47 -22.73
CA ILE D 120 -9.06 -73.51 -21.62
C ILE D 120 -8.58 -74.20 -20.35
N ARG D 121 -9.19 -75.35 -20.03
CA ARG D 121 -8.82 -76.09 -18.84
C ARG D 121 -7.39 -76.62 -18.94
N SER D 122 -7.01 -77.16 -20.09
CA SER D 122 -5.63 -77.60 -20.29
C SER D 122 -4.67 -76.45 -20.06
N LEU D 123 -4.96 -75.29 -20.64
CA LEU D 123 -4.15 -74.10 -20.46
C LEU D 123 -4.34 -73.47 -19.09
N GLY D 124 -5.34 -73.92 -18.33
CA GLY D 124 -5.65 -73.31 -17.05
C GLY D 124 -4.78 -73.73 -15.89
N VAL D 125 -4.41 -75.00 -15.82
CA VAL D 125 -3.60 -75.50 -14.71
C VAL D 125 -2.19 -74.91 -14.71
N PRO D 126 -1.53 -74.64 -15.85
CA PRO D 126 -0.24 -73.95 -15.77
C PRO D 126 -0.36 -72.47 -15.43
N LEU D 127 -1.51 -71.84 -15.71
CA LEU D 127 -1.66 -70.42 -15.41
C LEU D 127 -1.64 -70.15 -13.91
N VAL D 128 -2.23 -71.06 -13.12
CA VAL D 128 -2.25 -70.86 -11.68
C VAL D 128 -0.86 -71.06 -11.09
N THR D 129 -0.16 -72.10 -11.52
CA THR D 129 1.21 -72.34 -11.06
C THR D 129 2.19 -71.29 -11.54
N GLY D 130 1.79 -70.41 -12.46
CA GLY D 130 2.71 -69.45 -13.02
C GLY D 130 3.65 -70.01 -14.06
N ASP D 131 3.31 -71.16 -14.65
CA ASP D 131 4.14 -71.75 -15.69
C ASP D 131 4.22 -70.83 -16.91
N ILE D 132 3.09 -70.26 -17.31
CA ILE D 132 3.07 -69.21 -18.32
C ILE D 132 2.86 -67.87 -17.60
N PRO D 133 3.84 -66.98 -17.60
CA PRO D 133 3.73 -65.77 -16.78
C PRO D 133 2.61 -64.83 -17.20
N GLY D 134 2.19 -64.87 -18.45
CA GLY D 134 1.11 -64.01 -18.90
C GLY D 134 0.65 -64.39 -20.29
N VAL D 135 -0.27 -63.59 -20.83
CA VAL D 135 -0.69 -63.71 -22.21
C VAL D 135 -0.52 -62.36 -22.90
N ALA D 136 -0.15 -62.39 -24.18
CA ALA D 136 0.12 -61.19 -24.96
C ALA D 136 -0.80 -61.18 -26.17
N VAL D 137 -1.80 -60.31 -26.14
CA VAL D 137 -2.76 -60.20 -27.26
C VAL D 137 -2.23 -59.09 -28.17
N ILE D 138 -1.25 -59.44 -29.00
CA ILE D 138 -0.64 -58.50 -29.93
C ILE D 138 -1.43 -58.51 -31.23
N LEU D 139 -1.93 -57.34 -31.62
CA LEU D 139 -2.75 -57.20 -32.81
C LEU D 139 -2.28 -55.99 -33.62
N GLY D 140 -2.71 -55.95 -34.89
CA GLY D 140 -2.42 -54.83 -35.75
C GLY D 140 -1.44 -55.14 -36.87
N GLU D 141 -0.52 -54.22 -37.13
CA GLU D 141 0.47 -54.37 -38.18
C GLU D 141 1.78 -53.75 -37.75
N CYS D 142 2.85 -54.53 -37.81
CA CYS D 142 4.15 -53.94 -37.52
C CYS D 142 4.74 -53.30 -38.77
N PRO D 143 5.56 -52.26 -38.61
CA PRO D 143 6.19 -51.64 -39.78
C PRO D 143 7.19 -52.54 -40.49
N ASP D 144 7.67 -53.59 -39.83
CA ASP D 144 8.64 -54.49 -40.42
C ASP D 144 8.39 -55.91 -39.91
N SER D 145 8.51 -56.88 -40.81
CA SER D 145 8.32 -58.27 -40.42
C SER D 145 9.37 -58.72 -39.41
N GLU D 146 10.57 -58.16 -39.47
CA GLU D 146 11.62 -58.55 -38.55
C GLU D 146 11.33 -58.05 -37.14
N THR D 147 10.83 -56.82 -37.01
CA THR D 147 10.49 -56.29 -35.70
C THR D 147 9.26 -56.98 -35.11
N ALA D 148 8.40 -57.54 -35.96
CA ALA D 148 7.28 -58.34 -35.45
C ALA D 148 7.75 -59.67 -34.89
N ALA D 149 8.53 -60.41 -35.67
CA ALA D 149 9.04 -61.70 -35.21
C ALA D 149 9.97 -61.53 -34.01
N LYS D 150 10.78 -60.47 -34.01
CA LYS D 150 11.65 -60.19 -32.87
C LYS D 150 10.87 -60.11 -31.57
N ILE D 151 9.69 -59.50 -31.61
CA ILE D 151 8.89 -59.33 -30.40
C ILE D 151 8.16 -60.62 -30.05
N ILE D 152 7.54 -61.27 -31.05
CA ILE D 152 6.76 -62.47 -30.77
C ILE D 152 7.65 -63.61 -30.28
N LYS D 153 8.84 -63.75 -30.87
CA LYS D 153 9.77 -64.75 -30.38
C LYS D 153 10.35 -64.38 -29.02
N ASP D 154 10.35 -63.09 -28.67
CA ASP D 154 10.76 -62.69 -27.33
C ASP D 154 9.70 -63.10 -26.30
N TYR D 155 8.43 -62.83 -26.59
CA TYR D 155 7.36 -63.25 -25.69
C TYR D 155 7.33 -64.77 -25.53
N GLN D 156 7.49 -65.50 -26.64
CA GLN D 156 7.51 -66.95 -26.57
C GLN D 156 8.69 -67.45 -25.73
N SER D 157 9.86 -66.82 -25.89
CA SER D 157 11.03 -67.25 -25.13
C SER D 157 10.86 -67.00 -23.64
N LYS D 158 10.09 -65.98 -23.27
CA LYS D 158 9.80 -65.73 -21.86
C LYS D 158 8.91 -66.81 -21.25
N GLY D 159 8.38 -67.72 -22.07
CA GLY D 159 7.53 -68.79 -21.58
C GLY D 159 6.05 -68.49 -21.58
N LEU D 160 5.65 -67.25 -21.83
CA LEU D 160 4.26 -66.88 -21.78
C LEU D 160 3.59 -67.06 -23.15
N LEU D 161 2.26 -67.07 -23.14
CA LEU D 161 1.46 -67.26 -24.34
C LEU D 161 1.24 -65.94 -25.07
N THR D 162 1.33 -66.00 -26.39
CA THR D 162 1.04 -64.84 -27.24
C THR D 162 -0.04 -65.22 -28.25
N CYS D 163 -0.92 -64.25 -28.54
CA CYS D 163 -2.08 -64.47 -29.41
C CYS D 163 -2.10 -63.42 -30.50
N LEU D 164 -1.94 -63.85 -31.75
CA LEU D 164 -1.91 -62.95 -32.89
C LEU D 164 -3.29 -62.81 -33.51
N VAL D 165 -3.62 -61.59 -33.94
CA VAL D 165 -4.86 -61.32 -34.65
C VAL D 165 -4.70 -60.06 -35.50
N GLY D 166 -4.93 -60.20 -36.81
CA GLY D 166 -4.77 -59.11 -37.74
C GLY D 166 -3.68 -59.40 -38.77
N LYS D 167 -3.08 -58.33 -39.28
CA LYS D 167 -2.03 -58.46 -40.29
C LYS D 167 -0.74 -59.05 -39.71
N VAL D 168 -0.53 -58.93 -38.40
CA VAL D 168 0.69 -59.44 -37.77
C VAL D 168 0.83 -60.95 -37.95
N ILE D 169 -0.28 -61.65 -38.22
CA ILE D 169 -0.20 -63.08 -38.53
C ILE D 169 0.61 -63.30 -39.80
N ASP D 170 0.35 -62.50 -40.83
CA ASP D 170 1.12 -62.59 -42.07
C ASP D 170 2.57 -62.20 -41.84
N GLN D 171 2.82 -61.20 -41.01
CA GLN D 171 4.19 -60.80 -40.70
C GLN D 171 4.91 -61.84 -39.86
N ALA D 172 4.17 -62.66 -39.11
CA ALA D 172 4.79 -63.67 -38.26
C ALA D 172 5.25 -64.88 -39.06
N ILE D 173 4.41 -65.37 -39.98
CA ILE D 173 4.82 -66.50 -40.82
C ILE D 173 5.94 -66.09 -41.76
N GLU D 174 5.97 -64.83 -42.19
CA GLU D 174 7.13 -64.32 -42.91
C GLU D 174 8.36 -64.27 -42.01
N GLY D 175 8.16 -63.96 -40.73
CA GLY D 175 9.24 -63.90 -39.76
C GLY D 175 9.72 -65.24 -39.25
N LYS D 176 9.20 -66.34 -39.80
CA LYS D 176 9.67 -67.70 -39.50
C LYS D 176 9.45 -68.09 -38.05
N VAL D 177 8.40 -67.57 -37.43
CA VAL D 177 7.99 -68.03 -36.10
C VAL D 177 7.04 -69.19 -36.27
N LYS D 178 7.00 -70.08 -35.27
CA LYS D 178 6.19 -71.29 -35.32
C LYS D 178 5.05 -71.19 -34.32
N MET D 179 3.84 -71.50 -34.78
CA MET D 179 2.63 -71.40 -33.98
C MET D 179 2.26 -72.77 -33.40
N GLY D 180 1.17 -72.79 -32.65
CA GLY D 180 0.68 -74.01 -32.02
C GLY D 180 0.33 -73.78 -30.55
N LEU D 181 -0.57 -74.62 -30.02
CA LEU D 181 -0.92 -74.50 -28.61
C LEU D 181 0.25 -74.83 -27.71
N ASP D 182 0.99 -75.89 -28.03
CA ASP D 182 2.19 -76.23 -27.27
C ASP D 182 3.27 -75.16 -27.45
N LEU D 183 3.29 -74.50 -28.60
CA LEU D 183 4.23 -73.42 -28.86
C LEU D 183 3.81 -72.08 -28.23
N ARG D 184 2.61 -72.01 -27.66
CA ARG D 184 2.11 -70.80 -26.99
C ARG D 184 2.01 -69.63 -27.96
N VAL D 185 1.62 -69.90 -29.21
CA VAL D 185 1.39 -68.85 -30.21
C VAL D 185 0.13 -69.22 -30.98
N ILE D 186 -0.93 -68.44 -30.81
CA ILE D 186 -2.22 -68.77 -31.42
C ILE D 186 -2.66 -67.64 -32.34
N PRO D 187 -2.75 -67.88 -33.66
CA PRO D 187 -3.35 -66.88 -34.56
C PRO D 187 -4.85 -67.05 -34.65
N LEU D 188 -5.59 -65.97 -34.41
CA LEU D 188 -7.06 -66.06 -34.29
C LEU D 188 -7.75 -65.79 -35.62
N GLY D 189 -7.71 -64.54 -36.08
CA GLY D 189 -8.39 -64.17 -37.31
C GLY D 189 -7.79 -62.92 -37.90
N TYR D 190 -8.11 -62.68 -39.18
CA TYR D 190 -7.64 -61.46 -39.84
C TYR D 190 -8.55 -60.27 -39.54
N ASP D 191 -9.83 -60.52 -39.28
CA ASP D 191 -10.74 -59.45 -38.91
C ASP D 191 -10.47 -59.00 -37.48
N VAL D 192 -10.74 -57.72 -37.21
CA VAL D 192 -10.54 -57.17 -35.87
C VAL D 192 -11.42 -57.90 -34.86
N THR D 193 -12.63 -58.30 -35.28
CA THR D 193 -13.59 -58.91 -34.37
C THR D 193 -13.12 -60.24 -33.80
N SER D 194 -12.10 -60.86 -34.38
CA SER D 194 -11.63 -62.16 -33.90
C SER D 194 -10.80 -62.07 -32.63
N VAL D 195 -10.55 -60.86 -32.11
CA VAL D 195 -9.87 -60.72 -30.83
C VAL D 195 -10.77 -61.18 -29.68
N ILE D 196 -12.09 -61.24 -29.90
CA ILE D 196 -13.02 -61.64 -28.86
C ILE D 196 -12.77 -63.06 -28.37
N HIS D 197 -12.10 -63.89 -29.17
CA HIS D 197 -11.84 -65.27 -28.75
C HIS D 197 -10.76 -65.36 -27.68
N VAL D 198 -10.04 -64.27 -27.41
CA VAL D 198 -9.09 -64.23 -26.29
C VAL D 198 -9.77 -63.61 -25.09
N VAL D 199 -10.77 -62.75 -25.35
CA VAL D 199 -11.57 -62.21 -24.26
C VAL D 199 -12.36 -63.33 -23.58
N THR D 200 -12.89 -64.26 -24.37
CA THR D 200 -13.60 -65.40 -23.82
C THR D 200 -12.70 -66.32 -23.01
N ILE D 201 -11.38 -66.25 -23.21
CA ILE D 201 -10.47 -67.05 -22.40
C ILE D 201 -10.51 -66.60 -20.96
N ALA D 202 -10.37 -65.29 -20.73
CA ALA D 202 -10.34 -64.77 -19.36
C ALA D 202 -11.71 -64.85 -18.72
N ILE D 203 -12.77 -64.59 -19.48
CA ILE D 203 -14.13 -64.68 -18.95
C ILE D 203 -14.44 -66.11 -18.51
N ARG D 204 -14.17 -67.08 -19.37
CA ARG D 204 -14.36 -68.48 -19.01
C ARG D 204 -13.45 -68.88 -17.85
N ALA D 205 -12.28 -68.25 -17.73
CA ALA D 205 -11.42 -68.51 -16.58
C ALA D 205 -12.06 -68.05 -15.29
N ALA D 206 -12.89 -67.00 -15.34
CA ALA D 206 -13.63 -66.57 -14.16
C ALA D 206 -14.77 -67.52 -13.85
N LEU D 207 -15.41 -68.06 -14.89
CA LEU D 207 -16.52 -68.98 -14.67
C LEU D 207 -16.05 -70.36 -14.24
N ILE D 208 -14.98 -70.87 -14.87
CA ILE D 208 -14.48 -72.20 -14.52
C ILE D 208 -13.64 -72.13 -13.25
N PHE D 209 -12.53 -71.39 -13.31
CA PHE D 209 -11.56 -71.40 -12.22
C PHE D 209 -11.97 -70.47 -11.08
N GLY D 210 -12.68 -69.39 -11.39
CA GLY D 210 -13.15 -68.50 -10.35
C GLY D 210 -14.44 -68.91 -9.69
N GLY D 211 -15.13 -69.91 -10.25
CA GLY D 211 -16.39 -70.37 -9.70
C GLY D 211 -17.48 -69.32 -9.60
N ILE D 212 -17.34 -68.22 -10.34
CA ILE D 212 -18.32 -67.15 -10.30
C ILE D 212 -19.48 -67.51 -11.21
N LYS D 213 -20.70 -67.26 -10.74
CA LYS D 213 -21.89 -67.59 -11.51
C LYS D 213 -22.10 -66.55 -12.61
N GLY D 214 -22.73 -66.99 -13.70
CA GLY D 214 -23.04 -66.08 -14.79
C GLY D 214 -23.99 -64.98 -14.38
N GLY D 215 -23.67 -63.75 -14.76
CA GLY D 215 -24.46 -62.60 -14.41
C GLY D 215 -23.91 -61.76 -13.27
N GLN D 216 -22.76 -62.13 -12.73
CA GLN D 216 -22.10 -61.33 -11.69
C GLN D 216 -20.96 -60.54 -12.32
N LEU D 217 -21.37 -59.58 -13.16
CA LEU D 217 -20.42 -58.89 -14.04
C LEU D 217 -19.31 -58.20 -13.25
N ASN D 218 -19.68 -57.49 -12.18
CA ASN D 218 -18.67 -56.78 -11.38
C ASN D 218 -17.65 -57.73 -10.79
N ASP D 219 -18.07 -58.95 -10.41
CA ASP D 219 -17.14 -59.90 -9.84
C ASP D 219 -16.27 -60.56 -10.93
N ILE D 220 -16.85 -60.81 -12.10
CA ILE D 220 -16.05 -61.34 -13.22
C ILE D 220 -14.94 -60.37 -13.59
N LEU D 221 -15.25 -59.07 -13.65
CA LEU D 221 -14.23 -58.09 -13.98
C LEU D 221 -13.18 -57.99 -12.88
N LYS D 222 -13.54 -58.27 -11.63
CA LYS D 222 -12.56 -58.28 -10.55
C LYS D 222 -11.59 -59.43 -10.70
N TYR D 223 -12.12 -60.64 -10.95
CA TYR D 223 -11.26 -61.80 -11.22
C TYR D 223 -10.36 -61.53 -12.41
N THR D 224 -10.89 -60.89 -13.45
CA THR D 224 -10.13 -60.66 -14.67
C THR D 224 -8.98 -59.69 -14.44
N ALA D 225 -9.19 -58.66 -13.62
CA ALA D 225 -8.15 -57.67 -13.38
C ALA D 225 -7.07 -58.17 -12.43
N GLU D 226 -7.40 -59.08 -11.53
CA GLU D 226 -6.48 -59.55 -10.50
C GLU D 226 -5.78 -60.85 -10.86
N ARG D 227 -6.54 -61.87 -11.31
CA ARG D 227 -5.95 -63.19 -11.53
C ARG D 227 -5.26 -63.29 -12.88
N VAL D 228 -6.02 -63.31 -13.96
CA VAL D 228 -5.46 -63.54 -15.29
C VAL D 228 -4.62 -62.34 -15.70
N PRO D 229 -3.33 -62.53 -15.96
CA PRO D 229 -2.46 -61.40 -16.30
C PRO D 229 -2.31 -61.19 -17.80
N ALA D 230 -3.21 -60.41 -18.40
CA ALA D 230 -3.21 -60.17 -19.83
C ALA D 230 -2.79 -58.74 -20.14
N PHE D 231 -2.20 -58.56 -21.34
CA PHE D 231 -1.86 -57.26 -21.86
C PHE D 231 -1.92 -57.32 -23.38
N VAL D 232 -2.32 -56.20 -23.99
CA VAL D 232 -2.55 -56.12 -25.42
C VAL D 232 -1.54 -55.15 -26.02
N ASN D 233 -0.95 -55.54 -27.15
CA ASN D 233 0.03 -54.72 -27.87
C ASN D 233 -0.55 -54.37 -29.23
N ALA D 234 -0.94 -53.11 -29.41
CA ALA D 234 -1.53 -52.63 -30.65
C ALA D 234 -0.46 -51.95 -31.50
N PHE D 235 -0.30 -52.42 -32.73
CA PHE D 235 0.73 -51.90 -33.63
C PHE D 235 0.08 -51.35 -34.90
N GLY D 236 0.71 -50.31 -35.46
CA GLY D 236 0.24 -49.71 -36.68
C GLY D 236 -0.90 -48.74 -36.47
N PRO D 237 -1.46 -48.23 -37.57
CA PRO D 237 -2.56 -47.26 -37.44
C PRO D 237 -3.78 -47.88 -36.78
N LEU D 238 -4.45 -47.10 -35.94
CA LEU D 238 -5.56 -47.57 -35.13
C LEU D 238 -6.85 -46.91 -35.63
N SER D 239 -7.76 -47.74 -36.16
CA SER D 239 -9.07 -47.25 -36.55
C SER D 239 -9.91 -46.97 -35.30
N GLU D 240 -11.05 -46.31 -35.52
CA GLU D 240 -11.97 -46.06 -34.41
C GLU D 240 -12.49 -47.36 -33.81
N LEU D 241 -12.67 -48.40 -34.62
CA LEU D 241 -13.21 -49.66 -34.12
C LEU D 241 -12.25 -50.33 -33.16
N VAL D 242 -10.99 -50.53 -33.58
CA VAL D 242 -10.02 -51.23 -32.73
C VAL D 242 -9.76 -50.44 -31.46
N VAL D 243 -9.82 -49.10 -31.53
CA VAL D 243 -9.70 -48.28 -30.33
C VAL D 243 -10.84 -48.60 -29.37
N SER D 244 -12.06 -48.77 -29.91
CA SER D 244 -13.20 -49.12 -29.07
C SER D 244 -13.00 -50.47 -28.39
N ALA D 245 -12.40 -51.43 -29.09
CA ALA D 245 -12.12 -52.72 -28.48
C ALA D 245 -11.13 -52.60 -27.34
N GLY D 246 -10.18 -51.66 -27.43
CA GLY D 246 -9.21 -51.48 -26.37
C GLY D 246 -9.83 -51.10 -25.05
N ALA D 247 -10.91 -50.32 -25.08
CA ALA D 247 -11.62 -49.97 -23.87
C ALA D 247 -12.21 -51.20 -23.19
N GLY D 248 -12.58 -52.21 -23.98
CA GLY D 248 -13.04 -53.46 -23.40
C GLY D 248 -11.96 -54.16 -22.59
N ALA D 249 -10.72 -54.14 -23.09
CA ALA D 249 -9.61 -54.71 -22.35
C ALA D 249 -9.35 -53.96 -21.05
N ILE D 250 -9.61 -52.65 -21.04
CA ILE D 250 -9.49 -51.88 -19.80
C ILE D 250 -10.53 -52.36 -18.79
N ALA D 251 -11.76 -52.62 -19.26
CA ALA D 251 -12.80 -53.11 -18.37
C ALA D 251 -12.40 -54.41 -17.71
N LEU D 252 -11.72 -55.29 -18.45
CA LEU D 252 -11.20 -56.52 -17.88
C LEU D 252 -10.03 -56.26 -16.94
N GLY D 253 -9.39 -55.09 -17.05
CA GLY D 253 -8.24 -54.76 -16.23
C GLY D 253 -6.91 -54.85 -16.93
N PHE D 254 -6.89 -54.94 -18.26
CA PHE D 254 -5.67 -55.19 -19.03
C PHE D 254 -5.13 -53.90 -19.60
N PRO D 255 -3.86 -53.57 -19.36
CA PRO D 255 -3.27 -52.39 -19.98
C PRO D 255 -3.17 -52.56 -21.49
N VAL D 256 -3.07 -51.44 -22.19
CA VAL D 256 -3.03 -51.39 -23.65
C VAL D 256 -1.77 -50.66 -24.05
N LEU D 257 -0.74 -51.40 -24.43
CA LEU D 257 0.49 -50.81 -24.96
C LEU D 257 0.39 -50.67 -26.47
N THR D 258 0.86 -49.54 -26.99
CA THR D 258 0.80 -49.29 -28.43
C THR D 258 2.01 -48.48 -28.86
N ASP D 259 2.24 -48.46 -30.17
CA ASP D 259 3.27 -47.63 -30.78
C ASP D 259 2.72 -46.36 -31.41
N GLN D 260 1.39 -46.24 -31.53
CA GLN D 260 0.76 -45.06 -32.10
C GLN D 260 0.54 -44.01 -31.03
N VAL D 261 0.73 -42.74 -31.40
CA VAL D 261 0.45 -41.65 -30.47
C VAL D 261 -1.04 -41.64 -30.14
N VAL D 262 -1.35 -41.57 -28.85
CA VAL D 262 -2.73 -41.70 -28.38
C VAL D 262 -2.83 -41.04 -27.01
N PRO D 263 -3.98 -40.44 -26.64
CA PRO D 263 -4.11 -39.90 -25.28
C PRO D 263 -3.89 -40.96 -24.22
N GLU D 264 -2.70 -40.93 -23.61
CA GLU D 264 -2.30 -41.98 -22.69
C GLU D 264 -3.10 -41.93 -21.39
N VAL D 265 -3.25 -43.10 -20.77
CA VAL D 265 -3.81 -43.23 -19.44
C VAL D 265 -2.84 -44.10 -18.64
N PRO D 266 -2.31 -43.62 -17.52
CA PRO D 266 -1.26 -44.37 -16.82
C PRO D 266 -1.71 -45.78 -16.43
N THR D 267 -0.79 -46.73 -16.59
CA THR D 267 -0.96 -48.14 -16.24
C THR D 267 -2.08 -48.82 -17.02
N LEU D 268 -2.69 -48.14 -17.97
CA LEU D 268 -3.81 -48.69 -18.71
C LEU D 268 -3.68 -48.51 -20.22
N LEU D 269 -3.19 -47.35 -20.67
CA LEU D 269 -3.03 -47.08 -22.10
C LEU D 269 -1.77 -46.25 -22.28
N LEU D 270 -0.71 -46.86 -22.79
CA LEU D 270 0.60 -46.24 -22.88
C LEU D 270 1.12 -46.32 -24.31
N THR D 271 2.08 -45.44 -24.62
CA THR D 271 2.67 -45.34 -25.96
C THR D 271 4.18 -45.56 -25.83
N GLN D 272 4.66 -46.66 -26.40
CA GLN D 272 6.09 -46.98 -26.42
C GLN D 272 6.51 -47.17 -27.88
N LYS D 273 7.37 -46.27 -28.37
CA LYS D 273 7.83 -46.32 -29.75
C LYS D 273 9.07 -47.18 -29.94
N ASP D 274 9.82 -47.45 -28.88
CA ASP D 274 11.04 -48.25 -28.97
C ASP D 274 10.67 -49.72 -28.94
N TYR D 275 10.72 -50.37 -30.11
CA TYR D 275 10.32 -51.77 -30.21
C TYR D 275 11.29 -52.69 -29.47
N ASP D 276 12.55 -52.28 -29.33
CA ASP D 276 13.53 -53.14 -28.66
C ASP D 276 13.20 -53.33 -27.19
N LYS D 277 12.65 -52.31 -26.54
CA LYS D 277 12.28 -52.40 -25.13
C LYS D 277 10.78 -52.53 -24.93
N MET D 278 10.01 -52.76 -26.00
CA MET D 278 8.56 -52.87 -25.88
C MET D 278 8.15 -54.02 -24.98
N VAL D 279 8.85 -55.15 -25.08
CA VAL D 279 8.52 -56.31 -24.26
C VAL D 279 8.63 -55.97 -22.77
N LYS D 280 9.63 -55.18 -22.40
CA LYS D 280 9.84 -54.88 -20.98
C LYS D 280 8.75 -53.98 -20.42
N THR D 281 8.29 -53.00 -21.19
CA THR D 281 7.20 -52.14 -20.72
C THR D 281 5.93 -52.95 -20.52
N SER D 282 5.67 -53.91 -21.42
CA SER D 282 4.47 -54.73 -21.32
C SER D 282 4.53 -55.63 -20.09
N LEU D 283 5.70 -56.21 -19.81
CA LEU D 283 5.84 -57.08 -18.64
C LEU D 283 5.71 -56.30 -17.34
N GLU D 284 6.17 -55.05 -17.31
CA GLU D 284 6.06 -54.23 -16.11
C GLU D 284 4.63 -53.74 -15.91
N ALA D 285 4.00 -53.26 -16.98
CA ALA D 285 2.66 -52.68 -16.86
C ALA D 285 1.64 -53.68 -16.36
N ARG D 286 1.88 -54.98 -16.56
CA ARG D 286 1.00 -56.02 -16.07
C ARG D 286 1.56 -56.74 -14.85
N ASN D 287 2.71 -56.28 -14.32
CA ASN D 287 3.35 -56.89 -13.16
C ASN D 287 3.70 -58.35 -13.42
N ILE D 288 4.43 -58.58 -14.51
CA ILE D 288 4.83 -59.92 -14.92
C ILE D 288 6.30 -60.12 -14.54
N LYS D 289 6.55 -61.10 -13.68
CA LYS D 289 7.89 -61.44 -13.24
C LYS D 289 8.26 -62.83 -13.74
N ILE D 290 9.43 -62.96 -14.35
CA ILE D 290 9.87 -64.22 -14.93
C ILE D 290 10.31 -65.14 -13.79
N LYS D 291 9.84 -66.38 -13.82
CA LYS D 291 10.17 -67.36 -12.79
C LYS D 291 11.55 -67.96 -13.09
N ILE D 292 12.54 -67.58 -12.30
CA ILE D 292 13.89 -68.11 -12.50
C ILE D 292 13.96 -69.55 -12.03
N THR D 293 14.90 -70.31 -12.58
CA THR D 293 15.10 -71.72 -12.24
C THR D 293 16.47 -71.86 -11.60
N GLU D 294 16.48 -72.07 -10.28
CA GLU D 294 17.71 -72.24 -9.52
C GLU D 294 17.88 -73.70 -9.15
N ILE D 295 19.08 -74.22 -9.32
CA ILE D 295 19.37 -75.62 -8.97
C ILE D 295 19.22 -75.79 -7.46
N PRO D 296 18.68 -76.91 -7.00
CA PRO D 296 18.46 -77.08 -5.55
C PRO D 296 19.78 -77.16 -4.79
N ILE D 297 19.73 -76.71 -3.53
CA ILE D 297 20.92 -76.68 -2.68
C ILE D 297 20.59 -77.37 -1.36
N PRO D 298 21.14 -78.57 -1.11
CA PRO D 298 20.87 -79.26 0.16
C PRO D 298 21.96 -79.07 1.19
N VAL D 299 21.57 -78.87 2.44
CA VAL D 299 22.52 -78.76 3.56
C VAL D 299 21.98 -79.68 4.66
N SER D 300 22.44 -80.93 4.65
CA SER D 300 21.99 -81.91 5.63
C SER D 300 23.09 -82.23 6.63
#